data_7NEM
#
_entry.id   7NEM
#
_cell.length_a   99.402
_cell.length_b   100.252
_cell.length_c   168.536
_cell.angle_alpha   90.000
_cell.angle_beta   90.000
_cell.angle_gamma   90.000
#
_symmetry.space_group_name_H-M   'P 21 21 21'
#
loop_
_entity.id
_entity.type
_entity.pdbx_description
1 polymer 'Hydrogenase-2 small chain'
2 polymer 'Hydrogenase-2 large chain'
3 non-polymer 'IRON/SULFUR CLUSTER'
4 non-polymer 'FE3-S4 CLUSTER'
5 non-polymer 'CARBONMONOXIDE-(DICYANO) IRON'
6 non-polymer 'NICKEL (II) ION'
7 non-polymer 'MAGNESIUM ION'
8 non-polymer 'OXYGEN MOLECULE'
9 non-polymer 'CHLORIDE ION'
10 water water
#
loop_
_entity_poly.entity_id
_entity_poly.type
_entity_poly.pdbx_seq_one_letter_code
_entity_poly.pdbx_strand_id
1 'polypeptide(L)'
;MAESVTNPQRPPVIWIGAQECTGCTESLLRATHPTVENLVLETISLEYHEVLSAAFGHQVEENKHNALEKYKGQYVLVVD
GSIPLKDNGIYCMVAGEPIVDHIRKAAEGAAAIIAIGSCSAWGGVAAAGVNPTGAVSLQEVLPGKTVINIPGCPPNPHNF
LATVAHIITYGKPPKLDDKNRPTFAYGRLIHEHCERRPHFDAGRFAKEFGDEGHREGWCLYHLGCKGPETYGNCSTLQFC
DVGGVWPVAIGHPCYGCNEEGIGFHKGIHQLANVENQTPRSQKPDVNAKEGGHHHHHH
;
S,T
2 'polypeptide(L)'
;MSQRITIDPVTRIEGHLRIDCEIENGVVSKAWASGTMWRGMEEIVKNRDPRDAWMIVQRICGVCTTTHALSSVRAAESAL
NIDVPVNAQYIRNIILAAHTTHDHIVHFYQLSALDWVDITSALQADPTKASEMLKGVSTWHLNSPEEFTKVQNKIKDLVA
SGQLGIFANGYWGHPAMKLPPEVNLIAVAHYLQALECQRDANRVVALLGGKTPHIQNLAVGGVANPINLDGLGVLNLERL
MYIKSFIDKLSDFVEQVYKVDTAVIAAFYPEWLTRGKGAVNYLSVPEFPTDSKNGSFLFPGGYIENADLSSYRPITSHSD
EYLIKGIQESAKHSWYKDEAPQAPWEGTTIPAYDGWSDDGKYSWVKSPTFYGKTVEVGPLANMLVKLAAGRESTQNKLNE
IVAIYQKLTGNTLEVAQLHSTLGRIIGRTVHCCELQDILQNQYSALITNIGKGDHTTFVKPNIPATGEFKGVGFLEAPKG
MLSHWMVIKDGIISNYQAVVPSTWNSGPRNFNDDVGPYEQSLVGTPVADPNKPLEVVRTIHSFDPCMACAVHVVDADGNE
VVSVKVL
;
L,M
#
loop_
_chem_comp.id
_chem_comp.type
_chem_comp.name
_chem_comp.formula
CL non-polymer 'CHLORIDE ION' 'Cl -1'
F3S non-polymer 'FE3-S4 CLUSTER' 'Fe3 S4'
FCO non-polymer 'CARBONMONOXIDE-(DICYANO) IRON' 'C3 Fe N2 O'
MG non-polymer 'MAGNESIUM ION' 'Mg 2'
NI non-polymer 'NICKEL (II) ION' 'Ni 2'
OXY non-polymer 'OXYGEN MOLECULE' O2
SF4 non-polymer 'IRON/SULFUR CLUSTER' 'Fe4 S4'
#
# COMPACT_ATOMS: atom_id res chain seq x y z
N PRO A 8 -1.03 -1.12 -28.64
CA PRO A 8 -0.70 0.18 -29.24
C PRO A 8 0.76 0.59 -29.01
N GLN A 9 1.26 1.55 -29.78
CA GLN A 9 2.64 2.08 -29.60
C GLN A 9 2.68 2.92 -28.32
N ARG A 10 3.81 2.86 -27.62
CA ARG A 10 4.05 3.63 -26.38
C ARG A 10 5.02 4.76 -26.65
N PRO A 11 4.88 5.88 -25.91
CA PRO A 11 5.74 7.03 -26.11
C PRO A 11 7.19 6.73 -25.68
N PRO A 12 8.16 7.06 -26.54
CA PRO A 12 9.56 6.70 -26.28
C PRO A 12 10.23 7.66 -25.31
N VAL A 13 11.13 7.08 -24.50
CA VAL A 13 11.96 7.83 -23.51
C VAL A 13 13.40 7.37 -23.66
N ILE A 14 14.29 8.33 -23.65
CA ILE A 14 15.76 8.11 -23.60
C ILE A 14 16.27 8.73 -22.31
N TRP A 15 16.93 7.90 -21.49
CA TRP A 15 17.44 8.31 -20.18
C TRP A 15 18.97 8.20 -20.17
N ILE A 16 19.63 9.31 -19.90
CA ILE A 16 21.11 9.40 -19.85
C ILE A 16 21.53 9.85 -18.46
N GLY A 17 22.44 9.11 -17.83
CA GLY A 17 23.00 9.52 -16.55
C GLY A 17 24.37 10.11 -16.75
N ALA A 18 24.61 11.25 -16.14
CA ALA A 18 25.86 12.00 -16.25
C ALA A 18 26.68 11.77 -14.98
N GLN A 19 26.74 12.71 -14.06
CA GLN A 19 27.42 12.47 -12.75
C GLN A 19 26.33 12.09 -11.73
N GLU A 20 25.70 10.95 -11.96
CA GLU A 20 24.52 10.52 -11.16
C GLU A 20 24.97 9.53 -10.09
N CYS A 21 24.21 9.47 -8.99
CA CYS A 21 24.42 8.43 -7.98
C CYS A 21 23.48 7.26 -8.17
N THR A 22 22.54 7.36 -9.11
CA THR A 22 21.52 6.37 -9.50
C THR A 22 20.30 6.45 -8.55
N GLY A 23 20.33 7.28 -7.52
CA GLY A 23 19.17 7.43 -6.64
C GLY A 23 17.94 7.90 -7.38
N CYS A 24 18.07 8.68 -8.44
CA CYS A 24 16.91 9.20 -9.19
C CYS A 24 16.27 8.09 -10.01
N THR A 25 17.07 7.18 -10.58
CA THR A 25 16.51 5.95 -11.19
C THR A 25 15.86 5.09 -10.09
N GLU A 26 16.58 4.90 -8.99
CA GLU A 26 16.08 4.02 -7.92
C GLU A 26 14.75 4.52 -7.37
N SER A 27 14.47 5.83 -7.42
CA SER A 27 13.16 6.33 -6.96
C SER A 27 12.05 5.57 -7.70
N LEU A 28 12.26 5.22 -8.97
CA LEU A 28 11.21 4.54 -9.77
C LEU A 28 10.86 3.18 -9.17
N LEU A 29 11.78 2.56 -8.44
CA LEU A 29 11.54 1.23 -7.85
C LEU A 29 10.66 1.35 -6.60
N ARG A 30 10.40 2.55 -6.11
CA ARG A 30 9.44 2.74 -5.00
C ARG A 30 8.08 3.18 -5.55
N ALA A 31 7.99 3.59 -6.79
CA ALA A 31 6.75 4.15 -7.34
C ALA A 31 5.64 3.10 -7.36
N THR A 32 4.41 3.56 -7.26
CA THR A 32 3.22 2.68 -7.28
C THR A 32 2.23 3.09 -8.37
N HIS A 33 2.34 4.26 -8.97
CA HIS A 33 1.30 4.72 -9.92
C HIS A 33 1.90 5.57 -11.03
N PRO A 34 2.62 4.96 -11.99
CA PRO A 34 2.78 3.50 -12.11
C PRO A 34 3.98 2.90 -11.37
N THR A 35 3.86 1.62 -11.06
CA THR A 35 5.02 0.81 -10.70
C THR A 35 6.04 0.82 -11.85
N VAL A 36 7.30 0.55 -11.56
CA VAL A 36 8.31 0.57 -12.64
C VAL A 36 7.99 -0.49 -13.70
N GLU A 37 7.44 -1.66 -13.34
CA GLU A 37 7.17 -2.68 -14.37
C GLU A 37 6.06 -2.15 -15.26
N ASN A 38 5.02 -1.51 -14.70
CA ASN A 38 3.96 -0.96 -15.57
C ASN A 38 4.44 0.25 -16.33
N LEU A 39 5.36 1.04 -15.80
CA LEU A 39 5.96 2.17 -16.56
C LEU A 39 6.58 1.62 -17.86
N VAL A 40 7.39 0.59 -17.75
CA VAL A 40 8.24 0.19 -18.89
C VAL A 40 7.43 -0.74 -19.81
N LEU A 41 6.38 -1.43 -19.37
CA LEU A 41 5.63 -2.38 -20.24
C LEU A 41 4.39 -1.68 -20.78
N GLU A 42 3.84 -0.77 -20.01
CA GLU A 42 2.48 -0.16 -20.44
CA GLU A 42 2.56 -0.11 -20.44
C GLU A 42 2.49 1.43 -20.78
N THR A 43 3.20 2.14 -19.90
CA THR A 43 3.12 3.62 -20.01
C THR A 43 4.03 4.18 -21.10
N ILE A 44 5.29 3.79 -21.13
CA ILE A 44 6.32 4.30 -22.07
C ILE A 44 7.01 3.13 -22.75
N SER A 45 7.83 3.47 -23.71
CA SER A 45 8.87 2.59 -24.26
C SER A 45 10.20 3.22 -23.85
N LEU A 46 10.81 2.60 -22.86
CA LEU A 46 12.12 3.05 -22.33
C LEU A 46 13.16 2.54 -23.32
N GLU A 47 13.57 3.40 -24.24
CA GLU A 47 14.42 2.98 -25.37
C GLU A 47 15.88 2.94 -25.00
N TYR A 48 16.27 3.67 -23.97
CA TYR A 48 17.67 3.67 -23.50
C TYR A 48 17.66 3.95 -22.01
N HIS A 49 18.24 3.03 -21.24
CA HIS A 49 18.44 3.18 -19.78
C HIS A 49 19.49 2.15 -19.40
N GLU A 50 20.69 2.60 -19.07
CA GLU A 50 21.80 1.66 -18.87
C GLU A 50 21.63 0.85 -17.59
N VAL A 51 20.80 1.27 -16.65
CA VAL A 51 20.65 0.47 -15.42
C VAL A 51 19.88 -0.81 -15.73
N LEU A 52 18.93 -0.79 -16.67
CA LEU A 52 18.05 -1.98 -16.86
C LEU A 52 18.28 -2.69 -18.19
N SER A 53 19.05 -2.07 -19.09
CA SER A 53 19.24 -2.52 -20.49
C SER A 53 19.79 -3.95 -20.54
N ALA A 54 19.16 -4.88 -21.27
CA ALA A 54 19.74 -6.20 -21.55
C ALA A 54 21.05 -6.04 -22.33
N ALA A 55 21.03 -5.20 -23.35
CA ALA A 55 22.22 -4.99 -24.18
C ALA A 55 23.26 -4.20 -23.40
N PHE A 56 24.53 -4.39 -23.76
CA PHE A 56 25.67 -3.60 -23.23
C PHE A 56 26.55 -3.14 -24.39
N GLY A 57 27.51 -2.28 -24.09
CA GLY A 57 28.64 -1.98 -24.98
C GLY A 57 28.18 -1.54 -26.36
N HIS A 58 28.72 -2.16 -27.41
CA HIS A 58 28.40 -1.75 -28.79
C HIS A 58 26.93 -1.97 -29.08
N GLN A 59 26.31 -2.97 -28.47
CA GLN A 59 24.89 -3.28 -28.77
C GLN A 59 24.04 -2.15 -28.19
N VAL A 60 24.35 -1.62 -27.03
CA VAL A 60 23.49 -0.61 -26.41
C VAL A 60 23.76 0.72 -27.11
N GLU A 61 24.98 0.97 -27.60
CA GLU A 61 25.22 2.19 -28.41
C GLU A 61 24.45 2.11 -29.74
N GLU A 62 24.37 0.97 -30.38
CA GLU A 62 23.48 0.75 -31.58
C GLU A 62 22.03 1.12 -31.20
N ASN A 63 21.55 0.62 -30.07
CA ASN A 63 20.16 0.89 -29.61
C ASN A 63 19.95 2.39 -29.50
N LYS A 64 20.91 3.10 -28.92
CA LYS A 64 20.74 4.54 -28.74
C LYS A 64 20.60 5.19 -30.12
N HIS A 65 21.54 4.90 -31.00
CA HIS A 65 21.55 5.55 -32.34
C HIS A 65 20.26 5.18 -33.06
N ASN A 66 19.83 3.93 -33.02
CA ASN A 66 18.59 3.54 -33.73
C ASN A 66 17.39 4.30 -33.16
N ALA A 67 17.31 4.44 -31.83
CA ALA A 67 16.17 5.11 -31.17
C ALA A 67 16.19 6.60 -31.50
N LEU A 68 17.35 7.25 -31.47
CA LEU A 68 17.47 8.70 -31.77
C LEU A 68 16.95 8.97 -33.19
N GLU A 69 17.20 8.03 -34.10
CA GLU A 69 16.73 8.14 -35.51
C GLU A 69 15.24 7.82 -35.59
N LYS A 70 14.81 6.66 -35.15
CA LYS A 70 13.41 6.21 -35.28
C LYS A 70 12.46 7.22 -34.64
N TYR A 71 12.83 7.81 -33.51
CA TYR A 71 11.90 8.60 -32.69
C TYR A 71 12.29 10.06 -32.67
N LYS A 72 13.08 10.50 -33.63
CA LYS A 72 13.46 11.92 -33.74
C LYS A 72 12.20 12.79 -33.68
N GLY A 73 12.23 13.81 -32.82
CA GLY A 73 11.14 14.77 -32.56
C GLY A 73 10.08 14.22 -31.63
N GLN A 74 10.21 12.98 -31.14
CA GLN A 74 9.10 12.32 -30.40
C GLN A 74 9.47 11.98 -28.97
N TYR A 75 10.74 11.78 -28.63
CA TYR A 75 11.11 11.13 -27.34
C TYR A 75 11.23 12.21 -26.28
N VAL A 76 10.98 11.77 -25.06
CA VAL A 76 11.34 12.54 -23.85
C VAL A 76 12.79 12.16 -23.50
N LEU A 77 13.65 13.15 -23.40
CA LEU A 77 15.02 12.96 -22.88
C LEU A 77 15.01 13.27 -21.38
N VAL A 78 15.55 12.36 -20.58
CA VAL A 78 15.67 12.48 -19.12
C VAL A 78 17.12 12.38 -18.77
N VAL A 79 17.61 13.31 -17.96
CA VAL A 79 19.01 13.26 -17.46
C VAL A 79 19.01 13.35 -15.96
N ASP A 80 19.74 12.42 -15.33
CA ASP A 80 20.08 12.55 -13.89
C ASP A 80 21.59 12.79 -13.76
N GLY A 81 21.97 13.45 -12.69
CA GLY A 81 23.37 13.80 -12.45
C GLY A 81 23.73 15.12 -13.04
N SER A 82 24.77 15.74 -12.50
CA SER A 82 25.32 16.99 -13.05
C SER A 82 26.16 16.68 -14.28
N ILE A 83 26.50 17.73 -15.04
CA ILE A 83 27.36 17.59 -16.23
C ILE A 83 28.66 18.31 -16.00
N PRO A 84 29.82 17.63 -16.02
CA PRO A 84 31.07 18.27 -15.63
C PRO A 84 31.77 18.93 -16.84
N LEU A 85 31.99 20.24 -16.75
CA LEU A 85 32.60 20.94 -17.90
C LEU A 85 34.11 21.06 -17.75
N LYS A 86 34.66 20.91 -16.56
CA LYS A 86 36.10 21.16 -16.29
C LYS A 86 36.92 20.22 -17.16
N ASP A 87 38.06 20.72 -17.66
CA ASP A 87 39.02 19.90 -18.45
C ASP A 87 38.32 19.24 -19.64
N ASN A 88 37.49 19.97 -20.38
CA ASN A 88 36.93 19.55 -21.68
C ASN A 88 36.10 18.28 -21.54
N GLY A 89 35.40 18.12 -20.41
CA GLY A 89 34.35 17.09 -20.33
C GLY A 89 34.82 15.74 -19.77
N ILE A 90 36.10 15.54 -19.46
CA ILE A 90 36.66 14.18 -19.22
C ILE A 90 36.25 13.60 -17.87
N TYR A 91 35.55 14.32 -17.00
CA TYR A 91 35.17 13.72 -15.69
C TYR A 91 33.96 12.78 -15.84
N CYS A 92 33.38 12.64 -17.01
CA CYS A 92 32.40 11.57 -17.27
C CYS A 92 32.54 11.19 -18.74
N MET A 93 33.12 10.03 -19.01
CA MET A 93 33.39 9.57 -20.39
C MET A 93 32.64 8.27 -20.63
N VAL A 94 31.77 8.23 -21.63
CA VAL A 94 31.06 6.98 -21.95
C VAL A 94 31.35 6.66 -23.41
N ALA A 95 31.74 5.42 -23.68
CA ALA A 95 32.16 4.97 -25.02
C ALA A 95 33.22 5.93 -25.55
N GLY A 96 34.13 6.41 -24.70
CA GLY A 96 35.28 7.22 -25.12
C GLY A 96 34.91 8.66 -25.42
N GLU A 97 33.71 9.15 -25.05
CA GLU A 97 33.34 10.55 -25.37
C GLU A 97 32.76 11.22 -24.12
N PRO A 98 32.95 12.54 -23.98
CA PRO A 98 32.38 13.25 -22.85
C PRO A 98 30.85 13.14 -22.83
N ILE A 99 30.27 12.94 -21.64
CA ILE A 99 28.82 12.78 -21.54
C ILE A 99 28.12 14.06 -22.05
N VAL A 100 28.73 15.24 -21.92
CA VAL A 100 28.04 16.47 -22.42
C VAL A 100 27.77 16.31 -23.93
N ASP A 101 28.65 15.63 -24.68
CA ASP A 101 28.40 15.44 -26.14
C ASP A 101 27.24 14.48 -26.38
N HIS A 102 27.17 13.40 -25.61
CA HIS A 102 26.04 12.45 -25.73
C HIS A 102 24.72 13.21 -25.46
N ILE A 103 24.73 14.06 -24.43
CA ILE A 103 23.47 14.73 -24.01
C ILE A 103 23.09 15.78 -25.07
N ARG A 104 24.05 16.58 -25.55
CA ARG A 104 23.68 17.58 -26.60
C ARG A 104 23.18 16.86 -27.85
N LYS A 105 23.79 15.74 -28.25
CA LYS A 105 23.32 14.99 -29.44
C LYS A 105 21.87 14.57 -29.20
N ALA A 106 21.56 14.01 -28.02
CA ALA A 106 20.24 13.44 -27.75
C ALA A 106 19.26 14.62 -27.61
N ALA A 107 19.67 15.78 -27.11
CA ALA A 107 18.76 16.93 -26.94
C ALA A 107 18.25 17.40 -28.31
N GLU A 108 19.04 17.16 -29.37
CA GLU A 108 18.70 17.79 -30.69
C GLU A 108 17.34 17.31 -31.17
N GLY A 109 17.01 16.04 -30.96
CA GLY A 109 15.77 15.41 -31.43
C GLY A 109 14.69 15.27 -30.37
N ALA A 110 14.85 15.83 -29.17
CA ALA A 110 13.90 15.56 -28.06
C ALA A 110 12.63 16.39 -28.27
N ALA A 111 11.50 15.79 -27.97
CA ALA A 111 10.18 16.49 -27.88
C ALA A 111 10.07 17.24 -26.56
N ALA A 112 10.68 16.70 -25.50
CA ALA A 112 10.67 17.31 -24.15
C ALA A 112 11.94 16.83 -23.44
N ILE A 113 12.43 17.68 -22.55
CA ILE A 113 13.71 17.43 -21.86
C ILE A 113 13.47 17.66 -20.36
N ILE A 114 13.82 16.69 -19.54
CA ILE A 114 13.57 16.69 -18.07
C ILE A 114 14.90 16.46 -17.34
N ALA A 115 15.22 17.38 -16.44
CA ALA A 115 16.30 17.21 -15.46
C ALA A 115 15.65 16.61 -14.21
N ILE A 116 15.81 15.29 -14.01
CA ILE A 116 15.30 14.65 -12.77
C ILE A 116 16.40 14.74 -11.72
N GLY A 117 16.03 15.33 -10.58
CA GLY A 117 16.93 15.42 -9.42
C GLY A 117 17.65 16.74 -9.34
N SER A 118 18.03 17.13 -8.14
CA SER A 118 18.78 18.37 -7.87
C SER A 118 20.08 18.43 -8.68
N CYS A 119 20.77 17.31 -8.93
CA CYS A 119 22.07 17.39 -9.63
C CYS A 119 21.84 17.95 -11.05
N SER A 120 20.96 17.35 -11.82
CA SER A 120 20.70 17.85 -13.19
C SER A 120 19.92 19.17 -13.15
N ALA A 121 19.05 19.38 -12.15
CA ALA A 121 18.23 20.60 -12.11
C ALA A 121 19.09 21.83 -11.84
N TRP A 122 20.05 21.76 -10.94
CA TRP A 122 20.81 22.98 -10.55
C TRP A 122 22.26 22.68 -10.11
N GLY A 123 22.77 21.47 -10.36
CA GLY A 123 24.14 21.04 -10.04
C GLY A 123 24.17 20.17 -8.80
N GLY A 124 23.34 20.48 -7.81
CA GLY A 124 23.18 19.61 -6.64
C GLY A 124 24.47 19.36 -5.89
N VAL A 125 24.55 18.21 -5.23
CA VAL A 125 25.70 17.90 -4.35
C VAL A 125 27.00 17.87 -5.16
N ALA A 126 26.96 17.43 -6.40
CA ALA A 126 28.17 17.23 -7.22
C ALA A 126 28.80 18.57 -7.54
N ALA A 127 28.04 19.66 -7.52
CA ALA A 127 28.53 21.03 -7.82
C ALA A 127 28.79 21.82 -6.54
N ALA A 128 28.68 21.22 -5.35
CA ALA A 128 28.85 21.93 -4.08
C ALA A 128 30.32 22.13 -3.74
N GLY A 129 30.56 22.84 -2.63
CA GLY A 129 31.92 23.13 -2.16
C GLY A 129 32.76 23.81 -3.23
N VAL A 130 33.94 23.29 -3.34
CA VAL A 130 34.88 23.71 -4.37
C VAL A 130 34.48 23.25 -5.76
N ASN A 131 33.48 22.38 -5.91
CA ASN A 131 33.05 21.92 -7.26
C ASN A 131 34.21 21.36 -8.07
N PRO A 132 34.76 20.20 -7.62
CA PRO A 132 35.99 19.67 -8.23
C PRO A 132 35.94 19.49 -9.74
N THR A 133 34.79 19.17 -10.31
CA THR A 133 34.67 18.82 -11.74
C THR A 133 34.03 19.91 -12.60
N GLY A 134 33.74 21.10 -12.05
CA GLY A 134 33.01 22.13 -12.79
C GLY A 134 31.65 21.58 -13.24
N ALA A 135 30.98 20.86 -12.34
CA ALA A 135 29.63 20.32 -12.56
C ALA A 135 28.62 21.45 -12.68
N VAL A 136 27.78 21.34 -13.70
CA VAL A 136 26.66 22.28 -13.97
C VAL A 136 25.37 21.55 -14.22
N SER A 137 24.31 22.31 -14.32
CA SER A 137 22.95 21.80 -14.58
C SER A 137 22.73 21.43 -16.03
N LEU A 138 21.70 20.66 -16.29
CA LEU A 138 21.28 20.33 -17.66
C LEU A 138 20.90 21.62 -18.40
N GLN A 139 20.21 22.53 -17.75
CA GLN A 139 19.77 23.79 -18.42
C GLN A 139 21.02 24.55 -18.88
N GLU A 140 22.09 24.52 -18.07
CA GLU A 140 23.31 25.29 -18.40
C GLU A 140 23.93 24.69 -19.64
N VAL A 141 23.87 23.38 -19.88
CA VAL A 141 24.49 22.80 -21.08
C VAL A 141 23.59 22.93 -22.30
N LEU A 142 22.27 23.15 -22.13
CA LEU A 142 21.31 23.25 -23.25
C LEU A 142 20.65 24.64 -23.22
N PRO A 143 21.40 25.74 -23.39
CA PRO A 143 20.83 27.08 -23.19
C PRO A 143 19.67 27.43 -24.12
N GLY A 144 19.56 26.76 -25.27
CA GLY A 144 18.49 27.00 -26.26
C GLY A 144 17.23 26.19 -26.02
N LYS A 145 17.20 25.35 -25.00
CA LYS A 145 16.08 24.41 -24.75
C LYS A 145 15.40 24.78 -23.45
N THR A 146 14.12 24.48 -23.34
CA THR A 146 13.35 24.58 -22.09
C THR A 146 13.50 23.26 -21.34
N VAL A 147 14.30 23.27 -20.30
CA VAL A 147 14.50 22.05 -19.48
C VAL A 147 13.47 22.10 -18.34
N ILE A 148 12.67 21.05 -18.23
CA ILE A 148 11.75 20.87 -17.08
C ILE A 148 12.56 20.36 -15.89
N ASN A 149 12.56 21.08 -14.79
CA ASN A 149 13.37 20.74 -13.59
C ASN A 149 12.46 20.04 -12.57
N ILE A 150 12.91 18.89 -12.10
CA ILE A 150 12.17 18.10 -11.09
C ILE A 150 13.14 17.81 -9.97
N PRO A 151 13.39 18.82 -9.11
CA PRO A 151 14.45 18.68 -8.13
C PRO A 151 14.06 17.87 -6.90
N GLY A 152 15.05 17.67 -6.10
CA GLY A 152 15.00 16.74 -4.97
C GLY A 152 16.07 15.70 -5.10
N CYS A 153 16.38 15.03 -4.00
CA CYS A 153 17.61 14.23 -3.96
C CYS A 153 17.36 12.88 -3.33
N PRO A 154 16.59 11.99 -3.97
CA PRO A 154 15.87 12.26 -5.22
C PRO A 154 14.45 12.74 -4.95
N PRO A 155 13.79 13.31 -5.97
CA PRO A 155 12.38 13.67 -5.81
C PRO A 155 11.52 12.44 -5.52
N ASN A 156 10.33 12.64 -4.96
CA ASN A 156 9.29 11.60 -5.07
C ASN A 156 9.15 11.22 -6.53
N PRO A 157 9.19 9.92 -6.90
CA PRO A 157 9.21 9.53 -8.31
C PRO A 157 7.97 10.02 -9.05
N HIS A 158 6.85 10.18 -8.36
CA HIS A 158 5.60 10.61 -9.04
C HIS A 158 5.70 12.09 -9.42
N ASN A 159 6.62 12.88 -8.85
CA ASN A 159 6.81 14.25 -9.33
C ASN A 159 7.26 14.15 -10.79
N PHE A 160 8.11 13.19 -11.13
CA PHE A 160 8.53 12.86 -12.49
C PHE A 160 7.41 12.16 -13.23
N LEU A 161 6.85 11.09 -12.73
CA LEU A 161 5.92 10.25 -13.48
C LEU A 161 4.67 11.04 -13.86
N ALA A 162 4.15 11.89 -12.97
CA ALA A 162 2.94 12.68 -13.32
C ALA A 162 3.29 13.78 -14.32
N THR A 163 4.53 14.24 -14.36
CA THR A 163 4.97 15.21 -15.38
C THR A 163 4.96 14.52 -16.74
N VAL A 164 5.54 13.33 -16.84
CA VAL A 164 5.54 12.53 -18.07
C VAL A 164 4.09 12.21 -18.46
N ALA A 165 3.26 11.82 -17.53
CA ALA A 165 1.84 11.48 -17.81
C ALA A 165 1.13 12.71 -18.36
N HIS A 166 1.40 13.89 -17.88
CA HIS A 166 0.72 15.12 -18.36
C HIS A 166 1.10 15.30 -19.83
N ILE A 167 2.38 15.17 -20.15
CA ILE A 167 2.89 15.28 -21.54
C ILE A 167 2.14 14.24 -22.39
N ILE A 168 2.09 12.99 -21.96
CA ILE A 168 1.44 11.94 -22.76
C ILE A 168 -0.07 12.18 -22.91
N THR A 169 -0.75 12.41 -21.80
CA THR A 169 -2.22 12.40 -21.74
C THR A 169 -2.75 13.67 -22.40
N TYR A 170 -2.14 14.80 -22.11
CA TYR A 170 -2.73 16.11 -22.53
C TYR A 170 -1.86 16.81 -23.57
N GLY A 171 -0.78 16.20 -23.96
CA GLY A 171 0.06 16.66 -25.10
C GLY A 171 0.86 17.90 -24.81
N LYS A 172 1.06 18.28 -23.56
CA LYS A 172 1.90 19.44 -23.20
C LYS A 172 2.44 19.18 -21.80
N PRO A 173 3.48 19.91 -21.38
CA PRO A 173 3.93 19.85 -20.00
C PRO A 173 2.94 20.44 -19.04
N PRO A 174 3.07 20.04 -17.76
CA PRO A 174 2.28 20.62 -16.71
C PRO A 174 2.69 22.10 -16.57
N LYS A 175 1.88 22.88 -15.88
CA LYS A 175 2.25 24.30 -15.60
C LYS A 175 3.54 24.32 -14.77
N LEU A 176 4.44 25.26 -15.05
CA LEU A 176 5.75 25.39 -14.41
C LEU A 176 5.90 26.74 -13.72
N ASP A 177 6.72 26.79 -12.69
CA ASP A 177 7.09 28.06 -12.07
C ASP A 177 8.23 28.71 -12.86
N ASP A 178 8.80 29.76 -12.30
CA ASP A 178 9.83 30.52 -13.05
C ASP A 178 11.16 29.80 -13.00
N LYS A 179 11.30 28.67 -12.28
CA LYS A 179 12.50 27.79 -12.37
C LYS A 179 12.14 26.56 -13.23
N ASN A 180 11.06 26.61 -13.99
CA ASN A 180 10.62 25.49 -14.85
C ASN A 180 10.35 24.22 -14.02
N ARG A 181 9.88 24.38 -12.80
CA ARG A 181 9.48 23.25 -11.93
C ARG A 181 7.97 23.08 -12.00
N PRO A 182 7.42 21.85 -12.10
CA PRO A 182 5.96 21.69 -12.09
C PRO A 182 5.29 22.22 -10.82
N THR A 183 4.29 23.09 -10.97
CA THR A 183 3.61 23.72 -9.84
C THR A 183 2.91 22.70 -8.93
N PHE A 184 2.46 21.59 -9.47
CA PHE A 184 1.71 20.63 -8.62
C PHE A 184 2.64 20.10 -7.54
N ALA A 185 3.94 20.11 -7.79
CA ALA A 185 4.92 19.49 -6.89
C ALA A 185 5.80 20.52 -6.20
N TYR A 186 6.04 21.69 -6.81
CA TYR A 186 7.03 22.64 -6.30
C TYR A 186 6.44 24.03 -6.10
N GLY A 187 5.12 24.17 -6.16
CA GLY A 187 4.51 25.51 -6.21
C GLY A 187 4.45 26.22 -4.89
N ARG A 188 4.84 25.60 -3.77
CA ARG A 188 4.64 26.19 -2.43
C ARG A 188 5.84 25.83 -1.55
N LEU A 189 6.22 26.72 -0.64
CA LEU A 189 7.21 26.41 0.40
C LEU A 189 6.72 25.28 1.26
N ILE A 190 7.61 24.38 1.68
CA ILE A 190 7.22 23.30 2.60
C ILE A 190 6.62 23.90 3.87
N HIS A 191 7.23 24.96 4.39
CA HIS A 191 6.75 25.62 5.64
C HIS A 191 5.37 26.25 5.46
N GLU A 192 4.97 26.58 4.25
CA GLU A 192 3.63 27.14 4.01
C GLU A 192 2.60 26.02 3.78
N HIS A 193 3.00 24.76 4.04
CA HIS A 193 2.01 23.64 4.02
C HIS A 193 2.50 22.53 4.94
N CYS A 194 3.02 22.86 6.09
CA CYS A 194 3.66 21.91 7.03
C CYS A 194 2.74 21.72 8.24
N GLU A 195 2.47 20.47 8.61
CA GLU A 195 1.57 20.15 9.73
C GLU A 195 2.18 20.51 11.08
N ARG A 196 3.46 20.90 11.15
CA ARG A 196 4.04 21.34 12.44
C ARG A 196 3.98 22.85 12.53
N ARG A 197 3.39 23.54 11.56
CA ARG A 197 3.32 25.03 11.67
C ARG A 197 2.62 25.44 12.96
N PRO A 198 1.55 24.79 13.48
CA PRO A 198 1.01 25.26 14.75
C PRO A 198 2.06 25.34 15.87
N HIS A 199 2.97 24.35 15.91
CA HIS A 199 4.01 24.29 16.94
C HIS A 199 4.96 25.47 16.72
N PHE A 200 5.38 25.73 15.49
CA PHE A 200 6.20 26.91 15.17
C PHE A 200 5.50 28.15 15.72
N ASP A 201 4.20 28.29 15.41
CA ASP A 201 3.47 29.51 15.78
C ASP A 201 3.45 29.68 17.29
N ALA A 202 3.31 28.61 18.03
CA ALA A 202 3.21 28.60 19.51
C ALA A 202 4.59 28.68 20.18
N GLY A 203 5.69 28.59 19.45
CA GLY A 203 7.04 28.51 20.05
C GLY A 203 7.32 27.17 20.68
N ARG A 204 6.66 26.12 20.19
CA ARG A 204 6.88 24.73 20.64
C ARG A 204 7.90 24.07 19.72
N PHE A 205 9.14 23.96 20.21
CA PHE A 205 10.32 23.58 19.40
C PHE A 205 11.05 22.43 20.06
N ALA A 206 11.43 21.44 19.26
CA ALA A 206 12.51 20.49 19.60
C ALA A 206 13.82 21.29 19.68
N LYS A 207 14.60 21.06 20.73
CA LYS A 207 15.94 21.69 20.84
C LYS A 207 17.04 20.70 20.49
N GLU A 208 16.83 19.42 20.80
CA GLU A 208 17.75 18.32 20.38
CA GLU A 208 17.75 18.31 20.45
C GLU A 208 16.90 17.09 20.09
N PHE A 209 17.41 16.22 19.24
CA PHE A 209 16.76 14.94 19.03
C PHE A 209 16.62 14.22 20.38
N GLY A 210 15.47 13.59 20.61
CA GLY A 210 15.23 12.81 21.83
C GLY A 210 14.75 13.62 23.02
N ASP A 211 14.64 14.94 22.87
CA ASP A 211 14.13 15.77 23.99
C ASP A 211 12.61 15.71 24.03
N GLU A 212 12.01 16.35 25.05
CA GLU A 212 10.57 16.12 25.28
C GLU A 212 9.76 16.67 24.11
N GLY A 213 10.09 17.84 23.63
CA GLY A 213 9.40 18.48 22.49
C GLY A 213 9.52 17.63 21.24
N HIS A 214 10.72 17.15 20.98
CA HIS A 214 10.96 16.23 19.84
C HIS A 214 10.05 15.02 19.95
N ARG A 215 9.94 14.44 21.14
CA ARG A 215 9.16 13.21 21.38
C ARG A 215 7.65 13.49 21.44
N GLU A 216 7.25 14.74 21.25
CA GLU A 216 5.84 15.13 21.07
C GLU A 216 5.56 15.61 19.65
N GLY A 217 6.54 15.55 18.77
CA GLY A 217 6.30 15.94 17.37
C GLY A 217 6.22 17.44 17.16
N TRP A 218 6.98 18.21 17.93
CA TRP A 218 6.99 19.68 17.79
C TRP A 218 7.80 20.13 16.59
N CYS A 219 7.78 21.42 16.33
CA CYS A 219 8.43 21.99 15.13
C CYS A 219 9.95 21.80 15.23
N LEU A 220 10.59 21.54 14.09
CA LEU A 220 12.03 21.25 14.00
C LEU A 220 12.85 22.48 13.56
N TYR A 221 12.27 23.68 13.59
CA TYR A 221 12.97 24.90 13.11
C TYR A 221 14.34 25.04 13.80
N HIS A 222 14.37 24.88 15.11
CA HIS A 222 15.63 25.11 15.86
C HIS A 222 16.57 23.93 15.75
N LEU A 223 16.19 22.87 15.04
CA LEU A 223 17.16 21.83 14.66
C LEU A 223 17.75 22.13 13.27
N GLY A 224 17.37 23.18 12.60
CA GLY A 224 17.87 23.53 11.27
C GLY A 224 16.89 23.27 10.14
N CYS A 225 15.60 23.09 10.43
CA CYS A 225 14.63 22.81 9.34
C CYS A 225 14.70 23.89 8.26
N LYS A 226 14.83 23.48 7.00
CA LYS A 226 14.91 24.39 5.85
C LYS A 226 13.57 24.53 5.15
N GLY A 227 12.50 23.99 5.75
CA GLY A 227 11.15 24.13 5.16
C GLY A 227 10.82 25.61 4.82
N PRO A 228 11.24 26.60 5.66
CA PRO A 228 10.90 27.98 5.35
C PRO A 228 11.48 28.53 4.06
N GLU A 229 12.46 27.84 3.48
CA GLU A 229 13.19 28.35 2.28
C GLU A 229 13.33 27.29 1.19
N THR A 230 12.49 26.24 1.25
CA THR A 230 12.51 25.13 0.26
C THR A 230 11.12 24.95 -0.35
N TYR A 231 11.04 25.00 -1.67
CA TYR A 231 9.79 24.68 -2.40
C TYR A 231 9.71 23.17 -2.59
N GLY A 232 8.52 22.61 -2.42
CA GLY A 232 8.38 21.16 -2.57
C GLY A 232 7.03 20.68 -2.09
N ASN A 233 6.81 19.39 -2.19
CA ASN A 233 5.55 18.73 -1.79
C ASN A 233 5.84 17.66 -0.74
N CYS A 234 6.94 17.78 -0.03
CA CYS A 234 7.36 16.70 0.86
C CYS A 234 6.38 16.54 2.03
N SER A 235 5.71 17.60 2.46
CA SER A 235 4.78 17.48 3.60
C SER A 235 3.42 16.94 3.18
N THR A 236 3.07 16.98 1.90
CA THR A 236 1.71 16.61 1.44
C THR A 236 1.82 15.30 0.69
N LEU A 237 2.47 15.26 -0.47
CA LEU A 237 2.67 13.99 -1.19
C LEU A 237 3.55 13.08 -0.33
N GLN A 238 4.57 13.60 0.34
CA GLN A 238 5.44 12.79 1.21
C GLN A 238 6.16 11.76 0.32
N PHE A 239 6.48 10.60 0.87
CA PHE A 239 7.30 9.58 0.18
C PHE A 239 6.73 8.20 0.43
N CYS A 240 6.91 7.36 -0.58
CA CYS A 240 6.76 5.88 -0.53
C CYS A 240 5.32 5.40 -0.44
N ASP A 241 4.33 6.27 -0.42
CA ASP A 241 2.88 5.94 -0.52
C ASP A 241 2.41 5.01 0.60
N VAL A 242 3.05 5.01 1.76
CA VAL A 242 2.57 4.22 2.92
C VAL A 242 1.79 5.11 3.91
N GLY A 243 1.95 6.40 3.77
CA GLY A 243 1.32 7.38 4.66
C GLY A 243 2.20 7.79 5.81
N GLY A 244 2.31 9.09 5.96
CA GLY A 244 2.97 9.70 7.12
C GLY A 244 4.47 9.80 7.00
N VAL A 245 5.09 9.47 5.86
CA VAL A 245 6.56 9.32 5.76
C VAL A 245 7.17 10.49 4.98
N TRP A 246 7.78 11.42 5.71
CA TRP A 246 8.72 12.40 5.15
C TRP A 246 9.71 12.77 6.23
N PRO A 247 10.84 13.44 5.91
CA PRO A 247 11.86 13.65 6.93
C PRO A 247 11.34 14.24 8.24
N VAL A 248 10.58 15.34 8.15
CA VAL A 248 10.13 16.02 9.39
C VAL A 248 9.21 15.09 10.16
N ALA A 249 8.31 14.36 9.50
CA ALA A 249 7.38 13.46 10.22
C ALA A 249 8.16 12.37 10.94
N ILE A 250 9.31 11.95 10.37
CA ILE A 250 10.18 10.90 11.00
C ILE A 250 10.97 11.50 12.17
N GLY A 251 11.13 12.82 12.23
CA GLY A 251 11.83 13.47 13.35
C GLY A 251 13.06 14.26 12.96
N HIS A 252 13.35 14.43 11.67
CA HIS A 252 14.57 15.16 11.24
C HIS A 252 14.19 16.40 10.44
N PRO A 253 14.92 17.52 10.61
CA PRO A 253 14.60 18.71 9.82
C PRO A 253 14.73 18.48 8.32
N CYS A 254 13.97 19.22 7.55
CA CYS A 254 14.27 19.39 6.12
C CYS A 254 15.66 20.01 5.99
N TYR A 255 16.46 19.50 5.06
CA TYR A 255 17.84 19.92 4.72
C TYR A 255 17.84 20.87 3.55
N GLY A 256 16.73 21.02 2.84
CA GLY A 256 16.65 21.89 1.65
C GLY A 256 17.17 21.21 0.41
N CYS A 257 17.08 19.88 0.32
CA CYS A 257 17.75 19.19 -0.80
C CYS A 257 17.13 19.59 -2.14
N ASN A 258 15.88 20.04 -2.20
CA ASN A 258 15.26 20.53 -3.45
C ASN A 258 15.91 21.80 -3.98
N GLU A 259 16.44 22.62 -3.07
CA GLU A 259 16.57 24.08 -3.32
C GLU A 259 18.04 24.51 -3.44
N GLU A 260 18.37 25.12 -4.57
CA GLU A 260 19.71 25.64 -4.84
C GLU A 260 20.08 26.68 -3.77
N GLY A 261 21.30 26.53 -3.21
CA GLY A 261 21.77 27.47 -2.17
C GLY A 261 21.39 27.03 -0.78
N ILE A 262 20.54 25.97 -0.67
CA ILE A 262 20.10 25.50 0.66
C ILE A 262 20.77 24.14 0.86
N GLY A 263 20.17 23.10 0.31
CA GLY A 263 20.74 21.75 0.42
C GLY A 263 22.19 21.73 -0.06
N PHE A 264 23.05 21.04 0.67
CA PHE A 264 24.48 20.80 0.32
C PHE A 264 25.31 22.07 0.49
N HIS A 265 24.73 23.15 0.96
CA HIS A 265 25.45 24.43 1.17
C HIS A 265 25.31 24.82 2.64
N LYS A 266 24.08 24.95 3.11
CA LYS A 266 23.85 25.21 4.56
C LYS A 266 24.01 23.97 5.41
N GLY A 267 24.57 24.12 6.59
CA GLY A 267 24.70 23.01 7.52
C GLY A 267 23.35 22.48 7.94
N ILE A 268 23.32 21.21 8.32
CA ILE A 268 22.05 20.58 8.81
C ILE A 268 21.43 21.48 9.87
N HIS A 269 22.24 21.96 10.82
CA HIS A 269 21.71 22.64 12.03
C HIS A 269 21.71 24.15 11.87
N GLN A 270 22.19 24.64 10.76
CA GLN A 270 22.11 26.08 10.44
C GLN A 270 20.64 26.47 10.29
N LEU A 271 20.25 27.62 10.84
CA LEU A 271 18.85 28.06 10.81
C LEU A 271 18.51 28.67 9.46
N ALA A 272 17.28 28.41 9.01
CA ALA A 272 16.69 28.99 7.79
C ALA A 272 16.28 30.45 8.03
N ASN A 273 16.22 31.22 6.95
CA ASN A 273 15.52 32.54 6.97
C ASN A 273 14.03 32.29 6.83
N VAL A 274 13.23 33.01 7.59
CA VAL A 274 11.75 32.91 7.56
C VAL A 274 11.19 34.18 6.90
N GLU A 275 10.35 34.06 5.87
CA GLU A 275 9.72 35.20 5.15
C GLU A 275 8.81 36.03 6.08
N SER B 2 46.20 -12.12 -30.83
CA SER B 2 45.52 -11.34 -29.78
C SER B 2 44.41 -10.49 -30.43
N GLN B 3 43.15 -10.54 -29.93
CA GLN B 3 42.14 -9.53 -30.26
C GLN B 3 41.92 -8.61 -29.02
N ARG B 4 41.67 -7.34 -29.23
CA ARG B 4 41.37 -6.37 -28.15
C ARG B 4 39.92 -5.93 -28.26
N ILE B 5 39.14 -6.08 -27.20
CA ILE B 5 37.74 -5.60 -27.17
C ILE B 5 37.59 -4.55 -26.06
N THR B 6 36.58 -3.73 -26.22
CA THR B 6 36.11 -2.80 -25.16
C THR B 6 34.62 -3.00 -24.96
N ILE B 7 34.20 -3.04 -23.70
CA ILE B 7 32.79 -3.09 -23.30
C ILE B 7 32.55 -1.76 -22.59
N ASP B 8 31.84 -0.87 -23.21
CA ASP B 8 31.74 0.51 -22.72
C ASP B 8 30.52 1.11 -23.37
N PRO B 9 29.37 1.28 -22.67
CA PRO B 9 29.24 1.05 -21.23
C PRO B 9 28.90 -0.40 -20.89
N VAL B 10 29.34 -0.83 -19.73
CA VAL B 10 28.79 -2.04 -19.08
C VAL B 10 27.44 -1.61 -18.48
N THR B 11 26.37 -2.21 -18.89
CA THR B 11 25.03 -1.87 -18.39
C THR B 11 24.65 -2.82 -17.26
N ARG B 12 23.49 -2.57 -16.67
CA ARG B 12 22.97 -3.39 -15.54
C ARG B 12 24.00 -3.46 -14.41
N ILE B 13 24.58 -2.31 -14.13
CA ILE B 13 25.37 -2.01 -12.94
C ILE B 13 24.91 -0.65 -12.42
N GLU B 14 25.48 -0.21 -11.31
CA GLU B 14 25.43 1.22 -10.97
C GLU B 14 26.62 1.93 -11.62
N GLY B 15 26.36 2.99 -12.38
CA GLY B 15 27.42 3.91 -12.78
C GLY B 15 28.15 3.53 -14.04
N HIS B 16 29.31 4.13 -14.21
CA HIS B 16 30.02 4.20 -15.50
C HIS B 16 31.28 3.34 -15.44
N LEU B 17 31.19 2.20 -16.11
CA LEU B 17 32.27 1.20 -16.16
C LEU B 17 32.63 0.90 -17.60
N ARG B 18 33.93 0.83 -17.86
CA ARG B 18 34.52 0.30 -19.09
C ARG B 18 35.36 -0.91 -18.73
N ILE B 19 35.17 -1.99 -19.47
CA ILE B 19 35.99 -3.21 -19.35
C ILE B 19 36.70 -3.43 -20.70
N ASP B 20 38.01 -3.58 -20.67
CA ASP B 20 38.77 -3.99 -21.86
C ASP B 20 39.34 -5.36 -21.64
N CYS B 21 39.38 -6.13 -22.72
CA CYS B 21 39.98 -7.47 -22.67
C CYS B 21 40.87 -7.72 -23.87
N GLU B 22 42.01 -8.35 -23.64
CA GLU B 22 42.80 -9.04 -24.68
C GLU B 22 42.27 -10.47 -24.70
N ILE B 23 42.04 -10.98 -25.90
CA ILE B 23 41.50 -12.34 -26.11
C ILE B 23 42.50 -13.10 -26.99
N GLU B 24 42.92 -14.26 -26.52
CA GLU B 24 43.86 -15.14 -27.27
C GLU B 24 43.08 -16.40 -27.61
N ASN B 25 42.80 -16.62 -28.89
CA ASN B 25 42.15 -17.89 -29.34
C ASN B 25 40.82 -18.12 -28.58
N GLY B 26 40.10 -17.04 -28.37
CA GLY B 26 38.74 -17.12 -27.80
C GLY B 26 38.74 -17.17 -26.28
N VAL B 27 39.87 -16.93 -25.61
CA VAL B 27 40.00 -16.97 -24.13
C VAL B 27 40.55 -15.61 -23.69
N VAL B 28 39.92 -14.96 -22.71
CA VAL B 28 40.50 -13.70 -22.16
C VAL B 28 41.85 -14.00 -21.51
N SER B 29 42.87 -13.27 -21.98
CA SER B 29 44.23 -13.42 -21.44
C SER B 29 44.59 -12.28 -20.47
N LYS B 30 43.95 -11.12 -20.60
CA LYS B 30 44.28 -9.95 -19.77
C LYS B 30 43.07 -9.01 -19.79
N ALA B 31 42.82 -8.35 -18.68
CA ALA B 31 41.68 -7.41 -18.64
C ALA B 31 42.06 -6.11 -17.95
N TRP B 32 41.28 -5.07 -18.23
CA TRP B 32 41.37 -3.74 -17.61
C TRP B 32 39.97 -3.33 -17.15
N ALA B 33 39.85 -2.91 -15.90
CA ALA B 33 38.61 -2.32 -15.35
C ALA B 33 38.81 -0.82 -15.21
N SER B 34 37.85 -0.04 -15.67
CA SER B 34 38.00 1.45 -15.64
C SER B 34 36.70 2.09 -15.17
N GLY B 35 36.80 2.83 -14.06
CA GLY B 35 35.73 3.75 -13.64
C GLY B 35 35.89 5.05 -14.40
N THR B 36 34.91 5.44 -15.22
CA THR B 36 35.05 6.54 -16.18
C THR B 36 34.38 7.85 -15.72
N MET B 37 33.84 7.89 -14.50
CA MET B 37 33.22 9.12 -13.98
C MET B 37 33.73 9.37 -12.58
N TRP B 38 34.11 10.62 -12.28
CA TRP B 38 34.50 11.10 -10.95
C TRP B 38 33.76 12.38 -10.59
N ARG B 39 33.39 12.50 -9.34
CA ARG B 39 32.77 13.71 -8.76
C ARG B 39 33.68 14.41 -7.75
N GLY B 40 34.53 13.70 -7.02
CA GLY B 40 35.31 14.37 -5.95
C GLY B 40 34.49 14.57 -4.68
N MET B 41 33.71 13.57 -4.28
CA MET B 41 32.85 13.68 -3.08
C MET B 41 33.70 13.83 -1.81
N GLU B 42 34.89 13.26 -1.76
CA GLU B 42 35.79 13.45 -0.60
C GLU B 42 36.17 14.92 -0.48
N GLU B 43 36.43 15.59 -1.60
CA GLU B 43 36.83 17.03 -1.49
C GLU B 43 35.60 17.85 -1.20
N ILE B 44 34.44 17.49 -1.74
CA ILE B 44 33.19 18.29 -1.52
C ILE B 44 32.88 18.34 -0.03
N VAL B 45 33.09 17.26 0.71
CA VAL B 45 32.68 17.16 2.12
C VAL B 45 33.70 17.85 3.04
N LYS B 46 34.94 18.07 2.57
CA LYS B 46 35.95 18.68 3.44
C LYS B 46 35.56 20.11 3.86
N ASN B 47 36.11 20.51 4.99
CA ASN B 47 36.01 21.89 5.50
C ASN B 47 34.59 22.20 5.97
N ARG B 48 33.87 21.15 6.40
CA ARG B 48 32.53 21.27 6.97
C ARG B 48 32.52 20.76 8.42
N ASP B 49 31.44 21.11 9.10
CA ASP B 49 31.14 20.51 10.41
C ASP B 49 31.07 19.00 10.25
N PRO B 50 31.74 18.21 11.11
CA PRO B 50 31.64 16.76 11.08
C PRO B 50 30.20 16.25 11.03
N ARG B 51 29.25 16.95 11.66
CA ARG B 51 27.86 16.51 11.75
C ARG B 51 27.18 16.54 10.39
N ASP B 52 27.69 17.31 9.45
CA ASP B 52 27.09 17.52 8.13
C ASP B 52 27.52 16.44 7.16
N ALA B 53 28.59 15.67 7.45
CA ALA B 53 29.18 14.79 6.41
C ALA B 53 28.18 13.75 5.94
N TRP B 54 27.40 13.15 6.82
CA TRP B 54 26.60 11.97 6.44
C TRP B 54 25.58 12.33 5.36
N MET B 55 24.96 13.50 5.43
CA MET B 55 23.94 13.89 4.44
C MET B 55 24.58 14.11 3.08
N ILE B 56 25.82 14.55 3.03
CA ILE B 56 26.53 14.81 1.77
C ILE B 56 27.07 13.50 1.21
N VAL B 57 27.81 12.74 1.99
CA VAL B 57 28.47 11.52 1.45
C VAL B 57 27.46 10.40 1.23
N GLN B 58 26.27 10.45 1.81
CA GLN B 58 25.24 9.44 1.44
C GLN B 58 25.07 9.46 -0.09
N ARG B 59 25.22 10.63 -0.69
CA ARG B 59 25.03 10.82 -2.17
C ARG B 59 26.20 10.25 -2.96
N ILE B 60 27.17 9.64 -2.33
CA ILE B 60 28.11 8.82 -3.10
C ILE B 60 27.31 7.82 -3.93
N CYS B 61 26.22 7.28 -3.39
CA CYS B 61 25.50 6.23 -4.15
C CYS B 61 24.04 6.16 -3.70
N GLY B 62 23.17 6.08 -4.70
CA GLY B 62 21.74 5.90 -4.45
C GLY B 62 21.26 4.49 -4.64
N VAL B 63 22.08 3.56 -5.14
CA VAL B 63 21.73 2.14 -5.13
C VAL B 63 22.01 1.65 -3.71
N CYS B 64 23.24 1.77 -3.23
CA CYS B 64 23.57 1.42 -1.84
C CYS B 64 23.35 2.67 -1.01
N THR B 65 22.14 3.22 -1.14
CA THR B 65 21.69 4.27 -0.21
C THR B 65 21.73 3.66 1.20
N THR B 66 21.72 4.53 2.18
CA THR B 66 21.92 4.24 3.63
C THR B 66 23.36 3.96 3.97
N THR B 67 24.13 3.25 3.15
CA THR B 67 25.41 2.68 3.59
C THR B 67 26.43 3.78 3.92
N HIS B 68 26.58 4.72 3.03
CA HIS B 68 27.58 5.78 3.25
C HIS B 68 27.13 6.73 4.36
N ALA B 69 25.81 6.90 4.54
CA ALA B 69 25.29 7.72 5.65
C ALA B 69 25.73 7.06 6.96
N LEU B 70 25.47 5.77 7.11
CA LEU B 70 25.77 5.03 8.36
C LEU B 70 27.29 4.96 8.58
N SER B 71 28.09 4.70 7.55
CA SER B 71 29.56 4.68 7.70
C SER B 71 30.02 6.06 8.16
N SER B 72 29.48 7.13 7.60
CA SER B 72 29.91 8.50 7.96
C SER B 72 29.60 8.80 9.40
N VAL B 73 28.38 8.56 9.88
CA VAL B 73 28.14 8.86 11.30
C VAL B 73 29.03 7.95 12.17
N ARG B 74 29.23 6.68 11.84
CA ARG B 74 30.15 5.79 12.61
C ARG B 74 31.57 6.40 12.61
N ALA B 75 32.00 7.03 11.52
CA ALA B 75 33.35 7.58 11.46
C ALA B 75 33.48 8.77 12.42
N ALA B 76 32.49 9.62 12.40
CA ALA B 76 32.49 10.81 13.31
C ALA B 76 32.41 10.34 14.75
N GLU B 77 31.55 9.34 15.02
CA GLU B 77 31.39 8.82 16.40
C GLU B 77 32.70 8.18 16.85
N SER B 78 33.41 7.53 15.94
CA SER B 78 34.75 6.97 16.21
C SER B 78 35.71 8.09 16.60
N ALA B 79 35.76 9.16 15.85
CA ALA B 79 36.69 10.30 16.10
C ALA B 79 36.36 10.92 17.45
N LEU B 80 35.09 11.09 17.73
CA LEU B 80 34.64 11.85 18.90
C LEU B 80 34.57 10.99 20.17
N ASN B 81 34.62 9.66 20.05
CA ASN B 81 34.48 8.66 21.13
C ASN B 81 33.07 8.72 21.70
N ILE B 82 32.10 8.54 20.82
CA ILE B 82 30.67 8.46 21.19
C ILE B 82 30.18 7.02 21.13
N ASP B 83 29.53 6.59 22.19
CA ASP B 83 28.82 5.30 22.26
C ASP B 83 27.37 5.54 21.85
N VAL B 84 26.92 4.84 20.83
CA VAL B 84 25.56 5.07 20.27
C VAL B 84 24.54 4.39 21.17
N PRO B 85 23.40 5.03 21.48
CA PRO B 85 22.34 4.36 22.20
C PRO B 85 21.90 3.07 21.50
N VAL B 86 21.59 2.05 22.27
CA VAL B 86 21.20 0.76 21.69
C VAL B 86 19.93 0.92 20.84
N ASN B 87 18.96 1.76 21.19
CA ASN B 87 17.78 1.90 20.31
C ASN B 87 18.20 2.46 18.96
N ALA B 88 19.16 3.37 18.94
CA ALA B 88 19.65 3.92 17.65
C ALA B 88 20.35 2.79 16.90
N GLN B 89 21.05 1.88 17.55
CA GLN B 89 21.62 0.73 16.84
C GLN B 89 20.50 -0.13 16.24
N TYR B 90 19.47 -0.46 17.00
CA TYR B 90 18.40 -1.32 16.47
C TYR B 90 17.83 -0.70 15.19
N ILE B 91 17.58 0.58 15.23
CA ILE B 91 16.96 1.31 14.09
C ILE B 91 17.93 1.34 12.91
N ARG B 92 19.19 1.69 13.16
CA ARG B 92 20.22 1.65 12.12
C ARG B 92 20.24 0.25 11.50
N ASN B 93 20.23 -0.79 12.34
CA ASN B 93 20.34 -2.20 11.89
C ASN B 93 19.12 -2.57 11.03
N ILE B 94 17.91 -2.28 11.47
CA ILE B 94 16.70 -2.61 10.66
C ILE B 94 16.82 -1.95 9.29
N ILE B 95 17.20 -0.68 9.25
CA ILE B 95 17.33 0.06 7.96
C ILE B 95 18.35 -0.68 7.12
N LEU B 96 19.55 -0.97 7.64
CA LEU B 96 20.59 -1.58 6.79
C LEU B 96 20.18 -2.96 6.29
N ALA B 97 19.54 -3.76 7.15
CA ALA B 97 19.14 -5.12 6.75
C ALA B 97 18.02 -5.07 5.71
N ALA B 98 17.03 -4.20 5.88
CA ALA B 98 15.92 -4.06 4.91
C ALA B 98 16.47 -3.51 3.60
N HIS B 99 17.32 -2.49 3.67
CA HIS B 99 17.91 -1.93 2.45
C HIS B 99 18.66 -3.01 1.69
N THR B 100 19.45 -3.79 2.40
CA THR B 100 20.31 -4.81 1.75
C THR B 100 19.45 -5.92 1.15
N THR B 101 18.31 -6.21 1.73
CA THR B 101 17.34 -7.15 1.14
C THR B 101 16.89 -6.64 -0.24
N HIS B 102 16.41 -5.40 -0.31
CA HIS B 102 16.05 -4.80 -1.62
C HIS B 102 17.25 -4.85 -2.58
N ASP B 103 18.43 -4.51 -2.09
CA ASP B 103 19.61 -4.38 -2.94
C ASP B 103 19.91 -5.74 -3.59
N HIS B 104 20.03 -6.78 -2.78
CA HIS B 104 20.38 -8.12 -3.32
C HIS B 104 19.30 -8.63 -4.29
N ILE B 105 18.04 -8.49 -3.94
CA ILE B 105 16.95 -8.99 -4.83
C ILE B 105 17.06 -8.30 -6.18
N VAL B 106 17.18 -6.97 -6.19
CA VAL B 106 17.27 -6.23 -7.47
C VAL B 106 18.54 -6.64 -8.23
N HIS B 107 19.64 -6.88 -7.54
CA HIS B 107 20.87 -7.30 -8.24
C HIS B 107 20.63 -8.64 -8.93
N PHE B 108 20.05 -9.62 -8.24
CA PHE B 108 19.92 -10.95 -8.83
C PHE B 108 18.97 -10.88 -10.05
N TYR B 109 17.87 -10.15 -9.91
CA TYR B 109 16.80 -10.19 -10.94
C TYR B 109 16.99 -9.08 -11.97
N GLN B 110 16.85 -7.83 -11.58
CA GLN B 110 16.86 -6.71 -12.53
C GLN B 110 18.23 -6.48 -13.14
N LEU B 111 19.30 -6.71 -12.38
CA LEU B 111 20.66 -6.44 -12.94
C LEU B 111 21.28 -7.70 -13.55
N SER B 112 21.13 -8.87 -12.96
CA SER B 112 21.96 -10.02 -13.40
CA SER B 112 21.94 -10.06 -13.34
C SER B 112 21.17 -11.03 -14.23
N ALA B 113 19.87 -11.22 -14.03
CA ALA B 113 19.19 -12.39 -14.62
C ALA B 113 19.33 -12.41 -16.15
N LEU B 114 19.32 -11.26 -16.82
CA LEU B 114 19.36 -11.24 -18.31
C LEU B 114 20.74 -11.59 -18.84
N ASP B 115 21.73 -11.91 -17.98
CA ASP B 115 22.97 -12.56 -18.46
C ASP B 115 22.73 -14.05 -18.68
N TRP B 116 21.75 -14.63 -18.02
CA TRP B 116 21.59 -16.10 -17.86
C TRP B 116 20.27 -16.53 -18.50
N VAL B 117 19.38 -15.60 -18.78
CA VAL B 117 17.98 -15.87 -19.14
C VAL B 117 17.77 -15.29 -20.52
N ASP B 118 17.15 -16.07 -21.41
CA ASP B 118 16.86 -15.72 -22.82
C ASP B 118 15.36 -15.48 -22.92
N ILE B 119 14.94 -14.23 -22.97
CA ILE B 119 13.47 -13.95 -22.92
C ILE B 119 12.78 -14.52 -24.17
N THR B 120 13.42 -14.50 -25.35
CA THR B 120 12.77 -14.99 -26.59
C THR B 120 12.51 -16.48 -26.44
N SER B 121 13.44 -17.25 -25.87
CA SER B 121 13.27 -18.68 -25.55
C SER B 121 12.03 -18.88 -24.67
N ALA B 122 11.73 -17.96 -23.74
CA ALA B 122 10.56 -18.09 -22.85
C ALA B 122 9.27 -18.17 -23.67
N LEU B 123 9.21 -17.51 -24.82
CA LEU B 123 8.03 -17.55 -25.71
C LEU B 123 7.72 -18.98 -26.18
N GLN B 124 8.72 -19.87 -26.21
CA GLN B 124 8.52 -21.26 -26.68
C GLN B 124 8.11 -22.15 -25.50
N ALA B 125 8.11 -21.64 -24.27
CA ALA B 125 7.82 -22.49 -23.10
C ALA B 125 6.36 -23.01 -23.07
N ASP B 126 6.20 -24.16 -22.49
CA ASP B 126 4.91 -24.71 -22.05
C ASP B 126 4.71 -24.33 -20.59
N PRO B 127 3.78 -23.40 -20.28
CA PRO B 127 3.60 -22.93 -18.91
C PRO B 127 3.28 -24.04 -17.91
N THR B 128 2.53 -25.07 -18.34
CA THR B 128 2.18 -26.22 -17.46
C THR B 128 3.44 -27.03 -17.14
N LYS B 129 4.27 -27.34 -18.14
CA LYS B 129 5.54 -28.02 -17.90
C LYS B 129 6.44 -27.19 -16.98
N ALA B 130 6.45 -25.88 -17.15
CA ALA B 130 7.33 -24.99 -16.34
C ALA B 130 6.89 -25.11 -14.88
N SER B 131 5.58 -25.07 -14.65
CA SER B 131 5.04 -25.16 -13.27
C SER B 131 5.39 -26.54 -12.66
N GLU B 132 5.21 -27.61 -13.45
CA GLU B 132 5.46 -29.00 -12.99
C GLU B 132 6.92 -29.18 -12.56
N MET B 133 7.86 -28.50 -13.22
CA MET B 133 9.30 -28.60 -12.91
C MET B 133 9.54 -28.11 -11.48
N LEU B 134 8.67 -27.27 -10.91
CA LEU B 134 8.96 -26.73 -9.57
C LEU B 134 8.27 -27.55 -8.47
N LYS B 135 7.50 -28.58 -8.84
CA LYS B 135 6.81 -29.44 -7.84
C LYS B 135 7.87 -30.10 -6.97
N GLY B 136 7.77 -29.91 -5.65
CA GLY B 136 8.71 -30.41 -4.64
C GLY B 136 10.05 -29.71 -4.69
N VAL B 137 10.15 -28.61 -5.42
CA VAL B 137 11.41 -27.81 -5.47
C VAL B 137 11.17 -26.49 -4.72
N SER B 138 9.98 -25.92 -4.84
CA SER B 138 9.58 -24.68 -4.13
C SER B 138 8.15 -24.83 -3.62
N THR B 139 7.82 -24.15 -2.55
CA THR B 139 6.45 -24.04 -2.02
C THR B 139 5.84 -22.67 -2.36
N TRP B 140 6.51 -21.88 -3.21
CA TRP B 140 6.03 -20.51 -3.55
C TRP B 140 4.65 -20.63 -4.14
N HIS B 141 3.78 -19.70 -3.75
CA HIS B 141 2.35 -19.71 -4.14
C HIS B 141 2.10 -19.12 -5.53
N LEU B 142 3.08 -18.54 -6.23
CA LEU B 142 2.90 -17.88 -7.53
C LEU B 142 3.75 -18.52 -8.63
N ASN B 143 3.72 -19.86 -8.66
CA ASN B 143 4.39 -20.67 -9.70
C ASN B 143 3.35 -21.45 -10.53
N SER B 144 2.10 -21.04 -10.57
CA SER B 144 1.05 -21.77 -11.32
C SER B 144 1.25 -21.59 -12.82
N PRO B 145 0.73 -22.56 -13.63
CA PRO B 145 0.70 -22.35 -15.07
C PRO B 145 -0.01 -21.06 -15.43
N GLU B 146 -1.05 -20.70 -14.68
CA GLU B 146 -1.83 -19.49 -14.99
C GLU B 146 -0.98 -18.21 -14.78
N GLU B 147 -0.22 -18.19 -13.70
CA GLU B 147 0.74 -17.07 -13.52
C GLU B 147 1.71 -17.04 -14.70
N PHE B 148 2.25 -18.19 -15.05
CA PHE B 148 3.29 -18.23 -16.08
C PHE B 148 2.74 -17.85 -17.45
N THR B 149 1.49 -18.25 -17.76
CA THR B 149 0.81 -17.87 -19.01
C THR B 149 0.64 -16.35 -19.08
N LYS B 150 0.17 -15.74 -18.00
CA LYS B 150 -0.01 -14.26 -17.94
C LYS B 150 1.34 -13.58 -18.24
N VAL B 151 2.43 -14.07 -17.62
CA VAL B 151 3.76 -13.50 -17.84
C VAL B 151 4.18 -13.71 -19.30
N GLN B 152 3.99 -14.93 -19.81
CA GLN B 152 4.34 -15.21 -21.21
C GLN B 152 3.59 -14.27 -22.15
N ASN B 153 2.31 -14.01 -21.85
CA ASN B 153 1.47 -13.10 -22.69
C ASN B 153 2.03 -11.68 -22.61
N LYS B 154 2.55 -11.23 -21.46
CA LYS B 154 3.16 -9.88 -21.38
C LYS B 154 4.39 -9.82 -22.28
N ILE B 155 5.17 -10.89 -22.32
CA ILE B 155 6.35 -10.91 -23.22
C ILE B 155 5.85 -10.86 -24.68
N LYS B 156 4.90 -11.72 -25.00
CA LYS B 156 4.34 -11.82 -26.37
C LYS B 156 3.90 -10.42 -26.80
N ASP B 157 3.13 -9.72 -25.97
CA ASP B 157 2.57 -8.38 -26.30
C ASP B 157 3.70 -7.37 -26.51
N LEU B 158 4.72 -7.40 -25.65
CA LEU B 158 5.84 -6.45 -25.82
C LEU B 158 6.52 -6.73 -27.16
N VAL B 159 6.82 -7.99 -27.47
CA VAL B 159 7.49 -8.35 -28.76
C VAL B 159 6.62 -7.89 -29.94
N ALA B 160 5.32 -8.16 -29.91
CA ALA B 160 4.38 -7.87 -31.02
C ALA B 160 4.31 -6.36 -31.24
N SER B 161 4.61 -5.54 -30.24
CA SER B 161 4.57 -4.08 -30.39
C SER B 161 5.71 -3.59 -31.28
N GLY B 162 6.77 -4.37 -31.42
CA GLY B 162 8.00 -3.94 -32.09
C GLY B 162 8.77 -2.90 -31.28
N GLN B 163 8.35 -2.61 -30.05
CA GLN B 163 9.09 -1.66 -29.16
C GLN B 163 9.66 -2.46 -28.00
N LEU B 164 10.86 -3.04 -28.22
CA LEU B 164 11.47 -3.90 -27.19
C LEU B 164 12.14 -3.05 -26.12
N GLY B 165 12.49 -1.81 -26.48
CA GLY B 165 13.17 -0.85 -25.59
C GLY B 165 14.38 -1.48 -24.91
N ILE B 166 14.36 -1.51 -23.61
CA ILE B 166 15.49 -2.04 -22.76
C ILE B 166 15.65 -3.57 -22.90
N PHE B 167 14.70 -4.30 -23.53
CA PHE B 167 14.95 -5.71 -23.92
C PHE B 167 15.52 -5.78 -25.36
N ALA B 168 15.73 -4.69 -26.08
CA ALA B 168 16.17 -4.70 -27.51
C ALA B 168 17.64 -5.10 -27.64
N ASN B 169 17.95 -5.87 -28.69
CA ASN B 169 19.34 -6.18 -29.09
C ASN B 169 20.01 -6.92 -27.93
N GLY B 170 19.24 -7.70 -27.18
CA GLY B 170 19.78 -8.59 -26.12
C GLY B 170 20.50 -9.80 -26.74
N TYR B 171 20.97 -10.71 -25.88
CA TYR B 171 21.88 -11.82 -26.31
C TYR B 171 21.02 -13.07 -26.54
N TRP B 172 19.90 -12.90 -27.25
CA TRP B 172 18.93 -14.00 -27.42
C TRP B 172 19.55 -15.03 -28.38
N GLY B 173 19.53 -16.32 -28.04
CA GLY B 173 20.16 -17.40 -28.83
C GLY B 173 21.68 -17.48 -28.69
N HIS B 174 22.30 -16.62 -27.89
CA HIS B 174 23.78 -16.71 -27.66
C HIS B 174 24.11 -18.13 -27.23
N PRO B 175 25.23 -18.72 -27.70
CA PRO B 175 25.56 -20.08 -27.32
C PRO B 175 25.79 -20.38 -25.82
N ALA B 176 26.01 -19.33 -25.04
CA ALA B 176 26.20 -19.46 -23.59
C ALA B 176 24.88 -19.42 -22.83
N MET B 177 23.77 -19.20 -23.53
CA MET B 177 22.41 -19.26 -22.92
C MET B 177 21.96 -20.74 -22.86
N LYS B 178 21.89 -21.34 -21.69
CA LYS B 178 21.76 -22.80 -21.49
C LYS B 178 20.38 -23.16 -20.97
N LEU B 179 19.57 -22.20 -20.48
CA LEU B 179 18.30 -22.61 -19.84
C LEU B 179 17.32 -23.11 -20.90
N PRO B 180 16.49 -24.11 -20.54
CA PRO B 180 15.40 -24.50 -21.42
C PRO B 180 14.34 -23.40 -21.44
N PRO B 181 13.47 -23.36 -22.45
CA PRO B 181 12.40 -22.38 -22.53
C PRO B 181 11.60 -22.20 -21.23
N GLU B 182 11.22 -23.30 -20.59
CA GLU B 182 10.38 -23.32 -19.37
C GLU B 182 11.11 -22.55 -18.24
N VAL B 183 12.42 -22.73 -18.12
CA VAL B 183 13.17 -22.11 -16.99
C VAL B 183 13.35 -20.64 -17.32
N ASN B 184 13.54 -20.26 -18.55
CA ASN B 184 13.55 -18.85 -18.95
C ASN B 184 12.21 -18.22 -18.53
N LEU B 185 11.08 -18.89 -18.78
CA LEU B 185 9.78 -18.29 -18.46
C LEU B 185 9.61 -18.17 -16.94
N ILE B 186 9.97 -19.18 -16.18
CA ILE B 186 9.98 -19.15 -14.69
C ILE B 186 10.76 -17.89 -14.26
N ALA B 187 11.94 -17.71 -14.80
CA ALA B 187 12.82 -16.61 -14.35
C ALA B 187 12.17 -15.26 -14.63
N VAL B 188 11.54 -15.05 -15.79
CA VAL B 188 10.84 -13.78 -16.07
C VAL B 188 9.68 -13.59 -15.11
N ALA B 189 8.89 -14.61 -14.80
CA ALA B 189 7.84 -14.47 -13.80
C ALA B 189 8.45 -14.02 -12.48
N HIS B 190 9.56 -14.62 -12.07
CA HIS B 190 10.21 -14.26 -10.78
C HIS B 190 10.81 -12.85 -10.82
N TYR B 191 11.34 -12.44 -11.97
CA TYR B 191 11.87 -11.08 -12.15
C TYR B 191 10.78 -10.06 -11.84
N LEU B 192 9.56 -10.28 -12.33
CA LEU B 192 8.45 -9.35 -12.06
C LEU B 192 8.00 -9.46 -10.62
N GLN B 193 7.90 -10.65 -10.07
CA GLN B 193 7.50 -10.84 -8.66
C GLN B 193 8.52 -10.20 -7.71
N ALA B 194 9.80 -10.22 -8.05
CA ALA B 194 10.87 -9.60 -7.23
C ALA B 194 10.58 -8.13 -6.98
N LEU B 195 9.96 -7.46 -7.96
CA LEU B 195 9.79 -6.00 -7.84
C LEU B 195 8.82 -5.73 -6.70
N GLU B 196 7.87 -6.61 -6.44
CA GLU B 196 6.97 -6.39 -5.31
C GLU B 196 7.72 -6.62 -3.99
N CYS B 197 8.57 -7.64 -3.90
CA CYS B 197 9.25 -7.93 -2.63
C CYS B 197 10.20 -6.76 -2.31
N GLN B 198 10.98 -6.30 -3.28
CA GLN B 198 11.93 -5.23 -3.00
C GLN B 198 11.20 -3.95 -2.60
N ARG B 199 10.00 -3.71 -3.15
CA ARG B 199 9.19 -2.55 -2.75
C ARG B 199 8.81 -2.68 -1.27
N ASP B 200 8.40 -3.86 -0.83
CA ASP B 200 8.09 -4.04 0.61
C ASP B 200 9.33 -3.81 1.49
N ALA B 201 10.51 -4.23 1.05
CA ALA B 201 11.74 -4.02 1.84
C ALA B 201 11.97 -2.53 1.99
N ASN B 202 11.75 -1.76 0.96
CA ASN B 202 11.97 -0.30 1.05
C ASN B 202 10.89 0.40 1.87
N ARG B 203 9.71 -0.19 1.98
CA ARG B 203 8.70 0.37 2.90
C ARG B 203 9.21 0.29 4.35
N VAL B 204 9.89 -0.79 4.72
CA VAL B 204 10.57 -0.87 6.04
C VAL B 204 11.51 0.32 6.16
N VAL B 205 12.42 0.44 5.21
CA VAL B 205 13.45 1.53 5.25
C VAL B 205 12.76 2.88 5.38
N ALA B 206 11.75 3.16 4.57
CA ALA B 206 11.10 4.47 4.52
C ALA B 206 10.51 4.81 5.90
N LEU B 207 9.87 3.87 6.55
CA LEU B 207 9.14 4.17 7.82
C LEU B 207 10.13 4.54 8.91
N LEU B 208 11.37 4.10 8.84
CA LEU B 208 12.39 4.56 9.81
C LEU B 208 13.26 5.68 9.25
N GLY B 209 13.52 5.68 7.96
CA GLY B 209 14.46 6.65 7.37
C GLY B 209 13.81 7.98 7.02
N GLY B 210 12.49 8.03 6.84
CA GLY B 210 11.82 9.25 6.41
C GLY B 210 11.60 9.33 4.91
N LYS B 211 12.18 8.39 4.17
CA LYS B 211 12.09 8.22 2.71
C LYS B 211 13.21 7.27 2.31
N THR B 212 13.18 6.74 1.10
CA THR B 212 14.30 6.06 0.43
C THR B 212 14.01 6.16 -1.06
N PRO B 213 14.99 6.46 -1.92
CA PRO B 213 16.41 6.61 -1.59
C PRO B 213 16.78 7.81 -0.71
N HIS B 214 17.90 7.62 -0.02
CA HIS B 214 18.58 8.63 0.82
C HIS B 214 17.76 8.88 2.09
N ILE B 215 18.07 8.08 3.10
CA ILE B 215 17.38 8.19 4.41
C ILE B 215 17.77 9.53 5.04
N GLN B 216 17.00 9.93 6.04
CA GLN B 216 17.18 11.24 6.68
C GLN B 216 16.86 11.12 8.16
N ASN B 217 17.31 10.05 8.83
CA ASN B 217 16.97 9.85 10.25
C ASN B 217 18.23 9.71 11.08
N LEU B 218 19.42 9.85 10.50
CA LEU B 218 20.65 9.61 11.28
C LEU B 218 21.10 10.90 11.94
N ALA B 219 22.08 10.72 12.83
CA ALA B 219 22.79 11.83 13.45
C ALA B 219 24.13 11.29 13.97
N VAL B 220 25.15 12.13 13.96
CA VAL B 220 26.33 11.83 14.81
C VAL B 220 25.81 11.84 16.26
N GLY B 221 25.78 10.69 16.88
CA GLY B 221 25.22 10.52 18.22
C GLY B 221 24.00 9.63 18.29
N GLY B 222 23.38 9.24 17.15
CA GLY B 222 22.32 8.24 17.18
C GLY B 222 21.37 8.38 16.01
N VAL B 223 20.11 8.61 16.32
CA VAL B 223 19.07 8.76 15.27
C VAL B 223 18.13 9.88 15.66
N ALA B 224 17.37 10.35 14.68
CA ALA B 224 16.38 11.44 14.82
C ALA B 224 14.96 10.91 15.03
N ASN B 225 14.78 9.60 15.05
CA ASN B 225 13.43 9.03 15.33
C ASN B 225 13.11 9.32 16.80
N PRO B 226 11.93 9.86 17.14
CA PRO B 226 11.57 10.10 18.54
C PRO B 226 10.72 8.93 19.00
N ILE B 227 11.27 8.10 19.89
CA ILE B 227 10.55 6.93 20.41
C ILE B 227 9.58 7.40 21.50
N ASN B 228 8.30 7.19 21.28
CA ASN B 228 7.30 7.49 22.32
C ASN B 228 6.07 6.66 21.99
N LEU B 229 5.90 5.55 22.68
CA LEU B 229 4.75 4.63 22.40
C LEU B 229 3.44 5.42 22.47
N ASP B 230 3.36 6.49 23.25
CA ASP B 230 2.09 7.20 23.55
C ASP B 230 2.00 8.54 22.84
N GLY B 231 2.97 8.85 21.98
CA GLY B 231 3.04 10.14 21.30
C GLY B 231 2.32 10.16 19.97
N LEU B 232 1.63 11.23 19.72
CA LEU B 232 1.06 11.52 18.39
C LEU B 232 2.18 12.09 17.52
N GLY B 233 2.29 11.60 16.26
CA GLY B 233 3.21 12.16 15.26
C GLY B 233 4.65 11.74 15.40
N VAL B 234 4.93 10.73 16.24
CA VAL B 234 6.30 10.24 16.49
C VAL B 234 6.33 8.72 16.35
N LEU B 235 7.45 8.10 16.71
CA LEU B 235 7.59 6.64 16.54
C LEU B 235 6.90 5.95 17.72
N ASN B 236 5.63 5.62 17.49
CA ASN B 236 4.73 5.03 18.50
C ASN B 236 4.48 3.57 18.15
N LEU B 237 3.63 2.90 18.95
CA LEU B 237 3.41 1.46 18.69
C LEU B 237 2.72 1.26 17.35
N GLU B 238 1.80 2.14 16.96
CA GLU B 238 1.10 1.99 15.65
C GLU B 238 2.14 2.02 14.52
N ARG B 239 3.10 2.93 14.56
CA ARG B 239 4.15 3.03 13.52
C ARG B 239 5.02 1.77 13.54
N LEU B 240 5.38 1.28 14.74
CA LEU B 240 6.22 0.09 14.82
C LEU B 240 5.46 -1.10 14.23
N MET B 241 4.19 -1.23 14.55
CA MET B 241 3.37 -2.32 13.99
C MET B 241 3.36 -2.23 12.47
N TYR B 242 3.30 -1.02 11.92
CA TYR B 242 3.32 -0.87 10.44
C TYR B 242 4.64 -1.38 9.88
N ILE B 243 5.75 -0.98 10.49
CA ILE B 243 7.09 -1.49 10.10
C ILE B 243 7.06 -3.00 10.11
N LYS B 244 6.58 -3.61 11.20
CA LYS B 244 6.58 -5.08 11.31
C LYS B 244 5.73 -5.68 10.20
N SER B 245 4.63 -5.05 9.82
CA SER B 245 3.78 -5.62 8.74
C SER B 245 4.58 -5.79 7.46
N PHE B 246 5.51 -4.90 7.16
CA PHE B 246 6.35 -5.00 5.95
C PHE B 246 7.51 -5.96 6.17
N ILE B 247 8.13 -5.99 7.35
CA ILE B 247 9.21 -6.97 7.60
C ILE B 247 8.65 -8.39 7.29
N ASP B 248 7.46 -8.67 7.76
CA ASP B 248 6.87 -10.03 7.67
C ASP B 248 6.60 -10.41 6.20
N LYS B 249 6.50 -9.47 5.28
CA LYS B 249 6.14 -9.77 3.88
C LYS B 249 7.37 -10.18 3.08
N LEU B 250 8.58 -10.08 3.61
CA LEU B 250 9.80 -10.33 2.79
C LEU B 250 10.15 -11.80 2.69
N SER B 251 9.96 -12.58 3.75
CA SER B 251 10.58 -13.90 3.89
C SER B 251 10.19 -14.86 2.76
N ASP B 252 8.91 -14.94 2.45
CA ASP B 252 8.49 -16.05 1.56
C ASP B 252 9.16 -15.92 0.18
N PHE B 253 9.22 -14.73 -0.40
CA PHE B 253 9.85 -14.60 -1.72
C PHE B 253 11.34 -14.92 -1.59
N VAL B 254 11.98 -14.40 -0.54
CA VAL B 254 13.44 -14.61 -0.39
C VAL B 254 13.73 -16.11 -0.33
N GLU B 255 12.95 -16.84 0.48
CA GLU B 255 13.23 -18.25 0.76
C GLU B 255 12.73 -19.16 -0.36
N GLN B 256 11.57 -18.87 -0.95
CA GLN B 256 10.89 -19.82 -1.84
C GLN B 256 11.11 -19.44 -3.29
N VAL B 257 11.71 -18.27 -3.58
CA VAL B 257 11.94 -17.84 -4.98
C VAL B 257 13.42 -17.53 -5.17
N TYR B 258 13.94 -16.49 -4.51
CA TYR B 258 15.34 -16.09 -4.73
C TYR B 258 16.29 -17.22 -4.37
N LYS B 259 16.13 -17.79 -3.18
CA LYS B 259 17.06 -18.86 -2.77
C LYS B 259 16.99 -20.04 -3.76
N VAL B 260 15.79 -20.38 -4.20
CA VAL B 260 15.60 -21.54 -5.09
C VAL B 260 16.21 -21.24 -6.44
N ASP B 261 15.93 -20.07 -7.02
CA ASP B 261 16.46 -19.69 -8.34
C ASP B 261 17.99 -19.66 -8.32
N THR B 262 18.58 -19.32 -7.17
CA THR B 262 20.05 -19.32 -7.07
C THR B 262 20.57 -20.74 -7.28
N ALA B 263 19.95 -21.70 -6.59
CA ALA B 263 20.34 -23.13 -6.74
C ALA B 263 20.11 -23.56 -8.18
N VAL B 264 19.02 -23.17 -8.77
CA VAL B 264 18.63 -23.65 -10.13
C VAL B 264 19.61 -23.08 -11.16
N ILE B 265 19.94 -21.79 -11.07
CA ILE B 265 20.94 -21.20 -12.02
C ILE B 265 22.25 -21.97 -11.87
N ALA B 266 22.68 -22.28 -10.67
CA ALA B 266 23.94 -23.04 -10.52
C ALA B 266 23.81 -24.40 -11.21
N ALA B 267 22.68 -25.07 -11.05
CA ALA B 267 22.47 -26.42 -11.62
C ALA B 267 22.58 -26.41 -13.14
N PHE B 268 22.13 -25.37 -13.82
CA PHE B 268 22.17 -25.27 -15.29
C PHE B 268 23.51 -24.73 -15.82
N TYR B 269 24.29 -24.06 -14.97
CA TYR B 269 25.55 -23.40 -15.40
C TYR B 269 26.72 -23.90 -14.58
N PRO B 270 26.95 -25.23 -14.44
CA PRO B 270 27.93 -25.68 -13.45
C PRO B 270 29.39 -25.31 -13.78
N GLU B 271 29.74 -24.99 -15.01
CA GLU B 271 31.12 -24.55 -15.37
C GLU B 271 31.39 -23.19 -14.73
N TRP B 272 30.34 -22.47 -14.35
CA TRP B 272 30.57 -21.16 -13.72
C TRP B 272 30.89 -21.28 -12.24
N LEU B 273 31.02 -22.50 -11.73
CA LEU B 273 31.67 -22.86 -10.43
C LEU B 273 33.19 -23.02 -10.57
N THR B 274 33.71 -22.92 -11.78
CA THR B 274 35.10 -23.26 -12.13
C THR B 274 35.79 -22.05 -12.74
N ARG B 275 35.15 -20.86 -12.77
CA ARG B 275 35.79 -19.65 -13.32
C ARG B 275 35.34 -18.44 -12.50
N GLY B 276 35.98 -17.32 -12.75
CA GLY B 276 35.64 -16.06 -12.07
C GLY B 276 36.21 -15.92 -10.69
N LYS B 277 37.29 -16.63 -10.36
CA LYS B 277 38.02 -16.41 -9.09
C LYS B 277 38.78 -15.11 -9.22
N GLY B 278 38.52 -14.20 -8.28
CA GLY B 278 39.14 -12.87 -8.36
C GLY B 278 40.32 -12.69 -7.42
N ALA B 279 40.38 -13.49 -6.37
CA ALA B 279 41.36 -13.28 -5.28
C ALA B 279 41.52 -14.54 -4.45
N VAL B 280 42.59 -14.58 -3.67
CA VAL B 280 42.78 -15.65 -2.66
C VAL B 280 42.68 -15.09 -1.26
N ASN B 281 42.53 -13.77 -1.11
CA ASN B 281 42.34 -13.15 0.22
C ASN B 281 40.99 -12.45 0.26
N TYR B 282 40.32 -12.50 1.40
CA TYR B 282 38.93 -12.03 1.56
C TYR B 282 38.82 -11.30 2.88
N LEU B 283 38.07 -10.20 2.90
CA LEU B 283 37.87 -9.40 4.12
C LEU B 283 36.38 -9.11 4.27
N SER B 284 35.89 -9.19 5.50
CA SER B 284 34.57 -8.67 5.88
C SER B 284 34.68 -8.13 7.28
N VAL B 285 33.82 -7.16 7.59
CA VAL B 285 33.74 -6.61 8.96
C VAL B 285 32.48 -7.16 9.59
N PRO B 286 32.50 -7.33 10.94
CA PRO B 286 31.29 -7.71 11.64
C PRO B 286 30.27 -6.59 11.49
N GLU B 287 29.00 -6.94 11.66
CA GLU B 287 27.92 -5.98 11.41
C GLU B 287 26.72 -6.26 12.29
N PHE B 288 25.93 -5.21 12.51
CA PHE B 288 24.69 -5.22 13.30
C PHE B 288 25.05 -5.23 14.78
N PRO B 289 25.64 -4.12 15.27
CA PRO B 289 26.00 -4.02 16.68
C PRO B 289 24.71 -4.01 17.52
N THR B 290 24.78 -4.59 18.72
CA THR B 290 23.57 -4.71 19.58
C THR B 290 23.82 -4.33 21.04
N ASP B 291 24.98 -3.82 21.40
CA ASP B 291 25.24 -3.34 22.78
C ASP B 291 25.26 -1.83 22.80
N SER B 292 25.57 -1.25 23.95
CA SER B 292 25.57 0.20 24.22
C SER B 292 26.94 0.80 23.90
N LYS B 293 27.88 0.00 23.39
CA LYS B 293 29.27 0.43 23.15
C LYS B 293 29.72 0.07 21.75
N ASN B 294 28.82 0.14 20.78
CA ASN B 294 29.14 0.01 19.34
C ASN B 294 29.68 -1.37 19.00
N GLY B 295 29.36 -2.41 19.77
CA GLY B 295 29.81 -3.77 19.51
C GLY B 295 28.74 -4.81 19.66
N SER B 296 29.16 -6.03 19.95
CA SER B 296 28.28 -7.21 20.08
C SER B 296 27.50 -7.39 18.77
N PHE B 297 28.23 -7.69 17.71
CA PHE B 297 27.68 -7.78 16.34
C PHE B 297 26.92 -9.07 16.15
N LEU B 298 25.81 -9.03 15.41
CA LEU B 298 25.08 -10.26 15.08
C LEU B 298 25.79 -11.05 13.99
N PHE B 299 26.48 -10.38 13.06
CA PHE B 299 27.26 -11.07 12.01
C PHE B 299 28.74 -10.88 12.24
N PRO B 300 29.54 -11.95 12.07
CA PRO B 300 30.96 -11.92 12.31
C PRO B 300 31.72 -11.42 11.08
N GLY B 301 32.93 -10.94 11.31
CA GLY B 301 33.89 -10.52 10.28
C GLY B 301 35.21 -11.22 10.42
N GLY B 302 36.12 -10.94 9.53
CA GLY B 302 37.42 -11.62 9.55
C GLY B 302 38.18 -11.46 8.29
N TYR B 303 39.37 -12.05 8.28
CA TYR B 303 40.34 -11.96 7.18
C TYR B 303 40.81 -13.37 6.82
N ILE B 304 40.55 -13.77 5.60
CA ILE B 304 41.02 -15.08 5.06
C ILE B 304 42.19 -14.80 4.14
N GLU B 305 43.31 -15.53 4.31
CA GLU B 305 44.49 -15.44 3.45
C GLU B 305 44.71 -16.74 2.72
N ASN B 306 45.01 -16.62 1.44
CA ASN B 306 45.33 -17.77 0.57
C ASN B 306 44.25 -18.83 0.69
N ALA B 307 42.99 -18.40 0.74
CA ALA B 307 41.81 -19.28 0.72
C ALA B 307 41.78 -20.26 1.87
N ASP B 308 42.52 -20.01 2.93
CA ASP B 308 42.56 -20.98 4.05
C ASP B 308 41.57 -20.57 5.13
N LEU B 309 40.38 -21.12 5.09
CA LEU B 309 39.37 -20.80 6.09
C LEU B 309 39.82 -21.25 7.48
N SER B 310 40.59 -22.35 7.54
CA SER B 310 40.92 -23.00 8.83
C SER B 310 41.83 -22.11 9.66
N SER B 311 42.57 -21.17 9.08
CA SER B 311 43.51 -20.30 9.83
C SER B 311 43.14 -18.82 9.74
N TYR B 312 41.87 -18.50 9.42
CA TYR B 312 41.47 -17.09 9.24
C TYR B 312 41.66 -16.34 10.53
N ARG B 313 41.64 -15.01 10.40
CA ARG B 313 41.76 -14.12 11.56
C ARG B 313 40.40 -13.49 11.81
N PRO B 314 39.76 -13.77 12.97
CA PRO B 314 38.50 -13.13 13.32
C PRO B 314 38.66 -11.62 13.51
N ILE B 315 37.62 -10.87 13.16
CA ILE B 315 37.55 -9.44 13.47
C ILE B 315 36.24 -9.25 14.20
N THR B 316 36.26 -8.81 15.46
CA THR B 316 35.07 -8.69 16.30
C THR B 316 34.79 -7.24 16.66
N SER B 317 35.67 -6.32 16.30
CA SER B 317 35.54 -4.91 16.72
C SER B 317 35.78 -4.01 15.52
N HIS B 318 35.00 -2.94 15.43
CA HIS B 318 35.27 -1.86 14.47
C HIS B 318 36.42 -0.94 14.88
N SER B 319 37.03 -1.17 16.06
CA SER B 319 38.25 -0.46 16.49
C SER B 319 39.49 -1.37 16.35
N ASP B 320 39.37 -2.50 15.69
CA ASP B 320 40.48 -3.47 15.51
C ASP B 320 41.69 -2.79 14.87
N GLU B 321 42.79 -2.64 15.63
CA GLU B 321 43.98 -1.92 15.15
C GLU B 321 44.65 -2.65 13.99
N TYR B 322 44.58 -3.98 13.95
CA TYR B 322 45.18 -4.76 12.86
C TYR B 322 44.42 -4.47 11.55
N LEU B 323 43.10 -4.42 11.62
CA LEU B 323 42.29 -4.03 10.42
C LEU B 323 42.65 -2.60 10.02
N ILE B 324 42.63 -1.67 10.98
CA ILE B 324 42.82 -0.24 10.65
C ILE B 324 44.17 -0.05 9.99
N LYS B 325 45.22 -0.65 10.57
CA LYS B 325 46.59 -0.34 10.13
C LYS B 325 46.88 -0.97 8.77
N GLY B 326 46.18 -2.01 8.34
CA GLY B 326 46.52 -2.71 7.10
C GLY B 326 46.04 -2.01 5.85
N ILE B 327 45.07 -1.12 5.98
CA ILE B 327 44.36 -0.61 4.77
C ILE B 327 45.18 0.53 4.16
N GLN B 328 45.49 0.42 2.87
CA GLN B 328 46.13 1.49 2.08
C GLN B 328 45.49 1.53 0.69
N GLU B 329 45.66 2.63 -0.02
CA GLU B 329 45.26 2.74 -1.43
C GLU B 329 46.38 3.38 -2.24
N SER B 330 46.54 2.88 -3.46
CA SER B 330 47.52 3.41 -4.42
C SER B 330 46.80 4.00 -5.62
N ALA B 331 47.39 4.99 -6.24
CA ALA B 331 46.92 5.57 -7.49
C ALA B 331 47.97 5.42 -8.60
N LYS B 332 48.88 4.47 -8.50
CA LYS B 332 49.86 4.29 -9.59
C LYS B 332 49.19 4.20 -10.97
N HIS B 333 48.14 3.38 -11.08
CA HIS B 333 47.43 3.14 -12.38
C HIS B 333 46.07 3.85 -12.38
N SER B 334 45.87 4.81 -11.50
CA SER B 334 44.63 5.62 -11.40
C SER B 334 44.94 7.06 -11.79
N TRP B 335 43.94 7.84 -12.16
CA TRP B 335 44.10 9.25 -12.58
C TRP B 335 44.22 10.18 -11.39
N TYR B 336 45.11 9.87 -10.45
CA TYR B 336 45.45 10.80 -9.35
C TYR B 336 46.97 10.95 -9.30
N LYS B 337 47.38 12.00 -8.61
CA LYS B 337 48.79 12.46 -8.68
C LYS B 337 49.65 11.61 -7.78
N ASP B 338 49.25 11.42 -6.54
CA ASP B 338 50.13 10.75 -5.55
C ASP B 338 49.96 9.26 -5.66
N GLU B 339 51.02 8.51 -5.96
CA GLU B 339 50.91 7.09 -6.38
C GLU B 339 51.32 6.11 -5.28
N ALA B 340 52.14 6.47 -4.30
CA ALA B 340 52.59 5.48 -3.30
C ALA B 340 51.41 5.11 -2.43
N PRO B 341 51.37 3.89 -1.90
CA PRO B 341 50.26 3.46 -1.05
C PRO B 341 50.11 4.46 0.12
N GLN B 342 48.84 4.82 0.37
CA GLN B 342 48.44 5.82 1.39
C GLN B 342 47.47 5.19 2.36
N ALA B 343 47.75 5.32 3.66
CA ALA B 343 46.76 5.08 4.70
C ALA B 343 45.69 6.16 4.54
N PRO B 344 44.38 5.82 4.65
CA PRO B 344 43.35 6.78 4.32
C PRO B 344 43.28 8.05 5.19
N TRP B 345 43.72 8.00 6.45
CA TRP B 345 43.78 9.24 7.24
C TRP B 345 44.80 10.20 6.65
N GLU B 346 45.75 9.68 5.88
CA GLU B 346 46.77 10.51 5.20
C GLU B 346 46.47 10.55 3.70
N GLY B 347 45.30 10.13 3.28
CA GLY B 347 45.02 10.03 1.84
C GLY B 347 44.91 11.37 1.16
N THR B 348 45.27 11.39 -0.13
CA THR B 348 44.95 12.51 -1.02
C THR B 348 44.11 12.02 -2.18
N THR B 349 43.41 12.91 -2.86
CA THR B 349 42.63 12.60 -4.06
C THR B 349 42.85 13.73 -5.07
N ILE B 350 44.05 13.82 -5.61
CA ILE B 350 44.43 14.95 -6.50
C ILE B 350 44.27 14.48 -7.93
N PRO B 351 43.28 14.99 -8.68
CA PRO B 351 43.03 14.48 -10.01
C PRO B 351 44.22 14.77 -10.92
N ALA B 352 44.54 13.83 -11.78
CA ALA B 352 45.66 13.89 -12.74
C ALA B 352 45.30 13.07 -13.98
N TYR B 353 44.23 13.44 -14.66
CA TYR B 353 43.77 12.74 -15.87
C TYR B 353 44.75 13.02 -17.02
N ASP B 354 45.20 11.95 -17.68
CA ASP B 354 46.16 12.04 -18.80
C ASP B 354 45.73 11.07 -19.89
N GLY B 355 44.48 10.62 -19.88
CA GLY B 355 43.96 9.65 -20.85
C GLY B 355 44.36 8.23 -20.54
N TRP B 356 43.82 7.33 -21.36
CA TRP B 356 44.03 5.88 -21.18
C TRP B 356 45.43 5.45 -21.61
N SER B 357 46.10 4.71 -20.74
CA SER B 357 47.33 3.95 -21.09
C SER B 357 47.19 2.52 -20.57
N ASP B 358 47.43 1.50 -21.40
CA ASP B 358 47.39 0.11 -20.91
C ASP B 358 48.35 -0.13 -19.75
N ASP B 359 49.56 0.47 -19.78
CA ASP B 359 50.60 0.23 -18.77
C ASP B 359 50.67 1.39 -17.77
N GLY B 360 49.88 2.44 -17.99
CA GLY B 360 49.94 3.63 -17.13
C GLY B 360 48.61 3.76 -16.36
N LYS B 361 48.02 4.92 -16.44
CA LYS B 361 46.79 5.21 -15.69
C LYS B 361 45.61 4.91 -16.59
N TYR B 362 44.57 4.27 -16.04
CA TYR B 362 43.40 3.90 -16.87
C TYR B 362 42.08 3.88 -16.11
N SER B 363 42.02 4.48 -14.92
CA SER B 363 40.79 4.40 -14.10
C SER B 363 40.73 5.54 -13.10
N TRP B 364 39.50 5.93 -12.73
CA TRP B 364 39.28 6.82 -11.57
C TRP B 364 39.21 6.05 -10.26
N VAL B 365 39.21 4.72 -10.30
CA VAL B 365 39.20 3.90 -9.06
C VAL B 365 40.65 3.84 -8.53
N LYS B 366 40.82 4.01 -7.23
CA LYS B 366 42.10 3.71 -6.57
C LYS B 366 42.26 2.20 -6.36
N SER B 367 43.46 1.78 -5.98
CA SER B 367 43.84 0.35 -5.77
C SER B 367 44.07 0.05 -4.31
N PRO B 368 43.07 -0.47 -3.57
CA PRO B 368 43.28 -0.75 -2.16
C PRO B 368 44.05 -2.05 -1.95
N THR B 369 44.85 -2.07 -0.87
CA THR B 369 45.51 -3.28 -0.40
C THR B 369 45.34 -3.42 1.09
N PHE B 370 45.49 -4.65 1.54
CA PHE B 370 45.53 -5.00 2.97
C PHE B 370 46.90 -5.60 3.30
N TYR B 371 47.70 -4.85 4.03
CA TYR B 371 49.13 -5.20 4.27
C TYR B 371 49.73 -5.63 2.94
N GLY B 372 49.49 -4.88 1.87
CA GLY B 372 50.14 -5.05 0.56
C GLY B 372 49.51 -6.12 -0.30
N LYS B 373 48.42 -6.74 0.13
CA LYS B 373 47.78 -7.80 -0.69
C LYS B 373 46.48 -7.29 -1.34
N THR B 374 46.18 -7.80 -2.51
CA THR B 374 44.84 -7.64 -3.09
C THR B 374 43.83 -8.53 -2.40
N VAL B 375 42.63 -8.00 -2.25
CA VAL B 375 41.59 -8.62 -1.42
C VAL B 375 40.25 -8.46 -2.13
N GLU B 376 39.48 -9.53 -2.15
CA GLU B 376 38.08 -9.45 -2.59
C GLU B 376 37.23 -9.17 -1.36
N VAL B 377 36.27 -8.26 -1.50
CA VAL B 377 35.23 -8.01 -0.49
C VAL B 377 33.85 -8.32 -1.09
N GLY B 378 32.84 -8.36 -0.25
CA GLY B 378 31.46 -8.52 -0.67
C GLY B 378 30.95 -9.89 -0.28
N PRO B 379 29.79 -10.29 -0.78
CA PRO B 379 29.13 -11.48 -0.27
C PRO B 379 29.90 -12.80 -0.36
N LEU B 380 30.82 -12.95 -1.29
CA LEU B 380 31.67 -14.18 -1.29
C LEU B 380 32.60 -14.13 -0.06
N ALA B 381 33.23 -12.98 0.18
CA ALA B 381 34.08 -12.82 1.37
C ALA B 381 33.24 -13.04 2.62
N ASN B 382 32.09 -12.41 2.65
CA ASN B 382 31.22 -12.42 3.84
C ASN B 382 30.80 -13.86 4.20
N MET B 383 30.38 -14.59 3.19
CA MET B 383 29.98 -16.01 3.39
C MET B 383 31.20 -16.82 3.82
N LEU B 384 32.33 -16.67 3.12
CA LEU B 384 33.49 -17.53 3.48
C LEU B 384 33.90 -17.25 4.92
N VAL B 385 33.91 -15.99 5.36
CA VAL B 385 34.32 -15.66 6.75
C VAL B 385 33.32 -16.29 7.71
N LYS B 386 32.02 -16.23 7.43
CA LYS B 386 31.02 -16.85 8.32
C LYS B 386 31.23 -18.37 8.39
N LEU B 387 31.53 -19.00 7.26
CA LEU B 387 31.80 -20.46 7.28
C LEU B 387 33.08 -20.68 8.11
N ALA B 388 34.11 -19.86 7.94
CA ALA B 388 35.36 -20.08 8.70
C ALA B 388 35.07 -19.90 10.18
N ALA B 389 34.16 -19.02 10.57
CA ALA B 389 33.78 -18.76 11.97
C ALA B 389 32.96 -19.93 12.53
N GLY B 390 32.55 -20.87 11.69
CA GLY B 390 31.61 -21.93 12.12
C GLY B 390 30.23 -21.43 12.46
N ARG B 391 29.75 -20.37 11.80
CA ARG B 391 28.38 -19.86 12.03
C ARG B 391 27.39 -20.89 11.46
N GLU B 392 26.61 -21.51 12.33
CA GLU B 392 25.70 -22.59 11.92
C GLU B 392 24.61 -22.08 10.98
N SER B 393 24.14 -20.85 11.20
CA SER B 393 23.08 -20.28 10.36
C SER B 393 23.57 -20.21 8.91
N THR B 394 24.83 -19.81 8.71
CA THR B 394 25.38 -19.69 7.35
C THR B 394 25.57 -21.07 6.72
N GLN B 395 26.19 -22.01 7.47
CA GLN B 395 26.36 -23.37 6.96
C GLN B 395 24.99 -23.95 6.60
N ASN B 396 24.00 -23.76 7.46
CA ASN B 396 22.67 -24.38 7.23
C ASN B 396 22.04 -23.77 5.97
N LYS B 397 22.19 -22.45 5.79
CA LYS B 397 21.55 -21.79 4.65
C LYS B 397 22.23 -22.24 3.36
N LEU B 398 23.55 -22.29 3.31
CA LEU B 398 24.31 -22.79 2.16
C LEU B 398 23.84 -24.23 1.86
N ASN B 399 23.73 -25.04 2.91
CA ASN B 399 23.30 -26.45 2.75
C ASN B 399 21.92 -26.52 2.09
N GLU B 400 21.01 -25.57 2.35
CA GLU B 400 19.66 -25.63 1.73
C GLU B 400 19.82 -25.38 0.21
N ILE B 401 20.70 -24.47 -0.19
CA ILE B 401 20.97 -24.21 -1.62
C ILE B 401 21.63 -25.43 -2.24
N VAL B 402 22.59 -26.00 -1.54
CA VAL B 402 23.27 -27.21 -2.08
C VAL B 402 22.27 -28.37 -2.20
N ALA B 403 21.34 -28.55 -1.27
CA ALA B 403 20.34 -29.65 -1.35
C ALA B 403 19.52 -29.49 -2.63
N ILE B 404 19.09 -28.28 -2.97
CA ILE B 404 18.29 -28.09 -4.21
C ILE B 404 19.17 -28.39 -5.43
N TYR B 405 20.38 -27.88 -5.45
CA TYR B 405 21.37 -28.14 -6.51
C TYR B 405 21.58 -29.66 -6.66
N GLN B 406 21.71 -30.34 -5.54
CA GLN B 406 22.00 -31.80 -5.53
C GLN B 406 20.78 -32.53 -6.08
N LYS B 407 19.57 -32.08 -5.76
CA LYS B 407 18.33 -32.73 -6.26
C LYS B 407 18.32 -32.63 -7.78
N LEU B 408 18.73 -31.50 -8.36
CA LEU B 408 18.67 -31.28 -9.81
C LEU B 408 19.86 -31.94 -10.54
N THR B 409 21.04 -32.01 -9.93
CA THR B 409 22.26 -32.40 -10.66
C THR B 409 22.74 -33.79 -10.21
N GLY B 410 22.38 -34.21 -9.01
CA GLY B 410 23.01 -35.37 -8.33
C GLY B 410 24.37 -35.09 -7.73
N ASN B 411 24.84 -33.83 -7.76
CA ASN B 411 26.20 -33.47 -7.29
C ASN B 411 26.08 -32.55 -6.07
N THR B 412 27.05 -32.63 -5.17
CA THR B 412 27.20 -31.67 -4.06
C THR B 412 28.07 -30.50 -4.55
N LEU B 413 28.23 -29.53 -3.66
CA LEU B 413 29.16 -28.39 -3.87
C LEU B 413 30.16 -28.40 -2.75
N GLU B 414 31.42 -28.25 -3.10
CA GLU B 414 32.47 -28.13 -2.08
C GLU B 414 32.87 -26.66 -1.97
N VAL B 415 33.46 -26.32 -0.85
CA VAL B 415 33.92 -24.92 -0.64
C VAL B 415 34.85 -24.47 -1.78
N ALA B 416 35.72 -25.29 -2.35
CA ALA B 416 36.61 -24.89 -3.46
C ALA B 416 35.79 -24.30 -4.62
N GLN B 417 34.60 -24.85 -4.86
CA GLN B 417 33.73 -24.40 -5.97
C GLN B 417 33.09 -23.05 -5.65
N LEU B 418 33.18 -22.57 -4.43
CA LEU B 418 32.59 -21.26 -4.11
C LEU B 418 33.51 -20.11 -4.53
N HIS B 419 34.78 -20.35 -4.82
CA HIS B 419 35.73 -19.30 -5.27
C HIS B 419 35.53 -19.12 -6.77
N SER B 420 34.39 -18.52 -7.15
CA SER B 420 33.89 -18.57 -8.53
C SER B 420 32.78 -17.54 -8.72
N THR B 421 32.45 -17.29 -9.96
CA THR B 421 31.31 -16.43 -10.32
C THR B 421 30.04 -16.92 -9.63
N LEU B 422 29.73 -18.23 -9.71
CA LEU B 422 28.49 -18.68 -9.05
C LEU B 422 28.63 -18.67 -7.54
N GLY B 423 29.81 -18.94 -6.97
CA GLY B 423 29.98 -18.87 -5.51
C GLY B 423 29.69 -17.48 -4.99
N ARG B 424 30.06 -16.47 -5.76
CA ARG B 424 29.84 -15.07 -5.39
C ARG B 424 28.34 -14.76 -5.35
N ILE B 425 27.61 -15.25 -6.37
CA ILE B 425 26.15 -15.11 -6.41
C ILE B 425 25.50 -15.87 -5.23
N ILE B 426 25.98 -17.08 -4.95
CA ILE B 426 25.48 -17.85 -3.80
C ILE B 426 25.69 -17.10 -2.48
N GLY B 427 26.88 -16.54 -2.26
CA GLY B 427 27.15 -15.80 -1.01
C GLY B 427 26.18 -14.64 -0.84
N ARG B 428 25.81 -13.99 -1.95
CA ARG B 428 24.84 -12.86 -1.90
C ARG B 428 23.45 -13.38 -1.48
N THR B 429 23.01 -14.49 -2.08
CA THR B 429 21.71 -15.04 -1.71
C THR B 429 21.69 -15.47 -0.23
N VAL B 430 22.74 -16.15 0.22
CA VAL B 430 22.84 -16.59 1.62
C VAL B 430 22.70 -15.37 2.53
N HIS B 431 23.39 -14.30 2.18
CA HIS B 431 23.26 -13.06 2.95
C HIS B 431 21.82 -12.61 3.01
N CYS B 432 21.19 -12.47 1.85
CA CYS B 432 19.79 -12.00 1.84
C CYS B 432 18.93 -12.89 2.73
N CYS B 433 19.09 -14.19 2.65
CA CYS B 433 18.28 -15.11 3.48
C CYS B 433 18.57 -14.85 4.98
N GLU B 434 19.83 -14.77 5.38
CA GLU B 434 20.15 -14.58 6.82
C GLU B 434 19.70 -13.21 7.33
N LEU B 435 19.61 -12.21 6.44
CA LEU B 435 19.15 -10.88 6.87
C LEU B 435 17.68 -10.89 7.31
N GLN B 436 16.87 -11.86 6.92
CA GLN B 436 15.47 -11.85 7.35
C GLN B 436 15.41 -12.12 8.88
N ASP B 437 16.28 -13.00 9.35
CA ASP B 437 16.34 -13.25 10.81
C ASP B 437 16.93 -12.03 11.52
N ILE B 438 17.88 -11.30 10.91
CA ILE B 438 18.36 -10.04 11.52
C ILE B 438 17.18 -9.10 11.76
N LEU B 439 16.35 -8.94 10.74
CA LEU B 439 15.18 -8.04 10.87
C LEU B 439 14.28 -8.49 12.01
N GLN B 440 13.90 -9.79 12.07
CA GLN B 440 13.00 -10.23 13.14
C GLN B 440 13.64 -10.01 14.50
N ASN B 441 14.93 -10.31 14.60
CA ASN B 441 15.68 -10.22 15.88
C ASN B 441 15.70 -8.77 16.35
N GLN B 442 15.99 -7.83 15.43
CA GLN B 442 16.20 -6.44 15.83
C GLN B 442 14.86 -5.74 16.05
N TYR B 443 13.82 -6.09 15.31
CA TYR B 443 12.48 -5.56 15.64
C TYR B 443 12.09 -6.01 17.06
N SER B 444 12.24 -7.29 17.33
CA SER B 444 11.89 -7.85 18.66
CA SER B 444 11.92 -7.85 18.67
C SER B 444 12.75 -7.14 19.73
N ALA B 445 14.03 -6.94 19.48
CA ALA B 445 14.93 -6.26 20.47
C ALA B 445 14.42 -4.85 20.75
N LEU B 446 14.02 -4.11 19.72
CA LEU B 446 13.55 -2.72 19.88
C LEU B 446 12.28 -2.71 20.72
N ILE B 447 11.29 -3.52 20.38
CA ILE B 447 10.01 -3.60 21.14
C ILE B 447 10.32 -3.92 22.60
N THR B 448 11.17 -4.90 22.84
CA THR B 448 11.53 -5.33 24.23
C THR B 448 12.16 -4.16 24.97
N ASN B 449 13.12 -3.51 24.35
CA ASN B 449 13.90 -2.47 25.03
C ASN B 449 13.00 -1.27 25.34
N ILE B 450 12.12 -0.89 24.42
CA ILE B 450 11.19 0.23 24.68
C ILE B 450 10.31 -0.16 25.87
N GLY B 451 9.91 -1.40 25.95
CA GLY B 451 9.04 -1.94 27.01
C GLY B 451 9.71 -1.87 28.37
N LYS B 452 11.03 -1.90 28.41
CA LYS B 452 11.79 -1.75 29.68
C LYS B 452 11.87 -0.29 30.12
N GLY B 453 11.41 0.66 29.32
CA GLY B 453 11.42 2.09 29.63
C GLY B 453 12.56 2.86 29.01
N ASP B 454 13.31 2.26 28.10
CA ASP B 454 14.40 2.96 27.39
C ASP B 454 13.86 3.58 26.08
N HIS B 455 13.72 4.88 26.07
CA HIS B 455 13.28 5.60 24.85
C HIS B 455 14.42 6.44 24.32
N THR B 456 15.65 6.22 24.78
CA THR B 456 16.78 7.07 24.37
C THR B 456 17.24 6.72 22.94
N THR B 457 17.61 7.75 22.21
CA THR B 457 17.95 7.60 20.77
C THR B 457 19.17 8.41 20.35
N PHE B 458 19.58 9.41 21.12
CA PHE B 458 20.56 10.43 20.69
C PHE B 458 21.41 10.92 21.87
N VAL B 459 22.70 10.93 21.65
CA VAL B 459 23.73 11.51 22.55
C VAL B 459 24.28 12.73 21.81
N LYS B 460 24.00 13.95 22.28
CA LYS B 460 24.48 15.15 21.59
C LYS B 460 26.01 15.22 21.63
N PRO B 461 26.71 15.34 20.50
CA PRO B 461 28.15 15.47 20.49
C PRO B 461 28.65 16.86 20.92
N ASN B 462 29.85 16.85 21.45
CA ASN B 462 30.68 18.06 21.52
C ASN B 462 31.90 17.81 20.65
N ILE B 463 32.30 18.86 19.95
CA ILE B 463 33.42 18.79 18.99
C ILE B 463 34.44 19.85 19.41
N PRO B 464 35.58 19.43 20.00
CA PRO B 464 36.60 20.38 20.41
C PRO B 464 36.95 21.31 19.25
N ALA B 465 37.09 22.61 19.55
CA ALA B 465 37.35 23.66 18.56
C ALA B 465 38.83 23.71 18.20
N THR B 466 39.68 22.99 18.90
CA THR B 466 41.14 22.89 18.66
C THR B 466 41.49 21.42 18.72
N GLY B 467 42.72 21.08 18.31
CA GLY B 467 43.17 19.70 18.26
C GLY B 467 42.82 19.01 16.95
N GLU B 468 43.48 17.91 16.73
CA GLU B 468 43.36 17.16 15.47
CA GLU B 468 43.33 17.15 15.47
C GLU B 468 43.10 15.72 15.89
N PHE B 469 42.02 15.12 15.41
CA PHE B 469 41.73 13.74 15.83
C PHE B 469 41.00 13.02 14.70
N LYS B 470 41.07 11.71 14.76
CA LYS B 470 40.86 10.81 13.60
C LYS B 470 39.85 9.75 13.97
N GLY B 471 38.94 9.44 13.05
CA GLY B 471 37.96 8.37 13.27
C GLY B 471 37.78 7.56 12.02
N VAL B 472 37.29 6.33 12.19
CA VAL B 472 37.00 5.45 11.05
C VAL B 472 35.71 4.70 11.38
N GLY B 473 34.82 4.69 10.37
CA GLY B 473 33.55 3.98 10.47
C GLY B 473 33.54 2.83 9.48
N PHE B 474 33.41 1.62 10.00
CA PHE B 474 33.30 0.40 9.19
C PHE B 474 31.84 -0.02 9.08
N LEU B 475 31.52 -0.63 7.94
CA LEU B 475 30.15 -1.13 7.70
C LEU B 475 30.24 -2.26 6.70
N GLU B 476 29.53 -3.35 6.94
CA GLU B 476 29.48 -4.47 5.96
C GLU B 476 28.30 -4.20 5.01
N ALA B 477 28.62 -3.56 3.89
CA ALA B 477 27.64 -3.07 2.91
C ALA B 477 27.21 -4.22 2.01
N PRO B 478 26.17 -4.01 1.18
CA PRO B 478 25.75 -5.08 0.28
C PRO B 478 26.84 -5.57 -0.68
N LYS B 479 27.75 -4.68 -1.06
CA LYS B 479 28.89 -5.02 -1.94
C LYS B 479 30.14 -5.38 -1.15
N GLY B 480 30.13 -5.25 0.17
CA GLY B 480 31.26 -5.63 1.04
C GLY B 480 31.69 -4.55 2.00
N MET B 481 32.85 -4.76 2.59
CA MET B 481 33.39 -3.86 3.61
C MET B 481 33.55 -2.44 3.07
N LEU B 482 32.95 -1.52 3.79
CA LEU B 482 33.01 -0.05 3.57
C LEU B 482 33.71 0.60 4.74
N SER B 483 34.55 1.57 4.46
CA SER B 483 35.10 2.41 5.52
C SER B 483 35.17 3.86 5.09
N HIS B 484 34.76 4.72 6.03
CA HIS B 484 34.87 6.18 5.92
C HIS B 484 35.87 6.65 6.98
N TRP B 485 36.81 7.47 6.56
CA TRP B 485 37.97 7.91 7.37
C TRP B 485 37.94 9.44 7.47
N MET B 486 37.71 9.94 8.67
CA MET B 486 37.50 11.38 8.91
C MET B 486 38.63 11.89 9.78
N VAL B 487 39.30 12.95 9.37
CA VAL B 487 40.20 13.71 10.24
C VAL B 487 39.53 15.04 10.53
N ILE B 488 39.49 15.40 11.80
CA ILE B 488 38.93 16.68 12.28
C ILE B 488 40.08 17.55 12.77
N LYS B 489 40.14 18.79 12.33
CA LYS B 489 41.16 19.74 12.85
C LYS B 489 40.46 21.05 13.11
N ASP B 490 40.62 21.57 14.32
CA ASP B 490 39.97 22.85 14.73
C ASP B 490 38.48 22.83 14.40
N GLY B 491 37.87 21.70 14.62
CA GLY B 491 36.41 21.53 14.65
C GLY B 491 35.81 21.24 13.29
N ILE B 492 36.60 21.21 12.22
CA ILE B 492 36.06 20.95 10.86
C ILE B 492 36.80 19.78 10.23
N ILE B 493 36.19 19.21 9.19
CA ILE B 493 36.81 18.07 8.48
C ILE B 493 38.03 18.57 7.69
N SER B 494 39.18 18.10 8.06
CA SER B 494 40.44 18.42 7.34
C SER B 494 40.81 17.32 6.34
N ASN B 495 40.34 16.10 6.53
CA ASN B 495 40.51 15.03 5.54
C ASN B 495 39.30 14.13 5.61
N TYR B 496 38.91 13.64 4.45
CA TYR B 496 37.83 12.65 4.36
C TYR B 496 38.19 11.68 3.26
N GLN B 497 38.20 10.40 3.56
CA GLN B 497 38.55 9.38 2.55
C GLN B 497 37.56 8.23 2.72
N ALA B 498 36.92 7.87 1.62
CA ALA B 498 36.05 6.70 1.58
C ALA B 498 36.78 5.60 0.82
N VAL B 499 36.83 4.41 1.42
CA VAL B 499 37.43 3.21 0.79
C VAL B 499 36.25 2.25 0.68
N VAL B 500 35.76 2.06 -0.53
CA VAL B 500 34.42 1.52 -0.73
C VAL B 500 34.55 0.10 -1.28
N PRO B 501 33.60 -0.81 -1.03
CA PRO B 501 33.82 -2.19 -1.46
C PRO B 501 34.11 -2.35 -2.95
N SER B 502 33.40 -1.64 -3.83
CA SER B 502 33.69 -1.75 -5.28
C SER B 502 35.06 -1.14 -5.59
N THR B 503 35.62 -0.30 -4.73
CA THR B 503 37.03 0.17 -4.89
C THR B 503 37.96 -1.06 -4.76
N TRP B 504 37.81 -1.86 -3.71
CA TRP B 504 38.63 -3.10 -3.55
C TRP B 504 38.50 -3.96 -4.79
N ASN B 505 37.30 -4.21 -5.25
CA ASN B 505 37.11 -5.26 -6.28
C ASN B 505 37.44 -4.72 -7.67
N SER B 506 37.11 -3.49 -7.98
CA SER B 506 37.20 -2.90 -9.34
C SER B 506 38.52 -2.15 -9.56
N GLY B 507 39.26 -1.89 -8.50
CA GLY B 507 40.45 -1.04 -8.65
C GLY B 507 41.39 -1.61 -9.68
N PRO B 508 42.16 -0.74 -10.32
CA PRO B 508 43.12 -1.18 -11.35
C PRO B 508 44.39 -1.77 -10.73
N ARG B 509 45.28 -2.18 -11.61
CA ARG B 509 46.58 -2.71 -11.14
C ARG B 509 47.22 -1.76 -10.11
N ASN B 510 47.84 -2.33 -9.10
CA ASN B 510 48.23 -1.54 -7.90
C ASN B 510 49.70 -1.06 -7.99
N PHE B 511 50.26 -0.64 -6.86
CA PHE B 511 51.63 -0.04 -6.85
C PHE B 511 52.64 -1.09 -7.30
N ASN B 512 52.36 -2.36 -7.06
CA ASN B 512 53.24 -3.49 -7.46
C ASN B 512 52.76 -4.11 -8.76
N ASP B 513 51.82 -3.45 -9.47
CA ASP B 513 51.21 -3.92 -10.73
C ASP B 513 50.45 -5.23 -10.52
N ASP B 514 50.07 -5.52 -9.29
CA ASP B 514 49.24 -6.71 -8.98
C ASP B 514 47.82 -6.39 -9.47
N VAL B 515 47.13 -7.45 -9.75
CA VAL B 515 45.83 -7.42 -10.41
C VAL B 515 44.77 -7.63 -9.32
N GLY B 516 43.82 -6.73 -9.32
CA GLY B 516 42.68 -6.80 -8.38
C GLY B 516 41.57 -7.69 -8.92
N PRO B 517 40.52 -7.88 -8.11
CA PRO B 517 39.57 -8.97 -8.35
C PRO B 517 38.85 -8.96 -9.70
N TYR B 518 38.28 -7.84 -10.14
CA TYR B 518 37.60 -7.85 -11.48
C TYR B 518 38.56 -8.30 -12.55
N GLU B 519 39.73 -7.72 -12.60
CA GLU B 519 40.72 -7.99 -13.66
C GLU B 519 41.20 -9.42 -13.56
N GLN B 520 41.47 -9.88 -12.36
CA GLN B 520 41.97 -11.27 -12.20
C GLN B 520 40.88 -12.28 -12.58
N SER B 521 39.62 -12.01 -12.19
CA SER B 521 38.47 -12.91 -12.40
C SER B 521 38.25 -13.19 -13.89
N LEU B 522 38.65 -12.28 -14.78
CA LEU B 522 38.33 -12.45 -16.19
C LEU B 522 39.36 -13.36 -16.89
N VAL B 523 40.56 -13.48 -16.35
CA VAL B 523 41.61 -14.32 -17.01
C VAL B 523 40.97 -15.71 -17.17
N GLY B 524 41.00 -16.25 -18.39
CA GLY B 524 40.48 -17.61 -18.62
C GLY B 524 39.07 -17.65 -19.13
N THR B 525 38.40 -16.51 -19.22
CA THR B 525 36.96 -16.50 -19.57
C THR B 525 36.85 -16.88 -21.04
N PRO B 526 36.08 -17.90 -21.41
CA PRO B 526 35.83 -18.15 -22.82
C PRO B 526 34.90 -17.09 -23.41
N VAL B 527 35.15 -16.65 -24.62
CA VAL B 527 34.33 -15.63 -25.33
C VAL B 527 33.96 -16.19 -26.69
N ALA B 528 32.74 -16.73 -26.81
CA ALA B 528 32.30 -17.39 -28.06
C ALA B 528 32.24 -16.39 -29.20
N ASP B 529 31.79 -15.19 -28.93
CA ASP B 529 31.58 -14.11 -29.92
C ASP B 529 32.19 -12.85 -29.35
N PRO B 530 33.35 -12.41 -29.86
CA PRO B 530 34.05 -11.27 -29.30
C PRO B 530 33.28 -9.96 -29.50
N ASN B 531 32.33 -9.90 -30.42
CA ASN B 531 31.47 -8.70 -30.61
C ASN B 531 30.37 -8.65 -29.53
N LYS B 532 30.11 -9.78 -28.90
CA LYS B 532 29.01 -9.90 -27.90
C LYS B 532 29.51 -10.67 -26.69
N PRO B 533 30.45 -10.09 -25.92
CA PRO B 533 31.15 -10.81 -24.85
C PRO B 533 30.32 -10.98 -23.57
N LEU B 534 29.22 -11.69 -23.71
CA LEU B 534 28.30 -12.01 -22.61
C LEU B 534 29.05 -12.68 -21.46
N GLU B 535 30.02 -13.54 -21.75
CA GLU B 535 30.68 -14.33 -20.69
C GLU B 535 31.48 -13.37 -19.78
N VAL B 536 32.05 -12.32 -20.33
CA VAL B 536 32.81 -11.32 -19.52
C VAL B 536 31.84 -10.59 -18.60
N VAL B 537 30.71 -10.18 -19.13
CA VAL B 537 29.70 -9.43 -18.35
C VAL B 537 29.13 -10.31 -17.25
N ARG B 538 28.96 -11.61 -17.51
CA ARG B 538 28.46 -12.53 -16.46
C ARG B 538 29.36 -12.45 -15.23
N THR B 539 30.68 -12.59 -15.40
CA THR B 539 31.60 -12.61 -14.26
C THR B 539 31.64 -11.20 -13.64
N ILE B 540 31.69 -10.14 -14.43
CA ILE B 540 31.77 -8.80 -13.83
C ILE B 540 30.47 -8.51 -13.04
N HIS B 541 29.32 -8.87 -13.55
CA HIS B 541 28.07 -8.62 -12.82
C HIS B 541 28.07 -9.38 -11.50
N SER B 542 28.74 -10.52 -11.40
CA SER B 542 28.69 -11.31 -10.15
C SER B 542 29.21 -10.52 -8.97
N PHE B 543 30.10 -9.54 -9.22
CA PHE B 543 30.66 -8.65 -8.19
C PHE B 543 29.71 -7.50 -7.84
N ASP B 544 28.61 -7.35 -8.56
CA ASP B 544 27.65 -6.24 -8.30
C ASP B 544 28.39 -4.90 -8.35
N PRO B 545 28.94 -4.53 -9.51
CA PRO B 545 29.67 -3.27 -9.60
C PRO B 545 28.80 -2.06 -9.27
N CYS B 546 29.44 -1.18 -8.52
CA CYS B 546 28.88 0.15 -8.21
C CYS B 546 30.00 1.17 -8.42
N MET B 547 29.96 1.91 -9.51
CA MET B 547 31.12 2.77 -9.85
C MET B 547 31.01 4.16 -9.22
N ALA B 548 29.81 4.60 -8.90
CA ALA B 548 29.64 5.83 -8.09
C ALA B 548 30.30 5.54 -6.74
N CYS B 549 30.04 4.35 -6.20
CA CYS B 549 30.73 3.88 -4.99
C CYS B 549 32.23 3.75 -5.22
N ALA B 550 32.65 3.07 -6.29
CA ALA B 550 34.08 2.73 -6.43
C ALA B 550 34.90 4.02 -6.46
N VAL B 551 34.40 5.03 -7.18
CA VAL B 551 35.16 6.26 -7.50
C VAL B 551 34.81 7.44 -6.58
N HIS B 552 33.53 7.68 -6.33
CA HIS B 552 33.07 8.83 -5.50
C HIS B 552 33.73 10.13 -5.97
N PRO C 8 -0.24 -22.04 19.87
CA PRO C 8 0.03 -20.93 20.83
C PRO C 8 -1.23 -20.06 21.04
N GLN C 9 -1.70 -19.90 22.29
CA GLN C 9 -3.03 -19.30 22.62
C GLN C 9 -3.04 -17.79 22.32
N ARG C 10 -4.15 -17.30 21.81
CA ARG C 10 -4.30 -15.86 21.45
C ARG C 10 -5.24 -15.21 22.45
N PRO C 11 -5.02 -13.92 22.74
CA PRO C 11 -5.84 -13.20 23.70
C PRO C 11 -7.29 -13.10 23.20
N PRO C 12 -8.28 -13.46 24.05
CA PRO C 12 -9.67 -13.48 23.64
C PRO C 12 -10.32 -12.07 23.63
N VAL C 13 -11.21 -11.87 22.66
CA VAL C 13 -11.97 -10.61 22.46
C VAL C 13 -13.43 -10.96 22.27
N ILE C 14 -14.31 -10.22 22.94
CA ILE C 14 -15.78 -10.34 22.80
C ILE C 14 -16.22 -8.98 22.27
N TRP C 15 -16.88 -8.98 21.12
CA TRP C 15 -17.40 -7.76 20.45
C TRP C 15 -18.92 -7.77 20.41
N ILE C 16 -19.50 -6.74 20.94
CA ILE C 16 -20.98 -6.58 21.02
C ILE C 16 -21.38 -5.26 20.37
N GLY C 17 -22.29 -5.35 19.38
CA GLY C 17 -22.87 -4.14 18.78
C GLY C 17 -24.19 -3.77 19.39
N ALA C 18 -24.36 -2.53 19.75
CA ALA C 18 -25.63 -2.07 20.36
C ALA C 18 -26.45 -1.31 19.31
N GLN C 19 -26.43 0.00 19.32
CA GLN C 19 -27.07 0.78 18.22
C GLN C 19 -25.98 1.17 17.22
N GLU C 20 -25.39 0.19 16.62
CA GLU C 20 -24.22 0.44 15.72
C GLU C 20 -24.72 0.50 14.28
N CYS C 21 -23.93 1.17 13.45
CA CYS C 21 -24.19 1.18 11.98
C CYS C 21 -23.29 0.17 11.26
N THR C 22 -22.36 -0.44 12.00
CA THR C 22 -21.39 -1.46 11.54
C THR C 22 -20.15 -0.78 10.94
N GLY C 23 -20.13 0.54 10.80
CA GLY C 23 -18.96 1.23 10.30
C GLY C 23 -17.71 0.97 11.12
N CYS C 24 -17.85 0.83 12.44
CA CYS C 24 -16.68 0.59 13.32
C CYS C 24 -16.08 -0.79 13.08
N THR C 25 -16.88 -1.82 12.87
CA THR C 25 -16.37 -3.13 12.43
C THR C 25 -15.78 -3.02 11.01
N GLU C 26 -16.48 -2.30 10.11
CA GLU C 26 -16.00 -2.16 8.71
C GLU C 26 -14.62 -1.50 8.65
N SER C 27 -14.32 -0.63 9.61
CA SER C 27 -12.98 0.00 9.62
C SER C 27 -11.91 -1.09 9.63
N LEU C 28 -12.14 -2.24 10.29
CA LEU C 28 -11.13 -3.31 10.36
C LEU C 28 -10.82 -3.84 8.95
N LEU C 29 -11.76 -3.76 8.02
CA LEU C 29 -11.55 -4.29 6.65
C LEU C 29 -10.63 -3.37 5.83
N ARG C 30 -10.31 -2.17 6.33
CA ARG C 30 -9.35 -1.26 5.67
C ARG C 30 -7.98 -1.38 6.35
N ALA C 31 -7.90 -1.99 7.51
CA ALA C 31 -6.64 -2.04 8.27
C ALA C 31 -5.56 -2.81 7.53
N THR C 32 -4.30 -2.46 7.81
CA THR C 32 -3.14 -3.12 7.19
C THR C 32 -2.17 -3.62 8.23
N HIS C 33 -2.28 -3.27 9.51
CA HIS C 33 -1.21 -3.63 10.47
C HIS C 33 -1.81 -3.78 11.86
N PRO C 34 -2.54 -4.87 12.13
CA PRO C 34 -2.78 -5.97 11.18
C PRO C 34 -4.01 -5.85 10.25
N THR C 35 -3.93 -6.57 9.13
CA THR C 35 -5.11 -6.85 8.30
C THR C 35 -6.14 -7.59 9.16
N VAL C 36 -7.39 -7.54 8.77
CA VAL C 36 -8.44 -8.23 9.59
C VAL C 36 -8.16 -9.73 9.61
N GLU C 37 -7.66 -10.32 8.54
CA GLU C 37 -7.40 -11.77 8.53
C GLU C 37 -6.26 -12.10 9.48
N ASN C 38 -5.23 -11.26 9.54
CA ASN C 38 -4.14 -11.53 10.50
C ASN C 38 -4.65 -11.24 11.90
N LEU C 39 -5.50 -10.24 12.08
CA LEU C 39 -6.08 -9.97 13.41
C LEU C 39 -6.72 -11.25 13.95
N VAL C 40 -7.58 -11.87 13.17
CA VAL C 40 -8.42 -12.95 13.75
C VAL C 40 -7.68 -14.28 13.70
N LEU C 41 -6.63 -14.44 12.92
CA LEU C 41 -5.90 -15.74 12.84
C LEU C 41 -4.66 -15.70 13.73
N GLU C 42 -4.06 -14.53 13.92
CA GLU C 42 -2.73 -14.42 14.57
CA GLU C 42 -2.76 -14.38 14.49
C GLU C 42 -2.76 -13.58 15.84
N THR C 43 -3.36 -12.42 15.84
CA THR C 43 -3.23 -11.42 16.93
C THR C 43 -4.16 -11.76 18.10
N ILE C 44 -5.44 -12.05 17.83
CA ILE C 44 -6.47 -12.28 18.88
C ILE C 44 -7.18 -13.57 18.55
N SER C 45 -7.96 -14.02 19.52
CA SER C 45 -9.06 -14.95 19.27
C SER C 45 -10.35 -14.17 19.40
N LEU C 46 -11.01 -13.93 18.26
CA LEU C 46 -12.28 -13.21 18.24
C LEU C 46 -13.34 -14.25 18.62
N GLU C 47 -13.74 -14.21 19.88
CA GLU C 47 -14.60 -15.27 20.47
C GLU C 47 -16.08 -15.00 20.17
N TYR C 48 -16.40 -13.74 19.89
CA TYR C 48 -17.78 -13.33 19.56
C TYR C 48 -17.73 -12.09 18.68
N HIS C 49 -18.39 -12.16 17.54
CA HIS C 49 -18.56 -11.03 16.58
C HIS C 49 -19.61 -11.48 15.57
N GLU C 50 -20.79 -10.92 15.70
CA GLU C 50 -21.95 -11.40 14.91
C GLU C 50 -21.79 -11.10 13.42
N VAL C 51 -20.93 -10.15 13.05
CA VAL C 51 -20.78 -9.86 11.60
C VAL C 51 -20.07 -11.02 10.90
N LEU C 52 -19.13 -11.71 11.56
CA LEU C 52 -18.26 -12.71 10.88
C LEU C 52 -18.57 -14.13 11.33
N SER C 53 -19.33 -14.31 12.41
CA SER C 53 -19.51 -15.62 13.09
C SER C 53 -20.14 -16.65 12.13
N ALA C 54 -19.56 -17.84 12.02
CA ALA C 54 -20.16 -18.97 11.29
C ALA C 54 -21.50 -19.36 11.95
N ALA C 55 -21.47 -19.45 13.27
CA ALA C 55 -22.68 -19.86 14.03
C ALA C 55 -23.67 -18.70 14.06
N PHE C 56 -24.95 -19.04 14.20
CA PHE C 56 -26.06 -18.07 14.38
C PHE C 56 -26.95 -18.56 15.51
N GLY C 57 -27.88 -17.74 15.89
CA GLY C 57 -29.00 -18.10 16.79
C GLY C 57 -28.51 -18.76 18.06
N HIS C 58 -29.07 -19.95 18.35
CA HIS C 58 -28.80 -20.64 19.64
C HIS C 58 -27.34 -21.02 19.71
N GLN C 59 -26.74 -21.40 18.58
CA GLN C 59 -25.33 -21.85 18.57
C GLN C 59 -24.45 -20.66 18.98
N VAL C 60 -24.76 -19.45 18.51
CA VAL C 60 -23.84 -18.33 18.77
C VAL C 60 -24.08 -17.82 20.20
N GLU C 61 -25.28 -17.97 20.74
CA GLU C 61 -25.54 -17.62 22.16
C GLU C 61 -24.81 -18.70 23.03
N GLU C 62 -24.72 -19.95 22.58
CA GLU C 62 -23.86 -20.95 23.28
C GLU C 62 -22.40 -20.47 23.26
N ASN C 63 -21.87 -20.08 22.11
CA ASN C 63 -20.47 -19.62 21.97
C ASN C 63 -20.23 -18.47 22.95
N LYS C 64 -21.15 -17.55 23.07
CA LYS C 64 -20.91 -16.37 23.93
C LYS C 64 -20.79 -16.83 25.40
N HIS C 65 -21.74 -17.64 25.83
CA HIS C 65 -21.80 -18.08 27.26
C HIS C 65 -20.54 -18.91 27.54
N ASN C 66 -20.16 -19.81 26.65
CA ASN C 66 -18.93 -20.65 26.77
C ASN C 66 -17.71 -19.74 26.90
N ALA C 67 -17.61 -18.69 26.09
CA ALA C 67 -16.43 -17.79 26.08
C ALA C 67 -16.39 -16.96 27.36
N LEU C 68 -17.52 -16.44 27.83
CA LEU C 68 -17.54 -15.59 29.03
C LEU C 68 -17.05 -16.42 30.22
N GLU C 69 -17.39 -17.71 30.22
CA GLU C 69 -17.00 -18.61 31.35
C GLU C 69 -15.54 -19.01 31.20
N LYS C 70 -15.16 -19.54 30.04
CA LYS C 70 -13.80 -20.00 29.77
C LYS C 70 -12.79 -18.87 30.01
N TYR C 71 -13.09 -17.64 29.58
CA TYR C 71 -12.09 -16.55 29.57
C TYR C 71 -12.44 -15.50 30.62
N LYS C 72 -13.23 -15.84 31.64
CA LYS C 72 -13.56 -14.88 32.71
C LYS C 72 -12.28 -14.23 33.22
N GLY C 73 -12.26 -12.90 33.31
CA GLY C 73 -11.16 -12.04 33.76
C GLY C 73 -10.09 -11.83 32.70
N GLN C 74 -10.22 -12.42 31.51
CA GLN C 74 -9.11 -12.41 30.52
C GLN C 74 -9.47 -11.66 29.24
N TYR C 75 -10.73 -11.53 28.88
CA TYR C 75 -11.07 -11.06 27.51
C TYR C 75 -11.15 -9.55 27.52
N VAL C 76 -10.93 -9.01 26.33
CA VAL C 76 -11.21 -7.57 26.03
C VAL C 76 -12.63 -7.52 25.47
N LEU C 77 -13.44 -6.69 26.07
CA LEU C 77 -14.81 -6.43 25.60
C LEU C 77 -14.73 -5.17 24.74
N VAL C 78 -15.32 -5.27 23.55
CA VAL C 78 -15.43 -4.13 22.60
C VAL C 78 -16.90 -3.89 22.35
N VAL C 79 -17.31 -2.63 22.42
CA VAL C 79 -18.71 -2.28 22.02
C VAL C 79 -18.69 -1.14 20.99
N ASP C 80 -19.44 -1.33 19.92
CA ASP C 80 -19.78 -0.21 19.00
C ASP C 80 -21.28 0.07 19.12
N GLY C 81 -21.63 1.29 18.79
CA GLY C 81 -23.01 1.78 18.93
C GLY C 81 -23.30 2.38 20.29
N SER C 82 -24.34 3.19 20.38
CA SER C 82 -24.86 3.72 21.65
C SER C 82 -25.73 2.63 22.29
N ILE C 83 -26.02 2.83 23.57
CA ILE C 83 -26.86 1.86 24.33
C ILE C 83 -28.14 2.58 24.73
N PRO C 84 -29.30 2.11 24.22
CA PRO C 84 -30.56 2.84 24.45
C PRO C 84 -31.22 2.41 25.77
N LEU C 85 -31.42 3.37 26.65
CA LEU C 85 -32.02 3.10 27.99
C LEU C 85 -33.52 3.43 27.98
N LYS C 86 -34.07 4.16 27.01
CA LYS C 86 -35.51 4.56 27.04
C LYS C 86 -36.38 3.29 27.03
N ASP C 87 -37.52 3.33 27.76
CA ASP C 87 -38.54 2.26 27.71
C ASP C 87 -37.87 0.94 28.02
N ASN C 88 -37.04 0.88 29.08
CA ASN C 88 -36.56 -0.39 29.68
C ASN C 88 -35.68 -1.16 28.68
N GLY C 89 -34.99 -0.43 27.79
CA GLY C 89 -33.94 -1.03 26.93
C GLY C 89 -34.46 -1.64 25.62
N ILE C 90 -35.75 -1.51 25.26
CA ILE C 90 -36.35 -2.31 24.17
C ILE C 90 -35.92 -1.77 22.78
N TYR C 91 -35.21 -0.65 22.69
CA TYR C 91 -34.81 -0.12 21.34
C TYR C 91 -33.62 -0.91 20.77
N CYS C 92 -33.08 -1.87 21.48
CA CYS C 92 -32.17 -2.89 20.91
C CYS C 92 -32.33 -4.21 21.67
N MET C 93 -32.92 -5.19 21.05
CA MET C 93 -33.25 -6.49 21.68
C MET C 93 -32.58 -7.60 20.89
N VAL C 94 -31.74 -8.38 21.56
CA VAL C 94 -31.00 -9.50 20.94
C VAL C 94 -31.36 -10.75 21.75
N ALA C 95 -31.77 -11.81 21.07
CA ALA C 95 -32.24 -13.08 21.70
C ALA C 95 -33.28 -12.72 22.75
N GLY C 96 -34.16 -11.74 22.49
CA GLY C 96 -35.30 -11.37 23.31
C GLY C 96 -34.94 -10.57 24.55
N GLU C 97 -33.73 -10.00 24.66
CA GLU C 97 -33.29 -9.28 25.86
C GLU C 97 -32.56 -7.99 25.50
N PRO C 98 -32.72 -6.93 26.30
CA PRO C 98 -32.14 -5.64 26.00
C PRO C 98 -30.62 -5.74 25.90
N ILE C 99 -30.04 -5.06 24.90
CA ILE C 99 -28.58 -5.16 24.71
C ILE C 99 -27.84 -4.61 25.92
N VAL C 100 -28.41 -3.67 26.70
CA VAL C 100 -27.72 -3.18 27.92
C VAL C 100 -27.45 -4.35 28.87
N ASP C 101 -28.32 -5.35 28.91
CA ASP C 101 -28.14 -6.52 29.84
C ASP C 101 -27.01 -7.42 29.33
N HIS C 102 -26.94 -7.68 28.01
CA HIS C 102 -25.84 -8.43 27.37
C HIS C 102 -24.50 -7.74 27.68
N ILE C 103 -24.46 -6.41 27.57
CA ILE C 103 -23.21 -5.64 27.76
C ILE C 103 -22.81 -5.67 29.23
N ARG C 104 -23.78 -5.46 30.13
CA ARG C 104 -23.42 -5.44 31.56
C ARG C 104 -22.91 -6.83 31.96
N LYS C 105 -23.49 -7.89 31.41
CA LYS C 105 -23.09 -9.28 31.76
C LYS C 105 -21.66 -9.51 31.27
N ALA C 106 -21.37 -9.14 30.03
CA ALA C 106 -20.03 -9.32 29.45
C ALA C 106 -19.03 -8.45 30.21
N ALA C 107 -19.40 -7.25 30.67
CA ALA C 107 -18.47 -6.31 31.34
C ALA C 107 -17.96 -6.94 32.65
N GLU C 108 -18.76 -7.79 33.27
CA GLU C 108 -18.45 -8.33 34.63
C GLU C 108 -17.10 -9.05 34.59
N GLY C 109 -16.85 -9.83 33.54
CA GLY C 109 -15.65 -10.68 33.39
C GLY C 109 -14.56 -10.08 32.51
N ALA C 110 -14.68 -8.80 32.11
CA ALA C 110 -13.73 -8.20 31.14
C ALA C 110 -12.41 -7.85 31.83
N ALA C 111 -11.30 -8.12 31.17
CA ALA C 111 -9.96 -7.62 31.56
C ALA C 111 -9.83 -6.16 31.17
N ALA C 112 -10.41 -5.76 30.03
CA ALA C 112 -10.35 -4.38 29.54
C ALA C 112 -11.60 -4.14 28.71
N ILE C 113 -12.04 -2.92 28.68
CA ILE C 113 -13.32 -2.58 28.01
C ILE C 113 -13.07 -1.39 27.10
N ILE C 114 -13.42 -1.55 25.83
CA ILE C 114 -13.18 -0.49 24.81
C ILE C 114 -14.50 -0.09 24.16
N ALA C 115 -14.74 1.20 24.16
CA ALA C 115 -15.80 1.86 23.35
C ALA C 115 -15.15 2.29 22.02
N ILE C 116 -15.38 1.50 20.99
CA ILE C 116 -14.89 1.87 19.63
C ILE C 116 -15.97 2.73 18.96
N GLY C 117 -15.56 3.93 18.51
CA GLY C 117 -16.43 4.86 17.78
C GLY C 117 -17.11 5.85 18.71
N SER C 118 -17.45 7.00 18.17
CA SER C 118 -18.16 8.07 18.88
C SER C 118 -19.48 7.57 19.49
N CYS C 119 -20.24 6.69 18.86
CA CYS C 119 -21.54 6.25 19.43
C CYS C 119 -21.29 5.65 20.82
N SER C 120 -20.45 4.66 20.94
CA SER C 120 -20.20 4.01 22.26
C SER C 120 -19.36 4.94 23.15
N ALA C 121 -18.48 5.78 22.60
CA ALA C 121 -17.62 6.64 23.42
C ALA C 121 -18.42 7.76 24.09
N TRP C 122 -19.37 8.36 23.40
CA TRP C 122 -20.08 9.53 23.98
C TRP C 122 -21.54 9.64 23.52
N GLY C 123 -22.08 8.65 22.82
CA GLY C 123 -23.45 8.61 22.31
C GLY C 123 -23.52 8.90 20.82
N GLY C 124 -22.64 9.76 20.32
CA GLY C 124 -22.51 10.01 18.88
C GLY C 124 -23.80 10.37 18.20
N VAL C 125 -23.91 10.03 16.92
CA VAL C 125 -25.04 10.49 16.10
C VAL C 125 -26.34 9.92 16.69
N ALA C 126 -26.31 8.70 17.21
CA ALA C 126 -27.56 8.04 17.66
C ALA C 126 -28.16 8.77 18.85
N ALA C 127 -27.36 9.47 19.64
CA ALA C 127 -27.83 10.26 20.80
C ALA C 127 -28.04 11.73 20.44
N ALA C 128 -27.88 12.16 19.18
CA ALA C 128 -27.98 13.57 18.77
C ALA C 128 -29.43 14.05 18.68
N GLY C 129 -29.60 15.34 18.41
CA GLY C 129 -30.94 15.96 18.34
C GLY C 129 -31.77 15.63 19.59
N VAL C 130 -32.99 15.20 19.35
CA VAL C 130 -33.95 14.88 20.44
C VAL C 130 -33.64 13.52 21.08
N ASN C 131 -32.66 12.75 20.59
CA ASN C 131 -32.30 11.46 21.21
C ASN C 131 -33.54 10.60 21.40
N PRO C 132 -34.15 10.15 20.28
CA PRO C 132 -35.38 9.38 20.36
C PRO C 132 -35.33 8.17 21.30
N THR C 133 -34.20 7.47 21.48
CA THR C 133 -34.15 6.17 22.19
C THR C 133 -33.44 6.31 23.55
N GLY C 134 -33.12 7.52 23.97
CA GLY C 134 -32.39 7.68 25.26
C GLY C 134 -31.03 6.98 25.19
N ALA C 135 -30.38 7.06 24.03
CA ALA C 135 -29.04 6.51 23.77
C ALA C 135 -27.98 7.17 24.66
N VAL C 136 -27.12 6.34 25.24
CA VAL C 136 -26.01 6.80 26.10
C VAL C 136 -24.73 6.04 25.70
N SER C 137 -23.66 6.52 26.27
CA SER C 137 -22.32 5.93 26.08
C SER C 137 -22.13 4.64 26.87
N LEU C 138 -21.13 3.88 26.50
CA LEU C 138 -20.74 2.66 27.22
C LEU C 138 -20.28 3.03 28.63
N GLN C 139 -19.58 4.13 28.80
CA GLN C 139 -19.12 4.47 30.17
C GLN C 139 -20.34 4.76 31.07
N GLU C 140 -21.39 5.31 30.51
CA GLU C 140 -22.58 5.65 31.32
C GLU C 140 -23.27 4.37 31.80
N VAL C 141 -23.25 3.31 31.02
CA VAL C 141 -23.88 2.00 31.36
C VAL C 141 -22.98 1.23 32.33
N LEU C 142 -21.68 1.54 32.36
CA LEU C 142 -20.70 0.77 33.18
C LEU C 142 -20.02 1.79 34.13
N PRO C 143 -20.73 2.46 35.07
CA PRO C 143 -20.14 3.55 35.82
C PRO C 143 -18.96 3.14 36.71
N GLY C 144 -18.87 1.89 37.17
CA GLY C 144 -17.74 1.51 38.04
C GLY C 144 -16.57 0.90 37.26
N LYS C 145 -16.60 0.96 35.93
CA LYS C 145 -15.55 0.34 35.10
C LYS C 145 -14.82 1.45 34.37
N THR C 146 -13.54 1.24 34.07
CA THR C 146 -12.74 2.19 33.26
C THR C 146 -12.95 1.80 31.80
N VAL C 147 -13.64 2.66 31.06
CA VAL C 147 -13.88 2.37 29.63
C VAL C 147 -12.87 3.17 28.80
N ILE C 148 -12.15 2.45 27.94
CA ILE C 148 -11.18 3.12 27.02
C ILE C 148 -11.98 3.63 25.80
N ASN C 149 -11.93 4.92 25.56
CA ASN C 149 -12.72 5.55 24.47
C ASN C 149 -11.85 5.77 23.24
N ILE C 150 -12.35 5.24 22.11
CA ILE C 150 -11.63 5.37 20.81
C ILE C 150 -12.59 6.03 19.83
N PRO C 151 -12.81 7.35 19.95
CA PRO C 151 -13.88 7.99 19.20
C PRO C 151 -13.50 8.29 17.75
N GLY C 152 -14.49 8.71 17.02
CA GLY C 152 -14.43 8.88 15.55
C GLY C 152 -15.53 8.06 14.93
N CYS C 153 -15.87 8.37 13.68
CA CYS C 153 -17.13 7.87 13.10
C CYS C 153 -16.90 7.34 11.69
N PRO C 154 -16.14 6.27 11.52
CA PRO C 154 -15.44 5.53 12.58
C PRO C 154 -14.02 6.03 12.72
N PRO C 155 -13.32 5.68 13.83
CA PRO C 155 -11.89 5.99 13.93
C PRO C 155 -11.11 5.23 12.87
N ASN C 156 -9.92 5.74 12.59
CA ASN C 156 -8.90 4.93 11.92
C ASN C 156 -8.80 3.62 12.70
N PRO C 157 -8.87 2.47 12.04
CA PRO C 157 -8.92 1.19 12.76
C PRO C 157 -7.68 0.98 13.61
N HIS C 158 -6.54 1.58 13.24
CA HIS C 158 -5.31 1.36 14.02
C HIS C 158 -5.35 2.14 15.34
N ASN C 159 -6.25 3.10 15.51
CA ASN C 159 -6.42 3.76 16.82
C ASN C 159 -6.88 2.68 17.80
N PHE C 160 -7.75 1.81 17.35
CA PHE C 160 -8.19 0.61 18.10
C PHE C 160 -7.11 -0.46 18.15
N LEU C 161 -6.58 -0.87 17.00
CA LEU C 161 -5.68 -2.05 16.93
C LEU C 161 -4.41 -1.78 17.74
N ALA C 162 -3.82 -0.60 17.70
CA ALA C 162 -2.59 -0.30 18.47
C ALA C 162 -2.92 -0.19 19.96
N THR C 163 -4.17 0.12 20.31
CA THR C 163 -4.59 0.10 21.73
C THR C 163 -4.63 -1.35 22.20
N VAL C 164 -5.26 -2.23 21.46
CA VAL C 164 -5.32 -3.67 21.78
C VAL C 164 -3.89 -4.20 21.79
N ALA C 165 -3.05 -3.85 20.82
CA ALA C 165 -1.66 -4.34 20.79
C ALA C 165 -0.88 -3.90 22.03
N HIS C 166 -1.08 -2.69 22.51
CA HIS C 166 -0.38 -2.21 23.72
C HIS C 166 -0.79 -3.08 24.89
N ILE C 167 -2.09 -3.39 25.00
CA ILE C 167 -2.57 -4.26 26.11
C ILE C 167 -1.86 -5.61 25.98
N ILE C 168 -1.84 -6.24 24.82
CA ILE C 168 -1.26 -7.59 24.66
C ILE C 168 0.24 -7.53 24.91
N THR C 169 0.95 -6.62 24.24
CA THR C 169 2.43 -6.65 24.18
C THR C 169 3.01 -6.24 25.53
N TYR C 170 2.47 -5.21 26.16
CA TYR C 170 3.07 -4.55 27.34
C TYR C 170 2.20 -4.76 28.58
N GLY C 171 1.04 -5.41 28.45
CA GLY C 171 0.27 -5.86 29.62
C GLY C 171 -0.53 -4.75 30.27
N LYS C 172 -0.76 -3.63 29.61
CA LYS C 172 -1.52 -2.52 30.23
C LYS C 172 -2.03 -1.65 29.09
N PRO C 173 -3.03 -0.80 29.32
CA PRO C 173 -3.48 0.12 28.29
C PRO C 173 -2.40 1.13 27.98
N PRO C 174 -2.53 1.74 26.80
CA PRO C 174 -1.72 2.91 26.48
C PRO C 174 -2.11 4.08 27.39
N LYS C 175 -1.26 5.08 27.45
CA LYS C 175 -1.55 6.29 28.23
C LYS C 175 -2.83 6.94 27.70
N LEU C 176 -3.70 7.41 28.58
CA LEU C 176 -5.02 7.99 28.26
C LEU C 176 -5.12 9.42 28.77
N ASP C 177 -5.86 10.26 28.07
CA ASP C 177 -6.20 11.62 28.52
C ASP C 177 -7.36 11.57 29.55
N ASP C 178 -7.85 12.75 29.90
CA ASP C 178 -8.91 12.84 30.95
C ASP C 178 -10.26 12.32 30.44
N LYS C 179 -10.43 12.04 29.15
CA LYS C 179 -11.63 11.38 28.60
C LYS C 179 -11.34 9.91 28.32
N ASN C 180 -10.24 9.36 28.84
CA ASN C 180 -9.88 7.92 28.67
C ASN C 180 -9.66 7.60 27.18
N ARG C 181 -9.13 8.58 26.44
CA ARG C 181 -8.76 8.38 25.01
C ARG C 181 -7.27 8.18 24.91
N PRO C 182 -6.78 7.20 24.14
CA PRO C 182 -5.33 7.04 24.02
C PRO C 182 -4.62 8.27 23.46
N THR C 183 -3.58 8.76 24.16
CA THR C 183 -2.88 10.00 23.77
C THR C 183 -2.17 9.88 22.41
N PHE C 184 -1.76 8.71 22.02
CA PHE C 184 -1.04 8.61 20.73
C PHE C 184 -1.98 9.01 19.58
N ALA C 185 -3.29 8.85 19.75
CA ALA C 185 -4.29 9.10 18.70
C ALA C 185 -5.12 10.37 18.96
N TYR C 186 -5.30 10.80 20.23
CA TYR C 186 -6.27 11.84 20.56
C TYR C 186 -5.64 12.93 21.41
N GLY C 187 -4.33 12.96 21.51
CA GLY C 187 -3.65 13.83 22.48
C GLY C 187 -3.58 15.28 22.09
N ARG C 188 -3.95 15.65 20.86
CA ARG C 188 -3.74 16.98 20.28
C ARG C 188 -4.95 17.39 19.42
N LEU C 189 -5.29 18.66 19.40
CA LEU C 189 -6.27 19.24 18.47
C LEU C 189 -5.78 18.99 17.04
N ILE C 190 -6.69 18.70 16.14
CA ILE C 190 -6.34 18.58 14.70
C ILE C 190 -5.71 19.89 14.24
N HIS C 191 -6.27 21.04 14.62
CA HIS C 191 -5.79 22.36 14.17
C HIS C 191 -4.38 22.66 14.71
N GLU C 192 -3.97 21.97 15.77
CA GLU C 192 -2.63 22.15 16.37
C GLU C 192 -1.64 21.18 15.75
N HIS C 193 -2.04 20.50 14.68
CA HIS C 193 -1.09 19.70 13.86
C HIS C 193 -1.65 19.55 12.45
N CYS C 194 -2.18 20.61 11.86
CA CYS C 194 -2.79 20.60 10.52
C CYS C 194 -1.88 21.29 9.51
N GLU C 195 -1.61 20.64 8.39
CA GLU C 195 -0.71 21.17 7.36
C GLU C 195 -1.27 22.41 6.67
N ARG C 196 -2.55 22.76 6.88
CA ARG C 196 -3.08 24.02 6.29
C ARG C 196 -3.01 25.18 7.30
N ARG C 197 -2.44 24.96 8.45
CA ARG C 197 -2.27 26.07 9.44
C ARG C 197 -1.55 27.24 8.81
N PRO C 198 -0.49 27.11 7.98
CA PRO C 198 0.09 28.31 7.35
C PRO C 198 -0.94 29.19 6.64
N HIS C 199 -1.89 28.57 5.95
CA HIS C 199 -2.92 29.30 5.18
C HIS C 199 -3.87 29.98 6.17
N PHE C 200 -4.27 29.31 7.25
CA PHE C 200 -5.04 29.92 8.35
C PHE C 200 -4.30 31.19 8.81
N ASP C 201 -3.00 31.05 9.08
CA ASP C 201 -2.21 32.14 9.70
C ASP C 201 -2.14 33.33 8.74
N ALA C 202 -2.08 33.07 7.45
CA ALA C 202 -1.95 34.11 6.40
C ALA C 202 -3.30 34.66 5.97
N GLY C 203 -4.40 34.14 6.46
CA GLY C 203 -5.74 34.54 6.01
C GLY C 203 -6.03 34.05 4.61
N ARG C 204 -5.41 32.94 4.19
CA ARG C 204 -5.68 32.26 2.90
C ARG C 204 -6.73 31.18 3.12
N PHE C 205 -7.96 31.51 2.78
CA PHE C 205 -9.14 30.67 3.09
C PHE C 205 -9.94 30.34 1.82
N ALA C 206 -10.36 29.09 1.67
CA ALA C 206 -11.48 28.75 0.77
C ALA C 206 -12.75 29.41 1.27
N LYS C 207 -13.54 29.99 0.36
CA LYS C 207 -14.84 30.56 0.79
C LYS C 207 -15.99 29.66 0.31
N GLU C 208 -15.85 28.97 -0.81
CA GLU C 208 -16.81 27.98 -1.36
CA GLU C 208 -16.80 27.94 -1.28
C GLU C 208 -16.00 26.84 -1.96
N PHE C 209 -16.54 25.63 -1.94
CA PHE C 209 -15.92 24.55 -2.72
C PHE C 209 -15.78 24.99 -4.18
N GLY C 210 -14.65 24.65 -4.78
CA GLY C 210 -14.43 24.95 -6.20
C GLY C 210 -13.88 26.36 -6.45
N ASP C 211 -13.76 27.19 -5.45
CA ASP C 211 -13.21 28.55 -5.66
C ASP C 211 -11.69 28.46 -5.78
N GLU C 212 -11.05 29.59 -6.07
CA GLU C 212 -9.61 29.54 -6.45
C GLU C 212 -8.81 29.12 -5.24
N GLY C 213 -9.12 29.63 -4.06
CA GLY C 213 -8.42 29.24 -2.82
C GLY C 213 -8.57 27.74 -2.56
N HIS C 214 -9.81 27.27 -2.67
CA HIS C 214 -10.11 25.84 -2.45
C HIS C 214 -9.23 25.00 -3.39
N ARG C 215 -9.12 25.44 -4.63
CA ARG C 215 -8.36 24.72 -5.67
C ARG C 215 -6.84 24.92 -5.53
N GLU C 216 -6.40 25.67 -4.53
CA GLU C 216 -4.97 25.79 -4.17
C GLU C 216 -4.70 25.11 -2.84
N GLY C 217 -5.70 24.47 -2.23
CA GLY C 217 -5.45 23.74 -0.96
C GLY C 217 -5.37 24.62 0.26
N TRP C 218 -6.08 25.76 0.25
CA TRP C 218 -6.06 26.69 1.39
C TRP C 218 -6.92 26.18 2.55
N CYS C 219 -6.83 26.86 3.68
CA CYS C 219 -7.46 26.45 4.93
C CYS C 219 -8.99 26.47 4.78
N LEU C 220 -9.66 25.51 5.41
CA LEU C 220 -11.09 25.30 5.27
C LEU C 220 -11.86 25.87 6.47
N TYR C 221 -11.22 26.72 7.30
CA TYR C 221 -11.90 27.28 8.51
C TYR C 221 -13.26 27.91 8.14
N HIS C 222 -13.29 28.73 7.08
CA HIS C 222 -14.53 29.49 6.72
C HIS C 222 -15.53 28.62 5.98
N LEU C 223 -15.20 27.35 5.72
CA LEU C 223 -16.18 26.35 5.25
C LEU C 223 -16.78 25.62 6.45
N GLY C 224 -16.33 25.90 7.68
CA GLY C 224 -16.88 25.20 8.85
C GLY C 224 -15.92 24.19 9.50
N CYS C 225 -14.63 24.23 9.16
CA CYS C 225 -13.68 23.23 9.71
C CYS C 225 -13.72 23.22 11.25
N LYS C 226 -13.92 22.05 11.83
CA LYS C 226 -13.99 21.91 13.30
C LYS C 226 -12.64 21.47 13.85
N GLY C 227 -11.61 21.45 13.03
CA GLY C 227 -10.26 21.11 13.55
C GLY C 227 -9.85 21.89 14.80
N PRO C 228 -10.19 23.19 14.91
CA PRO C 228 -9.84 23.94 16.12
C PRO C 228 -10.45 23.46 17.42
N GLU C 229 -11.45 22.58 17.38
CA GLU C 229 -12.16 22.12 18.61
C GLU C 229 -12.34 20.59 18.62
N THR C 230 -11.51 19.85 17.84
CA THR C 230 -11.61 18.39 17.74
C THR C 230 -10.25 17.76 18.00
N TYR C 231 -10.16 16.91 19.01
CA TYR C 231 -8.92 16.11 19.29
C TYR C 231 -8.91 14.90 18.35
N GLY C 232 -7.74 14.61 17.80
CA GLY C 232 -7.61 13.47 16.87
C GLY C 232 -6.27 13.41 16.22
N ASN C 233 -6.11 12.41 15.37
CA ASN C 233 -4.87 12.19 14.61
C ASN C 233 -5.19 12.18 13.11
N CYS C 234 -6.28 12.81 12.70
CA CYS C 234 -6.72 12.71 11.28
C CYS C 234 -5.72 13.36 10.33
N SER C 235 -4.99 14.38 10.75
CA SER C 235 -4.06 15.10 9.86
C SER C 235 -2.73 14.36 9.76
N THR C 236 -2.41 13.48 10.71
CA THR C 236 -1.08 12.81 10.75
C THR C 236 -1.24 11.36 10.34
N LEU C 237 -1.93 10.56 11.16
CA LEU C 237 -2.19 9.17 10.77
C LEU C 237 -3.08 9.13 9.53
N GLN C 238 -4.04 10.04 9.42
CA GLN C 238 -4.96 10.10 8.25
C GLN C 238 -5.73 8.76 8.18
N PHE C 239 -6.04 8.29 6.97
CA PHE C 239 -6.94 7.14 6.74
C PHE C 239 -6.42 6.31 5.57
N CYS C 240 -6.63 5.01 5.71
CA CYS C 240 -6.51 3.98 4.66
C CYS C 240 -5.07 3.66 4.24
N ASP C 241 -4.07 4.28 4.85
CA ASP C 241 -2.65 3.90 4.66
C ASP C 241 -2.16 4.06 3.21
N VAL C 242 -2.82 4.90 2.40
CA VAL C 242 -2.36 5.12 1.00
C VAL C 242 -1.53 6.41 0.91
N GLY C 243 -1.61 7.27 1.90
CA GLY C 243 -0.90 8.54 1.93
C GLY C 243 -1.78 9.65 1.44
N GLY C 244 -1.92 10.70 2.26
CA GLY C 244 -2.51 11.95 1.83
C GLY C 244 -4.00 12.02 2.02
N VAL C 245 -4.65 11.02 2.62
CA VAL C 245 -6.13 10.85 2.64
C VAL C 245 -6.70 11.15 4.03
N TRP C 246 -7.28 12.34 4.16
CA TRP C 246 -8.14 12.71 5.28
C TRP C 246 -9.10 13.75 4.78
N PRO C 247 -10.22 14.03 5.49
CA PRO C 247 -11.22 14.89 4.90
C PRO C 247 -10.72 16.24 4.38
N VAL C 248 -9.93 16.91 5.21
CA VAL C 248 -9.40 18.25 4.83
C VAL C 248 -8.49 18.10 3.60
N ALA C 249 -7.63 17.10 3.55
CA ALA C 249 -6.73 16.95 2.39
C ALA C 249 -7.55 16.72 1.12
N ILE C 250 -8.70 16.05 1.21
CA ILE C 250 -9.57 15.81 0.04
C ILE C 250 -10.32 17.10 -0.35
N GLY C 251 -10.45 18.07 0.56
CA GLY C 251 -11.12 19.35 0.26
C GLY C 251 -12.32 19.67 1.11
N HIS C 252 -12.65 18.88 2.13
CA HIS C 252 -13.85 19.12 2.96
C HIS C 252 -13.43 19.43 4.38
N PRO C 253 -14.10 20.38 5.06
CA PRO C 253 -13.79 20.66 6.45
C PRO C 253 -13.97 19.42 7.32
N CYS C 254 -13.16 19.37 8.39
CA CYS C 254 -13.47 18.51 9.56
C CYS C 254 -14.87 18.90 10.09
N TYR C 255 -15.70 17.91 10.41
CA TYR C 255 -17.06 18.05 10.97
C TYR C 255 -17.05 17.84 12.48
N GLY C 256 -15.94 17.44 13.06
CA GLY C 256 -15.82 17.25 14.51
C GLY C 256 -16.38 15.91 14.93
N CYS C 257 -16.34 14.88 14.07
CA CYS C 257 -17.04 13.61 14.40
C CYS C 257 -16.44 12.91 15.60
N ASN C 258 -15.18 13.17 15.94
CA ASN C 258 -14.53 12.62 17.14
C ASN C 258 -15.16 13.20 18.41
N GLU C 259 -15.62 14.44 18.36
CA GLU C 259 -15.69 15.28 19.59
C GLU C 259 -17.15 15.54 19.98
N GLU C 260 -17.48 15.16 21.22
CA GLU C 260 -18.82 15.40 21.79
C GLU C 260 -19.16 16.87 21.76
N GLY C 261 -20.37 17.20 21.31
CA GLY C 261 -20.82 18.59 21.24
C GLY C 261 -20.45 19.27 19.94
N ILE C 262 -19.63 18.62 19.12
CA ILE C 262 -19.17 19.21 17.84
C ILE C 262 -19.85 18.42 16.72
N GLY C 263 -19.33 17.23 16.40
CA GLY C 263 -19.94 16.41 15.35
C GLY C 263 -21.41 16.11 15.65
N PHE C 264 -22.26 16.17 14.64
CA PHE C 264 -23.71 15.81 14.71
C PHE C 264 -24.49 16.83 15.51
N HIS C 265 -23.87 17.85 16.06
CA HIS C 265 -24.51 18.93 16.82
C HIS C 265 -24.41 20.21 16.01
N LYS C 266 -23.22 20.60 15.59
CA LYS C 266 -22.97 21.82 14.81
C LYS C 266 -23.14 21.55 13.33
N GLY C 267 -23.70 22.48 12.62
CA GLY C 267 -23.81 22.41 11.16
C GLY C 267 -22.45 22.25 10.52
N ILE C 268 -22.44 21.64 9.33
CA ILE C 268 -21.19 21.51 8.54
C ILE C 268 -20.50 22.87 8.48
N HIS C 269 -21.26 23.90 8.08
CA HIS C 269 -20.71 25.23 7.74
C HIS C 269 -20.70 26.19 8.94
N GLN C 270 -21.17 25.79 10.10
CA GLN C 270 -21.05 26.58 11.34
C GLN C 270 -19.57 26.70 11.71
N LEU C 271 -19.12 27.89 12.10
CA LEU C 271 -17.69 28.11 12.41
C LEU C 271 -17.36 27.58 13.79
N ALA C 272 -16.15 27.05 13.92
CA ALA C 272 -15.59 26.59 15.20
C ALA C 272 -15.10 27.77 16.04
N ASN C 273 -15.07 27.56 17.35
CA ASN C 273 -14.35 28.47 18.27
C ASN C 273 -12.85 28.20 18.13
N VAL C 274 -12.02 29.24 18.14
CA VAL C 274 -10.55 29.04 18.05
C VAL C 274 -9.90 29.41 19.40
N GLU C 275 -9.09 28.51 19.98
CA GLU C 275 -8.41 28.73 21.30
C GLU C 275 -7.23 29.72 21.21
N SER D 2 -44.63 -30.89 13.82
CA SER D 2 -44.59 -29.42 13.54
C SER D 2 -44.00 -28.68 14.74
N GLN D 3 -43.30 -27.55 14.53
CA GLN D 3 -42.85 -26.67 15.63
C GLN D 3 -42.45 -25.26 15.15
N ARG D 4 -42.30 -24.39 16.15
CA ARG D 4 -41.94 -22.95 16.07
C ARG D 4 -40.48 -22.80 16.46
N ILE D 5 -39.66 -22.19 15.61
CA ILE D 5 -38.26 -21.83 15.96
C ILE D 5 -38.05 -20.33 15.83
N THR D 6 -37.02 -19.85 16.53
CA THR D 6 -36.52 -18.47 16.41
C THR D 6 -35.03 -18.55 16.09
N ILE D 7 -34.57 -17.70 15.17
CA ILE D 7 -33.14 -17.51 14.81
C ILE D 7 -32.81 -16.08 15.22
N ASP D 8 -32.13 -15.92 16.34
CA ASP D 8 -31.92 -14.60 16.98
C ASP D 8 -30.70 -14.68 17.87
N PRO D 9 -29.54 -14.11 17.49
CA PRO D 9 -29.41 -13.26 16.29
C PRO D 9 -29.14 -14.04 15.00
N VAL D 10 -29.61 -13.53 13.86
CA VAL D 10 -29.05 -13.91 12.55
C VAL D 10 -27.70 -13.22 12.40
N THR D 11 -26.66 -14.00 12.26
CA THR D 11 -25.28 -13.48 12.14
C THR D 11 -24.93 -13.34 10.65
N ARG D 12 -23.75 -12.78 10.37
CA ARG D 12 -23.23 -12.60 8.98
C ARG D 12 -24.25 -11.80 8.17
N ILE D 13 -24.75 -10.78 8.79
CA ILE D 13 -25.57 -9.71 8.16
C ILE D 13 -25.08 -8.40 8.76
N GLU D 14 -25.58 -7.29 8.28
CA GLU D 14 -25.46 -6.04 9.06
C GLU D 14 -26.64 -5.94 10.01
N GLY D 15 -26.34 -5.71 11.28
CA GLY D 15 -27.34 -5.30 12.27
C GLY D 15 -28.11 -6.44 12.89
N HIS D 16 -29.24 -6.11 13.43
CA HIS D 16 -29.97 -6.96 14.38
C HIS D 16 -31.26 -7.49 13.77
N LEU D 17 -31.25 -8.78 13.49
CA LEU D 17 -32.37 -9.46 12.84
C LEU D 17 -32.77 -10.69 13.65
N ARG D 18 -34.09 -10.87 13.77
CA ARG D 18 -34.72 -12.11 14.27
C ARG D 18 -35.58 -12.71 13.16
N ILE D 19 -35.45 -13.99 12.92
CA ILE D 19 -36.30 -14.75 11.97
C ILE D 19 -37.03 -15.82 12.77
N ASP D 20 -38.34 -15.85 12.70
CA ASP D 20 -39.12 -16.96 13.31
C ASP D 20 -39.71 -17.78 12.18
N CYS D 21 -39.83 -19.11 12.38
CA CYS D 21 -40.42 -20.02 11.39
C CYS D 21 -41.28 -21.07 12.08
N GLU D 22 -42.46 -21.30 11.52
CA GLU D 22 -43.20 -22.56 11.78
C GLU D 22 -42.70 -23.56 10.76
N ILE D 23 -42.39 -24.76 11.27
CA ILE D 23 -41.94 -25.93 10.48
C ILE D 23 -43.06 -26.96 10.61
N GLU D 24 -43.45 -27.46 9.46
CA GLU D 24 -44.46 -28.54 9.39
C GLU D 24 -43.95 -29.57 8.42
N ASN D 25 -43.92 -30.84 8.85
CA ASN D 25 -43.50 -31.93 7.97
C ASN D 25 -42.14 -31.54 7.38
N GLY D 26 -41.25 -31.02 8.24
CA GLY D 26 -39.83 -30.71 7.95
C GLY D 26 -39.64 -29.59 6.93
N VAL D 27 -40.66 -28.78 6.66
CA VAL D 27 -40.57 -27.62 5.71
C VAL D 27 -41.12 -26.38 6.43
N VAL D 28 -40.54 -25.20 6.20
CA VAL D 28 -41.09 -23.92 6.72
C VAL D 28 -42.46 -23.69 6.10
N SER D 29 -43.46 -23.48 6.92
CA SER D 29 -44.83 -23.18 6.42
C SER D 29 -45.17 -21.69 6.52
N LYS D 30 -44.54 -20.97 7.44
CA LYS D 30 -44.83 -19.56 7.74
C LYS D 30 -43.60 -18.96 8.40
N ALA D 31 -43.27 -17.69 8.06
CA ALA D 31 -42.11 -17.01 8.67
C ALA D 31 -42.44 -15.57 9.05
N TRP D 32 -41.65 -15.04 9.97
CA TRP D 32 -41.70 -13.67 10.49
C TRP D 32 -40.28 -13.12 10.39
N ALA D 33 -40.12 -11.93 9.80
CA ALA D 33 -38.83 -11.23 9.80
C ALA D 33 -38.99 -10.06 10.75
N SER D 34 -38.01 -9.81 11.61
CA SER D 34 -38.08 -8.75 12.64
C SER D 34 -36.75 -7.99 12.73
N GLY D 35 -36.81 -6.69 12.55
CA GLY D 35 -35.72 -5.76 12.88
C GLY D 35 -35.84 -5.36 14.32
N THR D 36 -34.83 -5.65 15.10
CA THR D 36 -34.96 -5.55 16.58
C THR D 36 -34.28 -4.34 17.18
N MET D 37 -33.69 -3.45 16.36
CA MET D 37 -33.03 -2.22 16.85
C MET D 37 -33.49 -1.04 16.02
N TRP D 38 -33.82 0.05 16.71
CA TRP D 38 -34.20 1.34 16.10
C TRP D 38 -33.38 2.45 16.74
N ARG D 39 -33.00 3.42 15.91
CA ARG D 39 -32.36 4.65 16.38
C ARG D 39 -33.18 5.92 16.16
N GLY D 40 -34.07 5.98 15.16
CA GLY D 40 -34.80 7.21 14.88
C GLY D 40 -33.96 8.22 14.12
N MET D 41 -33.24 7.76 13.10
CA MET D 41 -32.35 8.66 12.31
C MET D 41 -33.19 9.70 11.54
N GLU D 42 -34.40 9.37 11.12
CA GLU D 42 -35.27 10.37 10.44
C GLU D 42 -35.61 11.53 11.39
N GLU D 43 -35.87 11.24 12.65
CA GLU D 43 -36.19 12.27 13.66
C GLU D 43 -34.91 13.09 13.98
N ILE D 44 -33.77 12.42 14.07
CA ILE D 44 -32.51 13.11 14.48
C ILE D 44 -32.16 14.18 13.45
N VAL D 45 -32.42 13.93 12.17
CA VAL D 45 -32.02 14.88 11.12
C VAL D 45 -33.07 16.00 10.96
N LYS D 46 -34.28 15.84 11.51
CA LYS D 46 -35.35 16.85 11.32
C LYS D 46 -34.93 18.21 11.89
N ASN D 47 -35.44 19.30 11.30
CA ASN D 47 -35.25 20.69 11.81
C ASN D 47 -33.87 21.26 11.52
N ARG D 48 -33.10 20.53 10.75
CA ARG D 48 -31.75 21.02 10.43
C ARG D 48 -31.71 21.67 9.04
N ASP D 49 -30.59 22.31 8.78
CA ASP D 49 -30.31 22.88 7.44
C ASP D 49 -30.28 21.72 6.44
N PRO D 50 -30.96 21.80 5.29
CA PRO D 50 -30.90 20.72 4.29
C PRO D 50 -29.47 20.30 3.95
N ARG D 51 -28.52 21.22 3.96
CA ARG D 51 -27.12 20.87 3.57
CA ARG D 51 -27.10 20.93 3.59
C ARG D 51 -26.46 19.95 4.59
N ASP D 52 -26.92 19.92 5.84
CA ASP D 52 -26.30 19.10 6.91
C ASP D 52 -26.78 17.66 6.84
N ALA D 53 -27.88 17.36 6.17
CA ALA D 53 -28.52 16.05 6.36
C ALA D 53 -27.52 14.94 5.95
N TRP D 54 -26.76 15.09 4.87
CA TRP D 54 -26.05 13.93 4.31
C TRP D 54 -25.04 13.40 5.33
N MET D 55 -24.39 14.26 6.07
CA MET D 55 -23.35 13.80 7.02
C MET D 55 -24.00 13.00 8.14
N ILE D 56 -25.23 13.36 8.52
CA ILE D 56 -25.95 12.65 9.61
C ILE D 56 -26.51 11.34 9.09
N VAL D 57 -27.28 11.39 8.00
CA VAL D 57 -27.98 10.18 7.51
C VAL D 57 -27.03 9.19 6.85
N GLN D 58 -25.81 9.57 6.48
CA GLN D 58 -24.85 8.56 6.02
C GLN D 58 -24.67 7.50 7.10
N ARG D 59 -24.80 7.90 8.36
CA ARG D 59 -24.63 6.98 9.51
C ARG D 59 -25.83 6.08 9.74
N ILE D 60 -26.82 6.10 8.85
CA ILE D 60 -27.80 4.98 8.83
C ILE D 60 -27.03 3.68 8.71
N CYS D 61 -25.96 3.63 7.92
CA CYS D 61 -25.27 2.34 7.72
C CYS D 61 -23.82 2.53 7.32
N GLY D 62 -22.95 1.76 7.95
CA GLY D 62 -21.51 1.74 7.70
C GLY D 62 -21.08 0.61 6.79
N VAL D 63 -21.93 -0.37 6.52
CA VAL D 63 -21.64 -1.37 5.51
C VAL D 63 -21.93 -0.73 4.15
N CYS D 64 -23.16 -0.27 3.92
CA CYS D 64 -23.49 0.50 2.68
C CYS D 64 -23.18 1.96 2.95
N THR D 65 -21.98 2.22 3.44
CA THR D 65 -21.48 3.60 3.52
C THR D 65 -21.48 4.15 2.09
N THR D 66 -21.48 5.46 1.99
CA THR D 66 -21.64 6.28 0.74
C THR D 66 -23.09 6.37 0.32
N THR D 67 -23.90 5.32 0.45
CA THR D 67 -25.19 5.29 -0.28
C THR D 67 -26.18 6.31 0.27
N HIS D 68 -26.32 6.39 1.56
CA HIS D 68 -27.28 7.34 2.19
C HIS D 68 -26.74 8.77 2.07
N ALA D 69 -25.42 8.95 2.03
CA ALA D 69 -24.82 10.27 1.81
C ALA D 69 -25.24 10.79 0.42
N LEU D 70 -25.08 9.93 -0.59
CA LEU D 70 -25.39 10.28 -1.99
C LEU D 70 -26.91 10.46 -2.16
N SER D 71 -27.74 9.57 -1.62
CA SER D 71 -29.19 9.73 -1.74
C SER D 71 -29.65 11.02 -1.06
N SER D 72 -29.06 11.38 0.07
CA SER D 72 -29.42 12.61 0.80
C SER D 72 -29.09 13.87 -0.02
N VAL D 73 -27.87 13.96 -0.57
CA VAL D 73 -27.58 15.18 -1.38
C VAL D 73 -28.49 15.18 -2.60
N ARG D 74 -28.75 14.04 -3.22
CA ARG D 74 -29.66 14.02 -4.39
C ARG D 74 -31.06 14.48 -3.99
N ALA D 75 -31.54 14.12 -2.79
CA ALA D 75 -32.86 14.56 -2.32
C ALA D 75 -32.90 16.07 -2.16
N ALA D 76 -31.89 16.66 -1.52
CA ALA D 76 -31.83 18.13 -1.37
C ALA D 76 -31.74 18.78 -2.75
N GLU D 77 -30.91 18.24 -3.63
CA GLU D 77 -30.78 18.78 -5.00
C GLU D 77 -32.12 18.71 -5.74
N SER D 78 -32.87 17.64 -5.55
CA SER D 78 -34.22 17.48 -6.12
C SER D 78 -35.13 18.58 -5.59
N ALA D 79 -35.18 18.75 -4.29
CA ALA D 79 -36.08 19.77 -3.70
C ALA D 79 -35.72 21.18 -4.23
N LEU D 80 -34.43 21.45 -4.38
CA LEU D 80 -33.91 22.81 -4.67
C LEU D 80 -33.79 23.07 -6.18
N ASN D 81 -33.92 22.06 -7.01
CA ASN D 81 -33.78 22.11 -8.49
C ASN D 81 -32.34 22.49 -8.86
N ILE D 82 -31.37 21.75 -8.32
CA ILE D 82 -29.94 21.93 -8.64
C ILE D 82 -29.51 20.85 -9.62
N ASP D 83 -28.86 21.28 -10.71
CA ASP D 83 -28.20 20.37 -11.66
C ASP D 83 -26.76 20.20 -11.21
N VAL D 84 -26.36 18.97 -10.97
CA VAL D 84 -25.01 18.68 -10.42
C VAL D 84 -23.99 18.77 -11.55
N PRO D 85 -22.83 19.44 -11.33
CA PRO D 85 -21.81 19.43 -12.36
C PRO D 85 -21.41 18.03 -12.76
N VAL D 86 -21.10 17.85 -14.03
CA VAL D 86 -20.78 16.50 -14.54
CA VAL D 86 -20.75 16.50 -14.56
C VAL D 86 -19.53 15.95 -13.82
N ASN D 87 -18.50 16.77 -13.53
CA ASN D 87 -17.32 16.19 -12.82
C ASN D 87 -17.76 15.65 -11.47
N ALA D 88 -18.72 16.31 -10.81
CA ALA D 88 -19.19 15.80 -9.50
C ALA D 88 -19.93 14.49 -9.71
N GLN D 89 -20.65 14.34 -10.82
CA GLN D 89 -21.28 13.04 -11.11
C GLN D 89 -20.21 11.97 -11.33
N TYR D 90 -19.15 12.27 -12.09
CA TYR D 90 -18.14 11.23 -12.33
C TYR D 90 -17.56 10.76 -10.98
N ILE D 91 -17.25 11.70 -10.10
CA ILE D 91 -16.62 11.39 -8.80
C ILE D 91 -17.62 10.58 -7.96
N ARG D 92 -18.86 11.06 -7.83
CA ARG D 92 -19.90 10.30 -7.10
C ARG D 92 -20.03 8.89 -7.66
N ASN D 93 -20.01 8.75 -8.98
CA ASN D 93 -20.18 7.45 -9.66
C ASN D 93 -19.02 6.53 -9.34
N ILE D 94 -17.79 7.03 -9.44
CA ILE D 94 -16.60 6.19 -9.12
C ILE D 94 -16.70 5.69 -7.67
N ILE D 95 -17.05 6.57 -6.77
CA ILE D 95 -17.21 6.20 -5.34
C ILE D 95 -18.25 5.09 -5.23
N LEU D 96 -19.43 5.31 -5.79
CA LEU D 96 -20.51 4.32 -5.60
C LEU D 96 -20.12 2.99 -6.24
N ALA D 97 -19.49 3.01 -7.42
CA ALA D 97 -19.14 1.77 -8.13
C ALA D 97 -18.05 1.03 -7.33
N ALA D 98 -17.03 1.74 -6.85
CA ALA D 98 -15.95 1.08 -6.09
C ALA D 98 -16.48 0.58 -4.75
N HIS D 99 -17.31 1.37 -4.10
CA HIS D 99 -17.88 0.92 -2.81
C HIS D 99 -18.68 -0.36 -3.05
N THR D 100 -19.49 -0.40 -4.06
CA THR D 100 -20.39 -1.53 -4.33
C THR D 100 -19.54 -2.76 -4.62
N THR D 101 -18.41 -2.59 -5.28
CA THR D 101 -17.50 -3.73 -5.56
C THR D 101 -17.06 -4.34 -4.23
N HIS D 102 -16.53 -3.53 -3.31
CA HIS D 102 -16.18 -3.98 -1.94
C HIS D 102 -17.38 -4.71 -1.33
N ASP D 103 -18.53 -4.10 -1.43
CA ASP D 103 -19.74 -4.52 -0.68
C ASP D 103 -20.10 -5.93 -1.17
N HIS D 104 -20.23 -6.14 -2.47
CA HIS D 104 -20.65 -7.45 -3.02
C HIS D 104 -19.61 -8.52 -2.70
N ILE D 105 -18.35 -8.22 -2.85
CA ILE D 105 -17.27 -9.23 -2.60
C ILE D 105 -17.39 -9.69 -1.16
N VAL D 106 -17.46 -8.78 -0.21
CA VAL D 106 -17.52 -9.13 1.23
C VAL D 106 -18.81 -9.92 1.47
N HIS D 107 -19.91 -9.56 0.83
CA HIS D 107 -21.16 -10.36 1.02
C HIS D 107 -20.95 -11.79 0.58
N PHE D 108 -20.41 -12.01 -0.60
CA PHE D 108 -20.34 -13.38 -1.14
C PHE D 108 -19.41 -14.19 -0.23
N TYR D 109 -18.25 -13.62 0.17
CA TYR D 109 -17.23 -14.40 0.89
C TYR D 109 -17.42 -14.29 2.39
N GLN D 110 -17.20 -13.12 3.00
CA GLN D 110 -17.19 -13.02 4.48
C GLN D 110 -18.57 -13.25 5.09
N LEU D 111 -19.63 -12.86 4.40
CA LEU D 111 -20.97 -13.02 5.00
C LEU D 111 -21.63 -14.33 4.57
N SER D 112 -21.56 -14.74 3.30
N SER D 112 -21.55 -14.74 3.30
CA SER D 112 -22.44 -15.85 2.83
CA SER D 112 -22.42 -15.81 2.72
C SER D 112 -21.70 -17.18 2.74
C SER D 112 -21.72 -17.17 2.59
N ALA D 113 -20.40 -17.21 2.41
CA ALA D 113 -19.75 -18.46 1.98
C ALA D 113 -19.95 -19.55 3.06
N LEU D 114 -19.90 -19.21 4.32
CA LEU D 114 -19.93 -20.22 5.41
C LEU D 114 -21.34 -20.80 5.59
N ASP D 115 -22.29 -20.41 4.74
CA ASP D 115 -23.58 -21.17 4.67
C ASP D 115 -23.42 -22.37 3.75
N TRP D 116 -22.44 -22.36 2.85
CA TRP D 116 -22.33 -23.32 1.73
C TRP D 116 -21.05 -24.15 1.86
N VAL D 117 -20.11 -23.66 2.65
CA VAL D 117 -18.73 -24.16 2.78
C VAL D 117 -18.57 -24.70 4.20
N ASP D 118 -17.96 -25.88 4.26
CA ASP D 118 -17.66 -26.62 5.52
C ASP D 118 -16.15 -26.58 5.72
N ILE D 119 -15.66 -25.77 6.65
CA ILE D 119 -14.19 -25.55 6.74
C ILE D 119 -13.50 -26.82 7.23
N THR D 120 -14.16 -27.60 8.08
CA THR D 120 -13.61 -28.86 8.63
C THR D 120 -13.32 -29.80 7.48
N SER D 121 -14.24 -29.90 6.51
CA SER D 121 -14.12 -30.78 5.33
C SER D 121 -12.89 -30.37 4.50
N ALA D 122 -12.57 -29.08 4.41
CA ALA D 122 -11.35 -28.63 3.71
C ALA D 122 -10.08 -29.27 4.28
N LEU D 123 -10.08 -29.69 5.54
CA LEU D 123 -8.88 -30.37 6.10
C LEU D 123 -8.64 -31.71 5.42
N GLN D 124 -9.67 -32.30 4.81
CA GLN D 124 -9.57 -33.63 4.14
C GLN D 124 -9.15 -33.48 2.69
N ALA D 125 -9.09 -32.24 2.17
CA ALA D 125 -8.81 -32.02 0.74
C ALA D 125 -7.35 -32.36 0.40
N ASP D 126 -7.22 -32.81 -0.82
CA ASP D 126 -5.96 -32.93 -1.56
C ASP D 126 -5.76 -31.62 -2.31
N PRO D 127 -4.79 -30.77 -1.89
CA PRO D 127 -4.59 -29.48 -2.57
C PRO D 127 -4.30 -29.58 -4.07
N THR D 128 -3.58 -30.63 -4.50
CA THR D 128 -3.29 -30.82 -5.93
C THR D 128 -4.57 -31.15 -6.71
N LYS D 129 -5.44 -32.03 -6.20
CA LYS D 129 -6.72 -32.35 -6.87
C LYS D 129 -7.58 -31.08 -6.91
N ALA D 130 -7.55 -30.29 -5.84
CA ALA D 130 -8.33 -29.03 -5.80
C ALA D 130 -7.89 -28.11 -6.92
N SER D 131 -6.57 -27.91 -7.05
CA SER D 131 -6.03 -27.06 -8.14
C SER D 131 -6.38 -27.62 -9.52
N GLU D 132 -6.32 -28.95 -9.67
CA GLU D 132 -6.60 -29.63 -10.96
C GLU D 132 -8.05 -29.39 -11.40
N MET D 133 -8.97 -29.31 -10.45
CA MET D 133 -10.42 -29.11 -10.73
C MET D 133 -10.67 -27.76 -11.42
N LEU D 134 -9.79 -26.78 -11.29
CA LEU D 134 -10.01 -25.44 -11.86
C LEU D 134 -9.28 -25.26 -13.20
N LYS D 135 -8.59 -26.27 -13.73
CA LYS D 135 -7.92 -26.11 -15.06
C LYS D 135 -9.00 -25.96 -16.12
N GLY D 136 -8.87 -24.95 -17.00
CA GLY D 136 -9.87 -24.59 -18.03
C GLY D 136 -11.18 -24.07 -17.45
N VAL D 137 -11.23 -23.80 -16.14
CA VAL D 137 -12.43 -23.22 -15.45
C VAL D 137 -12.11 -21.76 -15.07
N SER D 138 -10.88 -21.49 -14.68
CA SER D 138 -10.43 -20.15 -14.27
C SER D 138 -9.00 -19.95 -14.75
N THR D 139 -8.64 -18.72 -15.05
CA THR D 139 -7.26 -18.31 -15.35
C THR D 139 -6.64 -17.61 -14.13
N TRP D 140 -7.29 -17.61 -13.00
CA TRP D 140 -6.76 -16.89 -11.81
C TRP D 140 -5.37 -17.41 -11.46
N HIS D 141 -4.47 -16.52 -11.09
CA HIS D 141 -3.06 -16.89 -10.85
C HIS D 141 -2.79 -17.41 -9.44
N LEU D 142 -3.76 -17.48 -8.53
CA LEU D 142 -3.56 -17.93 -7.13
C LEU D 142 -4.46 -19.14 -6.82
N ASN D 143 -4.47 -20.10 -7.76
CA ASN D 143 -5.19 -21.38 -7.54
C ASN D 143 -4.21 -22.55 -7.48
N SER D 144 -2.93 -22.31 -7.22
CA SER D 144 -1.93 -23.41 -7.19
C SER D 144 -2.15 -24.33 -6.01
N PRO D 145 -1.64 -25.58 -6.12
CA PRO D 145 -1.65 -26.46 -4.95
C PRO D 145 -0.87 -25.87 -3.78
N GLU D 146 0.17 -25.09 -4.09
CA GLU D 146 1.01 -24.45 -3.04
C GLU D 146 0.19 -23.40 -2.30
N GLU D 147 -0.58 -22.55 -3.02
CA GLU D 147 -1.49 -21.62 -2.34
C GLU D 147 -2.47 -22.38 -1.45
N PHE D 148 -3.08 -23.43 -2.00
CA PHE D 148 -4.12 -24.17 -1.27
C PHE D 148 -3.54 -24.89 -0.06
N THR D 149 -2.30 -25.37 -0.15
CA THR D 149 -1.62 -26.04 1.00
C THR D 149 -1.35 -25.01 2.10
N LYS D 150 -0.90 -23.81 1.73
CA LYS D 150 -0.67 -22.77 2.76
C LYS D 150 -2.01 -22.46 3.48
N VAL D 151 -3.09 -22.28 2.73
CA VAL D 151 -4.43 -22.01 3.32
C VAL D 151 -4.86 -23.19 4.20
N GLN D 152 -4.72 -24.41 3.68
CA GLN D 152 -5.10 -25.59 4.50
C GLN D 152 -4.31 -25.61 5.81
N ASN D 153 -3.02 -25.28 5.76
CA ASN D 153 -2.18 -25.20 6.99
C ASN D 153 -2.66 -24.11 7.95
N LYS D 154 -3.18 -22.98 7.45
CA LYS D 154 -3.73 -21.96 8.38
C LYS D 154 -4.96 -22.56 9.07
N ILE D 155 -5.80 -23.30 8.35
CA ILE D 155 -7.01 -23.92 8.96
C ILE D 155 -6.54 -24.92 10.04
N LYS D 156 -5.59 -25.78 9.64
CA LYS D 156 -4.97 -26.81 10.52
C LYS D 156 -4.51 -26.14 11.81
N ASP D 157 -3.77 -25.03 11.71
CA ASP D 157 -3.17 -24.35 12.90
C ASP D 157 -4.27 -23.78 13.79
N LEU D 158 -5.29 -23.14 13.19
CA LEU D 158 -6.40 -22.58 13.98
C LEU D 158 -7.07 -23.74 14.73
N VAL D 159 -7.43 -24.83 14.04
CA VAL D 159 -8.11 -25.98 14.70
C VAL D 159 -7.19 -26.52 15.80
N ALA D 160 -5.90 -26.69 15.51
CA ALA D 160 -4.91 -27.24 16.47
C ALA D 160 -4.91 -26.41 17.75
N SER D 161 -5.11 -25.09 17.68
CA SER D 161 -5.03 -24.17 18.84
C SER D 161 -6.20 -24.40 19.82
N GLY D 162 -7.28 -25.05 19.39
CA GLY D 162 -8.54 -25.21 20.14
C GLY D 162 -9.27 -23.89 20.33
N GLN D 163 -8.84 -22.80 19.68
CA GLN D 163 -9.51 -21.47 19.76
C GLN D 163 -10.13 -21.19 18.39
N LEU D 164 -11.33 -21.70 18.13
CA LEU D 164 -11.94 -21.57 16.79
C LEU D 164 -12.60 -20.19 16.67
N GLY D 165 -12.92 -19.57 17.81
CA GLY D 165 -13.55 -18.24 17.92
C GLY D 165 -14.75 -18.15 16.99
N ILE D 166 -14.72 -17.24 16.05
CA ILE D 166 -15.88 -16.99 15.13
C ILE D 166 -16.11 -18.18 14.17
N PHE D 167 -15.21 -19.16 14.08
CA PHE D 167 -15.43 -20.39 13.27
C PHE D 167 -16.06 -21.50 14.14
N ALA D 168 -16.23 -21.27 15.42
CA ALA D 168 -16.68 -22.30 16.40
C ALA D 168 -18.17 -22.60 16.25
N ASN D 169 -18.51 -23.87 16.44
CA ASN D 169 -19.89 -24.37 16.68
C ASN D 169 -20.71 -24.05 15.43
N GLY D 170 -20.05 -24.11 14.27
CA GLY D 170 -20.64 -23.96 12.94
C GLY D 170 -21.22 -25.28 12.49
N TYR D 171 -21.69 -25.35 11.23
CA TYR D 171 -22.64 -26.36 10.71
C TYR D 171 -21.83 -27.43 9.99
N TRP D 172 -20.74 -27.84 10.62
CA TRP D 172 -19.75 -28.75 10.00
C TRP D 172 -20.40 -30.15 9.93
N GLY D 173 -20.40 -30.80 8.77
CA GLY D 173 -21.06 -32.11 8.56
C GLY D 173 -22.58 -32.04 8.35
N HIS D 174 -23.21 -30.86 8.41
CA HIS D 174 -24.66 -30.74 8.16
C HIS D 174 -25.02 -31.43 6.83
N PRO D 175 -26.16 -32.14 6.73
CA PRO D 175 -26.49 -32.82 5.48
C PRO D 175 -26.71 -31.93 4.27
N ALA D 176 -26.98 -30.65 4.51
CA ALA D 176 -27.16 -29.63 3.45
C ALA D 176 -25.80 -29.10 2.97
N MET D 177 -24.69 -29.47 3.60
CA MET D 177 -23.34 -29.12 3.12
C MET D 177 -22.94 -30.14 2.05
N LYS D 178 -22.86 -29.75 0.79
CA LYS D 178 -22.70 -30.67 -0.36
C LYS D 178 -21.32 -30.55 -1.05
N LEU D 179 -20.49 -29.55 -0.72
CA LEU D 179 -19.20 -29.42 -1.44
C LEU D 179 -18.27 -30.57 -1.08
N PRO D 180 -17.49 -31.09 -2.07
CA PRO D 180 -16.37 -31.98 -1.80
C PRO D 180 -15.30 -31.27 -0.99
N PRO D 181 -14.49 -31.99 -0.20
CA PRO D 181 -13.38 -31.38 0.52
C PRO D 181 -12.55 -30.36 -0.30
N GLU D 182 -12.22 -30.71 -1.53
CA GLU D 182 -11.38 -29.88 -2.42
C GLU D 182 -12.09 -28.54 -2.66
N VAL D 183 -13.39 -28.56 -2.89
CA VAL D 183 -14.11 -27.30 -3.23
C VAL D 183 -14.23 -26.46 -1.95
N ASN D 184 -14.36 -27.07 -0.79
CA ASN D 184 -14.33 -26.30 0.47
C ASN D 184 -12.99 -25.57 0.56
N LEU D 185 -11.89 -26.28 0.26
CA LEU D 185 -10.54 -25.66 0.45
C LEU D 185 -10.40 -24.51 -0.55
N ILE D 186 -10.81 -24.71 -1.77
CA ILE D 186 -10.79 -23.63 -2.81
C ILE D 186 -11.52 -22.42 -2.24
N ALA D 187 -12.71 -22.62 -1.70
CA ALA D 187 -13.54 -21.49 -1.23
C ALA D 187 -12.83 -20.74 -0.11
N VAL D 188 -12.23 -21.43 0.83
CA VAL D 188 -11.51 -20.74 1.94
C VAL D 188 -10.33 -19.95 1.36
N ALA D 189 -9.60 -20.50 0.41
CA ALA D 189 -8.48 -19.75 -0.19
C ALA D 189 -9.04 -18.48 -0.82
N HIS D 190 -10.16 -18.57 -1.53
CA HIS D 190 -10.76 -17.40 -2.18
C HIS D 190 -11.33 -16.41 -1.15
N TYR D 191 -11.89 -16.90 -0.06
CA TYR D 191 -12.35 -16.04 1.06
C TYR D 191 -11.20 -15.11 1.49
N LEU D 192 -9.99 -15.65 1.69
CA LEU D 192 -8.83 -14.87 2.17
C LEU D 192 -8.37 -13.91 1.06
N GLN D 193 -8.36 -14.35 -0.19
CA GLN D 193 -7.92 -13.55 -1.34
C GLN D 193 -8.92 -12.41 -1.53
N ALA D 194 -10.19 -12.63 -1.25
CA ALA D 194 -11.23 -11.59 -1.41
C ALA D 194 -10.88 -10.40 -0.54
N LEU D 195 -10.31 -10.62 0.63
CA LEU D 195 -10.03 -9.48 1.54
C LEU D 195 -9.04 -8.51 0.89
N GLU D 196 -8.10 -9.00 0.10
CA GLU D 196 -7.19 -8.07 -0.61
C GLU D 196 -7.95 -7.27 -1.65
N CYS D 197 -8.80 -7.91 -2.43
CA CYS D 197 -9.50 -7.20 -3.53
C CYS D 197 -10.41 -6.12 -2.93
N GLN D 198 -11.17 -6.46 -1.88
CA GLN D 198 -12.08 -5.46 -1.32
C GLN D 198 -11.26 -4.29 -0.74
N ARG D 199 -10.10 -4.56 -0.18
CA ARG D 199 -9.23 -3.46 0.35
C ARG D 199 -8.87 -2.53 -0.81
N ASP D 200 -8.47 -3.04 -1.95
CA ASP D 200 -8.16 -2.20 -3.14
C ASP D 200 -9.37 -1.39 -3.53
N ALA D 201 -10.56 -1.97 -3.53
CA ALA D 201 -11.77 -1.23 -3.93
C ALA D 201 -11.96 -0.04 -2.98
N ASN D 202 -11.70 -0.23 -1.70
CA ASN D 202 -11.92 0.89 -0.74
C ASN D 202 -10.79 1.92 -0.81
N ARG D 203 -9.66 1.55 -1.40
CA ARG D 203 -8.61 2.58 -1.60
C ARG D 203 -9.08 3.53 -2.69
N VAL D 204 -9.81 3.08 -3.70
CA VAL D 204 -10.43 3.97 -4.71
C VAL D 204 -11.36 4.92 -3.99
N VAL D 205 -12.24 4.38 -3.16
CA VAL D 205 -13.24 5.17 -2.43
C VAL D 205 -12.52 6.23 -1.59
N ALA D 206 -11.50 5.83 -0.86
CA ALA D 206 -10.83 6.72 0.09
C ALA D 206 -10.22 7.91 -0.63
N LEU D 207 -9.57 7.63 -1.76
CA LEU D 207 -8.84 8.72 -2.45
C LEU D 207 -9.79 9.81 -2.95
N LEU D 208 -11.06 9.50 -3.20
CA LEU D 208 -12.03 10.54 -3.56
C LEU D 208 -12.87 10.96 -2.34
N GLY D 209 -13.15 10.05 -1.40
CA GLY D 209 -14.05 10.38 -0.30
C GLY D 209 -13.39 11.00 0.91
N GLY D 210 -12.08 10.89 1.05
CA GLY D 210 -11.35 11.44 2.20
C GLY D 210 -11.16 10.46 3.32
N LYS D 211 -11.75 9.26 3.17
CA LYS D 211 -11.73 8.10 4.09
C LYS D 211 -12.90 7.21 3.69
N THR D 212 -12.88 6.01 4.23
CA THR D 212 -14.02 5.09 4.22
C THR D 212 -13.75 4.04 5.30
N PRO D 213 -14.76 3.67 6.12
CA PRO D 213 -16.15 4.09 6.00
C PRO D 213 -16.46 5.57 6.27
N HIS D 214 -17.57 6.01 5.67
CA HIS D 214 -18.21 7.33 5.82
C HIS D 214 -17.39 8.37 5.07
N ILE D 215 -17.69 8.49 3.79
CA ILE D 215 -16.99 9.48 2.94
C ILE D 215 -17.33 10.89 3.43
N GLN D 216 -16.52 11.82 2.99
CA GLN D 216 -16.63 13.23 3.46
C GLN D 216 -16.31 14.17 2.31
N ASN D 217 -16.79 13.89 1.10
CA ASN D 217 -16.43 14.75 -0.07
C ASN D 217 -17.69 15.26 -0.78
N LEU D 218 -18.87 15.02 -0.25
CA LEU D 218 -20.11 15.43 -0.90
C LEU D 218 -20.53 16.83 -0.46
N ALA D 219 -21.46 17.38 -1.23
CA ALA D 219 -22.13 18.63 -0.84
C ALA D 219 -23.44 18.66 -1.60
N VAL D 220 -24.47 19.25 -1.00
CA VAL D 220 -25.63 19.68 -1.82
C VAL D 220 -25.11 20.68 -2.84
N GLY D 221 -25.12 20.32 -4.11
CA GLY D 221 -24.52 21.15 -5.17
C GLY D 221 -23.30 20.52 -5.83
N GLY D 222 -22.79 19.38 -5.35
CA GLY D 222 -21.72 18.68 -6.05
C GLY D 222 -20.78 17.93 -5.12
N VAL D 223 -19.49 18.21 -5.26
CA VAL D 223 -18.45 17.58 -4.40
C VAL D 223 -17.46 18.62 -3.89
N ALA D 224 -16.76 18.25 -2.85
CA ALA D 224 -15.73 19.06 -2.20
C ALA D 224 -14.33 18.79 -2.75
N ASN D 225 -14.17 17.88 -3.70
CA ASN D 225 -12.85 17.64 -4.31
C ASN D 225 -12.50 18.86 -5.14
N PRO D 226 -11.29 19.43 -5.02
CA PRO D 226 -10.89 20.57 -5.84
C PRO D 226 -10.08 20.05 -7.02
N ILE D 227 -10.62 20.12 -8.23
CA ILE D 227 -9.93 19.59 -9.43
C ILE D 227 -8.95 20.64 -9.86
N ASN D 228 -7.67 20.33 -9.94
CA ASN D 228 -6.64 21.26 -10.45
C ASN D 228 -5.43 20.41 -10.80
N LEU D 229 -5.25 20.10 -12.06
CA LEU D 229 -4.14 19.21 -12.49
C LEU D 229 -2.81 19.73 -12.04
N ASP D 230 -2.69 21.05 -11.87
CA ASP D 230 -1.42 21.77 -11.59
C ASP D 230 -1.33 22.22 -10.14
N GLY D 231 -2.29 21.80 -9.29
CA GLY D 231 -2.35 22.23 -7.90
C GLY D 231 -1.65 21.29 -6.95
N LEU D 232 -0.96 21.86 -6.00
CA LEU D 232 -0.37 21.14 -4.84
C LEU D 232 -1.47 20.96 -3.82
N GLY D 233 -1.60 19.75 -3.29
CA GLY D 233 -2.54 19.50 -2.18
C GLY D 233 -3.97 19.31 -2.57
N VAL D 234 -4.27 19.24 -3.87
CA VAL D 234 -5.65 19.07 -4.38
C VAL D 234 -5.70 17.90 -5.36
N LEU D 235 -6.83 17.72 -6.03
CA LEU D 235 -7.06 16.56 -6.90
C LEU D 235 -6.36 16.88 -8.23
N ASN D 236 -5.11 16.43 -8.32
CA ASN D 236 -4.27 16.72 -9.49
C ASN D 236 -4.03 15.45 -10.29
N LEU D 237 -3.16 15.49 -11.29
CA LEU D 237 -3.04 14.30 -12.16
C LEU D 237 -2.38 13.16 -11.37
N GLU D 238 -1.44 13.46 -10.51
CA GLU D 238 -0.77 12.42 -9.68
C GLU D 238 -1.81 11.68 -8.82
N ARG D 239 -2.73 12.42 -8.21
CA ARG D 239 -3.77 11.79 -7.38
C ARG D 239 -4.70 10.93 -8.24
N LEU D 240 -5.05 11.43 -9.43
CA LEU D 240 -5.93 10.68 -10.35
C LEU D 240 -5.23 9.41 -10.80
N MET D 241 -3.93 9.48 -11.12
CA MET D 241 -3.16 8.28 -11.47
C MET D 241 -3.19 7.27 -10.33
N TYR D 242 -3.12 7.73 -9.10
CA TYR D 242 -3.14 6.81 -7.94
C TYR D 242 -4.50 6.10 -7.88
N ILE D 243 -5.58 6.87 -8.04
CA ILE D 243 -6.93 6.27 -8.09
C ILE D 243 -6.94 5.19 -9.17
N LYS D 244 -6.48 5.51 -10.36
CA LYS D 244 -6.52 4.56 -11.48
C LYS D 244 -5.74 3.29 -11.12
N SER D 245 -4.61 3.41 -10.46
CA SER D 245 -3.80 2.23 -10.09
C SER D 245 -4.59 1.25 -9.24
N PHE D 246 -5.52 1.74 -8.42
CA PHE D 246 -6.37 0.84 -7.62
C PHE D 246 -7.55 0.32 -8.43
N ILE D 247 -8.16 1.15 -9.30
CA ILE D 247 -9.27 0.67 -10.17
C ILE D 247 -8.78 -0.55 -10.93
N ASP D 248 -7.58 -0.48 -11.47
CA ASP D 248 -7.04 -1.53 -12.35
C ASP D 248 -6.84 -2.84 -11.57
N LYS D 249 -6.69 -2.84 -10.26
CA LYS D 249 -6.38 -4.05 -9.45
C LYS D 249 -7.63 -4.88 -9.20
N LEU D 250 -8.84 -4.40 -9.52
CA LEU D 250 -10.06 -5.10 -9.06
C LEU D 250 -10.49 -6.21 -10.03
N SER D 251 -10.27 -6.04 -11.32
CA SER D 251 -10.96 -6.83 -12.37
C SER D 251 -10.63 -8.31 -12.23
N ASP D 252 -9.34 -8.65 -12.09
CA ASP D 252 -8.96 -10.07 -12.21
C ASP D 252 -9.67 -10.90 -11.14
N PHE D 253 -9.66 -10.47 -9.88
CA PHE D 253 -10.34 -11.26 -8.82
C PHE D 253 -11.82 -11.36 -9.14
N VAL D 254 -12.44 -10.24 -9.51
CA VAL D 254 -13.90 -10.25 -9.76
C VAL D 254 -14.21 -11.25 -10.88
N GLU D 255 -13.46 -11.22 -11.99
CA GLU D 255 -13.81 -12.01 -13.20
C GLU D 255 -13.37 -13.46 -13.03
N GLN D 256 -12.24 -13.71 -12.40
CA GLN D 256 -11.56 -15.03 -12.42
C GLN D 256 -11.79 -15.78 -11.13
N VAL D 257 -12.36 -15.15 -10.10
CA VAL D 257 -12.58 -15.82 -8.79
C VAL D 257 -14.04 -15.68 -8.41
N TYR D 258 -14.52 -14.47 -8.15
CA TYR D 258 -15.92 -14.25 -7.68
C TYR D 258 -16.91 -14.77 -8.73
N LYS D 259 -16.76 -14.36 -9.99
CA LYS D 259 -17.69 -14.79 -11.03
C LYS D 259 -17.69 -16.32 -11.16
N VAL D 260 -16.52 -16.94 -11.11
CA VAL D 260 -16.38 -18.41 -11.31
C VAL D 260 -16.95 -19.10 -10.09
N ASP D 261 -16.64 -18.70 -8.87
CA ASP D 261 -17.19 -19.32 -7.66
C ASP D 261 -18.73 -19.28 -7.66
N THR D 262 -19.30 -18.21 -8.17
CA THR D 262 -20.76 -18.07 -8.22
C THR D 262 -21.31 -19.22 -9.06
N ALA D 263 -20.73 -19.45 -10.22
CA ALA D 263 -21.15 -20.58 -11.10
C ALA D 263 -20.93 -21.91 -10.38
N VAL D 264 -19.83 -22.07 -9.66
CA VAL D 264 -19.46 -23.38 -9.03
C VAL D 264 -20.46 -23.66 -7.90
N ILE D 265 -20.84 -22.67 -7.08
CA ILE D 265 -21.80 -22.91 -5.98
C ILE D 265 -23.13 -23.34 -6.62
N ALA D 266 -23.55 -22.73 -7.70
CA ALA D 266 -24.81 -23.11 -8.36
C ALA D 266 -24.71 -24.56 -8.85
N ALA D 267 -23.57 -24.92 -9.39
CA ALA D 267 -23.36 -26.28 -9.95
C ALA D 267 -23.51 -27.34 -8.86
N PHE D 268 -23.11 -27.05 -7.62
CA PHE D 268 -23.13 -28.02 -6.50
C PHE D 268 -24.44 -27.95 -5.72
N TYR D 269 -25.23 -26.90 -5.91
CA TYR D 269 -26.46 -26.65 -5.12
C TYR D 269 -27.62 -26.38 -6.07
N PRO D 270 -27.85 -27.18 -7.15
CA PRO D 270 -28.83 -26.81 -8.17
C PRO D 270 -30.29 -26.73 -7.68
N GLU D 271 -30.64 -27.36 -6.58
CA GLU D 271 -32.01 -27.26 -6.02
C GLU D 271 -32.24 -25.85 -5.48
N TRP D 272 -31.16 -25.09 -5.25
CA TRP D 272 -31.35 -23.73 -4.69
C TRP D 272 -31.65 -22.77 -5.84
N LEU D 273 -31.83 -23.25 -7.06
CA LEU D 273 -32.41 -22.49 -8.20
C LEU D 273 -33.94 -22.65 -8.25
N THR D 274 -34.51 -23.45 -7.35
CA THR D 274 -35.94 -23.84 -7.37
C THR D 274 -36.61 -23.44 -6.06
N ARG D 275 -35.92 -22.72 -5.18
CA ARG D 275 -36.53 -22.19 -3.95
C ARG D 275 -35.94 -20.81 -3.63
N GLY D 276 -36.60 -20.15 -2.71
CA GLY D 276 -36.24 -18.79 -2.24
C GLY D 276 -36.80 -17.67 -3.11
N LYS D 277 -37.88 -17.89 -3.87
CA LYS D 277 -38.59 -16.78 -4.57
C LYS D 277 -39.28 -15.92 -3.53
N GLY D 278 -38.99 -14.63 -3.55
CA GLY D 278 -39.56 -13.70 -2.55
C GLY D 278 -40.76 -12.88 -3.04
N ALA D 279 -40.84 -12.67 -4.35
CA ALA D 279 -41.82 -11.78 -4.98
C ALA D 279 -42.00 -12.12 -6.43
N VAL D 280 -43.06 -11.54 -7.00
CA VAL D 280 -43.32 -11.59 -8.46
C VAL D 280 -43.17 -10.21 -9.08
N ASN D 281 -42.90 -9.21 -8.27
CA ASN D 281 -42.73 -7.81 -8.74
C ASN D 281 -41.33 -7.37 -8.31
N TYR D 282 -40.70 -6.60 -9.17
CA TYR D 282 -39.29 -6.15 -8.97
C TYR D 282 -39.16 -4.68 -9.36
N LEU D 283 -38.32 -3.94 -8.63
CA LEU D 283 -38.06 -2.51 -8.93
C LEU D 283 -36.56 -2.24 -8.86
N SER D 284 -36.06 -1.47 -9.78
CA SER D 284 -34.71 -0.87 -9.73
C SER D 284 -34.79 0.52 -10.33
N VAL D 285 -33.87 1.39 -9.93
CA VAL D 285 -33.79 2.73 -10.52
C VAL D 285 -32.52 2.75 -11.36
N PRO D 286 -32.53 3.58 -12.42
CA PRO D 286 -31.33 3.76 -13.22
C PRO D 286 -30.24 4.41 -12.36
N GLU D 287 -28.98 4.16 -12.74
CA GLU D 287 -27.87 4.66 -11.88
C GLU D 287 -26.68 5.04 -12.73
N PHE D 288 -25.85 5.89 -12.14
CA PHE D 288 -24.61 6.46 -12.72
C PHE D 288 -24.97 7.47 -13.80
N PRO D 289 -25.50 8.64 -13.37
CA PRO D 289 -25.82 9.71 -14.30
C PRO D 289 -24.53 10.30 -14.87
N THR D 290 -24.59 10.76 -16.14
CA THR D 290 -23.39 11.20 -16.89
C THR D 290 -23.60 12.50 -17.64
N ASP D 291 -24.74 13.13 -17.50
CA ASP D 291 -24.98 14.43 -18.17
C ASP D 291 -24.95 15.54 -17.14
N SER D 292 -25.18 16.77 -17.58
CA SER D 292 -25.15 17.98 -16.76
C SER D 292 -26.48 18.23 -16.04
N LYS D 293 -27.46 17.35 -16.18
CA LYS D 293 -28.84 17.56 -15.69
C LYS D 293 -29.33 16.34 -14.95
N ASN D 294 -28.43 15.67 -14.23
CA ASN D 294 -28.80 14.58 -13.29
C ASN D 294 -29.37 13.37 -14.00
N GLY D 295 -29.08 13.16 -15.27
CA GLY D 295 -29.60 12.02 -16.05
C GLY D 295 -28.55 11.33 -16.89
N SER D 296 -29.00 10.72 -17.99
CA SER D 296 -28.16 9.92 -18.91
C SER D 296 -27.42 8.85 -18.10
N PHE D 297 -28.18 7.92 -17.57
CA PHE D 297 -27.65 6.88 -16.68
C PHE D 297 -26.92 5.79 -17.45
N LEU D 298 -25.84 5.28 -16.89
CA LEU D 298 -25.15 4.11 -17.51
C LEU D 298 -25.94 2.83 -17.32
N PHE D 299 -26.61 2.66 -16.19
CA PHE D 299 -27.40 1.45 -15.91
C PHE D 299 -28.88 1.79 -15.92
N PRO D 300 -29.72 0.93 -16.54
CA PRO D 300 -31.15 1.22 -16.61
C PRO D 300 -31.94 0.72 -15.41
N GLY D 301 -33.12 1.29 -15.23
CA GLY D 301 -34.06 0.89 -14.18
C GLY D 301 -35.41 0.51 -14.77
N GLY D 302 -36.31 0.13 -13.89
CA GLY D 302 -37.63 -0.30 -14.34
C GLY D 302 -38.42 -1.03 -13.30
N TYR D 303 -39.64 -1.37 -13.68
CA TYR D 303 -40.61 -2.08 -12.84
C TYR D 303 -41.12 -3.31 -13.58
N ILE D 304 -40.94 -4.48 -12.99
CA ILE D 304 -41.45 -5.76 -13.51
C ILE D 304 -42.63 -6.15 -12.66
N GLU D 305 -43.75 -6.50 -13.29
CA GLU D 305 -44.96 -6.98 -12.60
C GLU D 305 -45.29 -8.43 -13.01
N ASN D 306 -45.52 -9.24 -12.02
CA ASN D 306 -45.85 -10.67 -12.16
C ASN D 306 -44.81 -11.39 -13.00
N ALA D 307 -43.52 -11.07 -12.79
CA ALA D 307 -42.37 -11.74 -13.41
C ALA D 307 -42.39 -11.65 -14.93
N ASP D 308 -43.12 -10.70 -15.51
CA ASP D 308 -43.20 -10.56 -16.98
C ASP D 308 -42.16 -9.57 -17.47
N LEU D 309 -41.01 -10.05 -17.89
CA LEU D 309 -39.95 -9.15 -18.39
C LEU D 309 -40.40 -8.47 -19.68
N SER D 310 -41.23 -9.13 -20.50
CA SER D 310 -41.60 -8.64 -21.84
C SER D 310 -42.44 -7.37 -21.77
N SER D 311 -43.17 -7.15 -20.68
CA SER D 311 -44.08 -5.97 -20.57
C SER D 311 -43.64 -5.04 -19.44
N TYR D 312 -42.38 -5.10 -19.01
CA TYR D 312 -41.89 -4.24 -17.91
C TYR D 312 -42.01 -2.78 -18.33
N ARG D 313 -41.98 -1.92 -17.32
CA ARG D 313 -42.04 -0.46 -17.51
C ARG D 313 -40.66 0.13 -17.24
N PRO D 314 -39.98 0.66 -18.27
CA PRO D 314 -38.71 1.34 -18.06
C PRO D 314 -38.84 2.58 -17.17
N ILE D 315 -37.77 2.81 -16.40
CA ILE D 315 -37.59 4.04 -15.61
C ILE D 315 -36.25 4.62 -16.03
N THR D 316 -36.27 5.82 -16.61
CA THR D 316 -35.04 6.45 -17.16
C THR D 316 -34.68 7.73 -16.44
N SER D 317 -35.52 8.14 -15.51
CA SER D 317 -35.37 9.42 -14.81
C SER D 317 -35.60 9.25 -13.30
N HIS D 318 -34.81 9.95 -12.49
CA HIS D 318 -35.04 10.01 -11.03
C HIS D 318 -36.17 10.99 -10.69
N SER D 319 -36.74 11.68 -11.69
CA SER D 319 -37.93 12.56 -11.48
C SER D 319 -39.20 11.87 -11.98
N ASP D 320 -39.15 10.59 -12.33
CA ASP D 320 -40.31 9.84 -12.91
C ASP D 320 -41.48 9.89 -11.94
N GLU D 321 -42.56 10.57 -12.31
CA GLU D 321 -43.72 10.70 -11.43
C GLU D 321 -44.43 9.37 -11.18
N TYR D 322 -44.39 8.45 -12.12
CA TYR D 322 -44.99 7.12 -11.94
C TYR D 322 -44.28 6.40 -10.77
N LEU D 323 -42.95 6.47 -10.76
CA LEU D 323 -42.18 5.84 -9.65
C LEU D 323 -42.52 6.58 -8.35
N ILE D 324 -42.40 7.90 -8.37
CA ILE D 324 -42.60 8.70 -7.15
C ILE D 324 -43.97 8.43 -6.52
N LYS D 325 -45.02 8.44 -7.31
CA LYS D 325 -46.39 8.37 -6.78
C LYS D 325 -46.74 6.97 -6.28
N GLY D 326 -46.03 5.93 -6.69
CA GLY D 326 -46.45 4.57 -6.29
C GLY D 326 -46.00 4.19 -4.89
N ILE D 327 -44.98 4.88 -4.35
CA ILE D 327 -44.27 4.38 -3.14
C ILE D 327 -45.01 4.81 -1.89
N GLN D 328 -45.37 3.83 -1.05
CA GLN D 328 -45.94 4.06 0.29
C GLN D 328 -45.33 3.06 1.27
N GLU D 329 -45.43 3.39 2.54
CA GLU D 329 -45.05 2.49 3.65
C GLU D 329 -46.18 2.38 4.67
N SER D 330 -46.38 1.18 5.23
CA SER D 330 -47.39 0.91 6.27
C SER D 330 -46.66 0.44 7.53
N ALA D 331 -47.26 0.70 8.67
CA ALA D 331 -46.76 0.25 9.98
C ALA D 331 -47.84 -0.57 10.71
N LYS D 332 -48.77 -1.16 9.98
CA LYS D 332 -49.77 -2.04 10.66
C LYS D 332 -49.09 -3.11 11.52
N HIS D 333 -48.08 -3.81 11.00
CA HIS D 333 -47.36 -4.89 11.74
C HIS D 333 -45.96 -4.45 12.19
N SER D 334 -45.78 -3.14 12.32
CA SER D 334 -44.52 -2.51 12.74
C SER D 334 -44.76 -1.73 14.04
N TRP D 335 -43.73 -1.49 14.82
CA TRP D 335 -43.86 -0.78 16.11
C TRP D 335 -43.89 0.74 15.91
N TYR D 336 -44.79 1.23 15.06
CA TYR D 336 -45.11 2.66 14.94
C TYR D 336 -46.62 2.85 15.10
N LYS D 337 -46.97 4.10 15.39
CA LYS D 337 -48.36 4.46 15.76
C LYS D 337 -49.23 4.50 14.50
N ASP D 338 -48.81 5.19 13.44
CA ASP D 338 -49.70 5.49 12.29
C ASP D 338 -49.61 4.32 11.31
N GLU D 339 -50.69 3.60 11.04
CA GLU D 339 -50.64 2.31 10.33
C GLU D 339 -51.04 2.41 8.87
N ALA D 340 -51.83 3.40 8.46
CA ALA D 340 -52.33 3.39 7.07
C ALA D 340 -51.14 3.66 6.14
N PRO D 341 -51.15 3.13 4.92
CA PRO D 341 -50.04 3.42 4.00
C PRO D 341 -49.81 4.92 3.83
N GLN D 342 -48.53 5.31 3.90
CA GLN D 342 -48.12 6.72 3.84
C GLN D 342 -47.16 6.93 2.67
N ALA D 343 -47.42 7.93 1.86
CA ALA D 343 -46.41 8.46 0.92
C ALA D 343 -45.31 9.09 1.76
N PRO D 344 -44.02 8.87 1.40
CA PRO D 344 -42.95 9.28 2.31
C PRO D 344 -42.83 10.79 2.56
N TRP D 345 -43.28 11.64 1.65
CA TRP D 345 -43.25 13.09 1.96
C TRP D 345 -44.21 13.42 3.11
N GLU D 346 -45.19 12.56 3.36
CA GLU D 346 -46.22 12.69 4.43
C GLU D 346 -45.98 11.63 5.49
N GLY D 347 -44.82 10.98 5.49
CA GLY D 347 -44.54 9.91 6.44
C GLY D 347 -44.38 10.41 7.86
N THR D 348 -44.76 9.55 8.80
CA THR D 348 -44.40 9.68 10.22
C THR D 348 -43.63 8.46 10.67
N THR D 349 -42.90 8.62 11.76
CA THR D 349 -42.13 7.54 12.39
C THR D 349 -42.31 7.66 13.88
N ILE D 350 -43.52 7.34 14.35
CA ILE D 350 -43.83 7.57 15.79
C ILE D 350 -43.72 6.22 16.51
N PRO D 351 -42.73 6.00 17.38
CA PRO D 351 -42.52 4.67 17.94
C PRO D 351 -43.72 4.27 18.81
N ALA D 352 -44.05 2.99 18.74
CA ALA D 352 -45.19 2.43 19.51
C ALA D 352 -44.90 0.97 19.83
N TYR D 353 -43.81 0.72 20.53
CA TYR D 353 -43.42 -0.65 20.89
C TYR D 353 -44.42 -1.26 21.88
N ASP D 354 -44.88 -2.46 21.58
CA ASP D 354 -45.86 -3.14 22.47
C ASP D 354 -45.50 -4.62 22.58
N GLY D 355 -44.26 -4.99 22.22
CA GLY D 355 -43.81 -6.36 22.22
C GLY D 355 -44.24 -7.15 21.01
N TRP D 356 -43.80 -8.38 20.97
CA TRP D 356 -44.00 -9.28 19.83
C TRP D 356 -45.41 -9.84 19.84
N SER D 357 -46.10 -9.76 18.73
CA SER D 357 -47.36 -10.53 18.50
C SER D 357 -47.31 -11.08 17.08
N ASP D 358 -47.50 -12.40 16.91
CA ASP D 358 -47.51 -13.07 15.59
C ASP D 358 -48.47 -12.38 14.61
N ASP D 359 -49.62 -11.91 15.08
CA ASP D 359 -50.68 -11.34 14.20
C ASP D 359 -50.75 -9.82 14.37
N GLY D 360 -49.92 -9.25 15.25
CA GLY D 360 -49.90 -7.81 15.53
C GLY D 360 -48.58 -7.21 15.03
N LYS D 361 -47.94 -6.48 15.91
CA LYS D 361 -46.68 -5.75 15.56
C LYS D 361 -45.53 -6.66 15.94
N TYR D 362 -44.54 -6.79 15.06
CA TYR D 362 -43.40 -7.69 15.34
C TYR D 362 -42.08 -7.21 14.73
N SER D 363 -41.97 -5.92 14.39
CA SER D 363 -40.73 -5.44 13.71
C SER D 363 -40.63 -3.93 13.82
N TRP D 364 -39.40 -3.42 13.81
CA TRP D 364 -39.12 -1.98 13.61
C TRP D 364 -39.05 -1.63 12.12
N VAL D 365 -39.11 -2.61 11.25
CA VAL D 365 -39.09 -2.34 9.78
C VAL D 365 -40.52 -1.97 9.36
N LYS D 366 -40.70 -0.88 8.61
CA LYS D 366 -41.95 -0.57 7.89
C LYS D 366 -42.15 -1.51 6.71
N SER D 367 -43.37 -1.49 6.17
CA SER D 367 -43.79 -2.33 5.04
C SER D 367 -44.02 -1.53 3.78
N PRO D 368 -43.05 -1.46 2.86
CA PRO D 368 -43.25 -0.65 1.66
C PRO D 368 -44.06 -1.41 0.59
N THR D 369 -44.84 -0.65 -0.19
CA THR D 369 -45.56 -1.15 -1.37
C THR D 369 -45.37 -0.20 -2.53
N PHE D 370 -45.56 -0.73 -3.71
CA PHE D 370 -45.54 0.04 -4.97
C PHE D 370 -46.93 -0.10 -5.62
N TYR D 371 -47.71 0.97 -5.62
CA TYR D 371 -49.16 0.95 -6.00
C TYR D 371 -49.82 -0.25 -5.31
N GLY D 372 -49.54 -0.45 -4.02
CA GLY D 372 -50.28 -1.47 -3.24
C GLY D 372 -49.68 -2.86 -3.31
N LYS D 373 -48.58 -3.07 -4.04
CA LYS D 373 -48.00 -4.43 -4.22
C LYS D 373 -46.66 -4.55 -3.48
N THR D 374 -46.41 -5.75 -3.00
CA THR D 374 -45.07 -6.13 -2.45
C THR D 374 -44.09 -6.27 -3.61
N VAL D 375 -42.87 -5.78 -3.38
CA VAL D 375 -41.81 -5.72 -4.42
C VAL D 375 -40.49 -6.18 -3.80
N GLU D 376 -39.75 -6.97 -4.57
CA GLU D 376 -38.34 -7.28 -4.23
C GLU D 376 -37.45 -6.27 -4.94
N VAL D 377 -36.50 -5.75 -4.20
CA VAL D 377 -35.43 -4.88 -4.74
C VAL D 377 -34.09 -5.57 -4.58
N GLY D 378 -33.06 -5.00 -5.21
CA GLY D 378 -31.69 -5.49 -5.04
C GLY D 378 -31.23 -6.20 -6.29
N PRO D 379 -30.06 -6.85 -6.22
CA PRO D 379 -29.43 -7.42 -7.41
C PRO D 379 -30.31 -8.34 -8.29
N LEU D 380 -31.24 -9.09 -7.74
CA LEU D 380 -32.11 -9.93 -8.58
C LEU D 380 -33.01 -9.00 -9.39
N ALA D 381 -33.59 -8.00 -8.73
CA ALA D 381 -34.42 -6.99 -9.44
C ALA D 381 -33.60 -6.30 -10.51
N ASN D 382 -32.43 -5.88 -10.11
CA ASN D 382 -31.54 -5.09 -10.99
C ASN D 382 -31.19 -5.89 -12.26
N MET D 383 -30.80 -7.14 -12.08
CA MET D 383 -30.40 -8.03 -13.18
C MET D 383 -31.65 -8.21 -14.07
N LEU D 384 -32.78 -8.55 -13.48
CA LEU D 384 -33.98 -8.89 -14.31
C LEU D 384 -34.42 -7.68 -15.13
N VAL D 385 -34.35 -6.46 -14.57
CA VAL D 385 -34.70 -5.24 -15.29
C VAL D 385 -33.73 -5.02 -16.44
N LYS D 386 -32.41 -5.21 -16.24
CA LYS D 386 -31.42 -5.07 -17.33
C LYS D 386 -31.69 -6.12 -18.43
N LEU D 387 -32.07 -7.34 -18.07
CA LEU D 387 -32.41 -8.36 -19.09
C LEU D 387 -33.69 -7.95 -19.82
N ALA D 388 -34.66 -7.37 -19.10
CA ALA D 388 -35.90 -6.89 -19.73
C ALA D 388 -35.59 -5.78 -20.71
N ALA D 389 -34.62 -4.91 -20.40
CA ALA D 389 -34.21 -3.79 -21.23
C ALA D 389 -33.37 -4.27 -22.44
N GLY D 390 -33.03 -5.55 -22.50
CA GLY D 390 -32.15 -6.07 -23.59
C GLY D 390 -30.73 -5.54 -23.48
N ARG D 391 -30.26 -5.28 -22.27
CA ARG D 391 -28.88 -4.78 -22.08
C ARG D 391 -27.91 -5.92 -22.42
N GLU D 392 -27.14 -5.74 -23.49
CA GLU D 392 -26.26 -6.82 -24.00
C GLU D 392 -25.17 -7.14 -22.97
N SER D 393 -24.63 -6.13 -22.29
CA SER D 393 -23.57 -6.35 -21.29
C SER D 393 -24.07 -7.31 -20.20
N THR D 394 -25.32 -7.16 -19.77
CA THR D 394 -25.86 -7.98 -18.67
C THR D 394 -26.14 -9.39 -19.21
N GLN D 395 -26.78 -9.49 -20.38
CA GLN D 395 -26.97 -10.78 -21.10
CA GLN D 395 -26.99 -10.85 -20.97
C GLN D 395 -25.64 -11.55 -21.17
N ASN D 396 -24.63 -10.85 -21.65
CA ASN D 396 -23.32 -11.47 -21.96
C ASN D 396 -22.69 -11.96 -20.65
N LYS D 397 -22.78 -11.16 -19.59
CA LYS D 397 -22.16 -11.51 -18.30
C LYS D 397 -22.89 -12.67 -17.65
N LEU D 398 -24.22 -12.65 -17.67
CA LEU D 398 -25.00 -13.82 -17.19
C LEU D 398 -24.61 -15.07 -18.00
N ASN D 399 -24.50 -14.93 -19.32
CA ASN D 399 -24.17 -16.09 -20.19
C ASN D 399 -22.81 -16.67 -19.77
N GLU D 400 -21.85 -15.83 -19.35
CA GLU D 400 -20.53 -16.36 -18.92
C GLU D 400 -20.67 -17.25 -17.69
N ILE D 401 -21.52 -16.87 -16.74
CA ILE D 401 -21.75 -17.67 -15.53
C ILE D 401 -22.48 -18.96 -15.93
N VAL D 402 -23.45 -18.84 -16.82
CA VAL D 402 -24.22 -20.03 -17.25
C VAL D 402 -23.28 -20.98 -17.99
N ALA D 403 -22.35 -20.48 -18.78
CA ALA D 403 -21.41 -21.35 -19.54
C ALA D 403 -20.54 -22.14 -18.58
N ILE D 404 -20.13 -21.57 -17.44
CA ILE D 404 -19.31 -22.32 -16.45
C ILE D 404 -20.21 -23.36 -15.81
N TYR D 405 -21.42 -22.99 -15.42
CA TYR D 405 -22.45 -23.93 -14.91
C TYR D 405 -22.65 -25.11 -15.89
N GLN D 406 -22.78 -24.79 -17.17
CA GLN D 406 -23.03 -25.78 -18.27
C GLN D 406 -21.85 -26.76 -18.31
N LYS D 407 -20.63 -26.23 -18.37
CA LYS D 407 -19.38 -27.04 -18.43
C LYS D 407 -19.37 -27.99 -17.22
N LEU D 408 -19.70 -27.53 -16.03
CA LEU D 408 -19.60 -28.37 -14.81
C LEU D 408 -20.73 -29.39 -14.71
N THR D 409 -21.94 -29.14 -15.21
CA THR D 409 -23.14 -29.94 -14.88
C THR D 409 -23.74 -30.63 -16.11
N GLY D 410 -23.45 -30.14 -17.31
CA GLY D 410 -24.12 -30.55 -18.55
C GLY D 410 -25.50 -29.94 -18.69
N ASN D 411 -25.91 -29.06 -17.76
CA ASN D 411 -27.28 -28.49 -17.74
C ASN D 411 -27.17 -26.99 -18.00
N THR D 412 -28.27 -26.37 -18.43
CA THR D 412 -28.27 -24.91 -18.58
C THR D 412 -29.15 -24.28 -17.51
N LEU D 413 -29.17 -22.96 -17.50
CA LEU D 413 -29.91 -22.12 -16.54
C LEU D 413 -30.84 -21.26 -17.39
N GLU D 414 -32.14 -21.31 -17.14
CA GLU D 414 -33.14 -20.41 -17.78
C GLU D 414 -33.53 -19.29 -16.81
N VAL D 415 -34.14 -18.23 -17.34
CA VAL D 415 -34.54 -17.05 -16.55
C VAL D 415 -35.49 -17.48 -15.45
N ALA D 416 -36.36 -18.46 -15.65
CA ALA D 416 -37.29 -18.92 -14.58
C ALA D 416 -36.50 -19.36 -13.34
N GLN D 417 -35.31 -19.92 -13.54
CA GLN D 417 -34.51 -20.43 -12.40
C GLN D 417 -33.87 -19.26 -11.66
N LEU D 418 -33.92 -18.04 -12.18
CA LEU D 418 -33.21 -16.89 -11.54
C LEU D 418 -34.10 -16.36 -10.41
N HIS D 419 -35.40 -16.70 -10.37
CA HIS D 419 -36.32 -16.24 -9.31
C HIS D 419 -36.12 -17.16 -8.11
N SER D 420 -34.97 -17.06 -7.45
CA SER D 420 -34.53 -18.10 -6.52
C SER D 420 -33.38 -17.57 -5.66
N THR D 421 -33.07 -18.29 -4.59
CA THR D 421 -31.93 -17.98 -3.71
C THR D 421 -30.65 -17.86 -4.56
N LEU D 422 -30.36 -18.81 -5.43
CA LEU D 422 -29.15 -18.72 -6.27
C LEU D 422 -29.28 -17.63 -7.34
N GLY D 423 -30.43 -17.43 -7.97
CA GLY D 423 -30.59 -16.35 -8.95
C GLY D 423 -30.24 -15.00 -8.32
N ARG D 424 -30.60 -14.81 -7.07
CA ARG D 424 -30.35 -13.55 -6.35
C ARG D 424 -28.84 -13.34 -6.21
N ILE D 425 -28.17 -14.37 -5.78
CA ILE D 425 -26.70 -14.40 -5.67
C ILE D 425 -26.09 -14.11 -7.03
N ILE D 426 -26.57 -14.76 -8.08
CA ILE D 426 -26.07 -14.52 -9.45
C ILE D 426 -26.26 -13.05 -9.86
N GLY D 427 -27.42 -12.46 -9.58
CA GLY D 427 -27.64 -11.06 -9.95
C GLY D 427 -26.63 -10.15 -9.30
N ARG D 428 -26.24 -10.46 -8.07
CA ARG D 428 -25.24 -9.66 -7.31
C ARG D 428 -23.88 -9.78 -7.99
N THR D 429 -23.46 -11.00 -8.35
CA THR D 429 -22.18 -11.21 -9.01
C THR D 429 -22.18 -10.49 -10.35
N VAL D 430 -23.25 -10.64 -11.15
CA VAL D 430 -23.33 -9.93 -12.46
C VAL D 430 -23.13 -8.44 -12.23
N HIS D 431 -23.80 -7.87 -11.23
CA HIS D 431 -23.66 -6.43 -10.90
C HIS D 431 -22.19 -6.11 -10.62
N CYS D 432 -21.55 -6.87 -9.74
CA CYS D 432 -20.13 -6.60 -9.42
C CYS D 432 -19.28 -6.62 -10.68
N CYS D 433 -19.47 -7.59 -11.57
CA CYS D 433 -18.68 -7.68 -12.81
C CYS D 433 -18.93 -6.44 -13.69
N GLU D 434 -20.18 -6.05 -13.89
CA GLU D 434 -20.48 -4.92 -14.80
C GLU D 434 -19.94 -3.61 -14.21
N LEU D 435 -19.85 -3.51 -12.88
CA LEU D 435 -19.36 -2.27 -12.22
C LEU D 435 -17.88 -2.01 -12.55
N GLN D 436 -17.12 -3.00 -12.99
CA GLN D 436 -15.70 -2.75 -13.29
C GLN D 436 -15.64 -1.94 -14.58
N ASP D 437 -16.55 -2.15 -15.53
CA ASP D 437 -16.64 -1.30 -16.75
CA ASP D 437 -16.57 -1.27 -16.74
C ASP D 437 -17.12 0.11 -16.37
N ILE D 438 -18.05 0.20 -15.41
CA ILE D 438 -18.49 1.55 -14.94
C ILE D 438 -17.28 2.32 -14.48
N LEU D 439 -16.44 1.70 -13.65
CA LEU D 439 -15.24 2.38 -13.12
C LEU D 439 -14.31 2.85 -14.26
N GLN D 440 -13.98 1.97 -15.21
CA GLN D 440 -13.10 2.37 -16.31
C GLN D 440 -13.74 3.52 -17.11
N ASN D 441 -15.03 3.40 -17.37
CA ASN D 441 -15.78 4.38 -18.18
C ASN D 441 -15.71 5.75 -17.49
N GLN D 442 -15.98 5.78 -16.18
CA GLN D 442 -16.13 7.09 -15.49
C GLN D 442 -14.79 7.69 -15.16
N TYR D 443 -13.76 6.87 -14.90
CA TYR D 443 -12.38 7.40 -14.81
C TYR D 443 -12.01 8.10 -16.12
N SER D 444 -12.18 7.42 -17.24
CA SER D 444 -11.86 7.98 -18.57
CA SER D 444 -11.87 7.97 -18.59
C SER D 444 -12.68 9.25 -18.83
N ALA D 445 -13.95 9.23 -18.51
CA ALA D 445 -14.80 10.43 -18.73
C ALA D 445 -14.25 11.61 -17.93
N LEU D 446 -13.86 11.38 -16.68
CA LEU D 446 -13.32 12.45 -15.82
C LEU D 446 -12.04 13.01 -16.42
N ILE D 447 -11.07 12.16 -16.77
CA ILE D 447 -9.78 12.60 -17.37
C ILE D 447 -10.08 13.41 -18.63
N THR D 448 -10.95 12.91 -19.48
CA THR D 448 -11.28 13.60 -20.76
C THR D 448 -11.88 14.96 -20.48
N ASN D 449 -12.84 15.04 -19.56
CA ASN D 449 -13.54 16.29 -19.26
C ASN D 449 -12.61 17.31 -18.65
N ILE D 450 -11.73 16.92 -17.72
CA ILE D 450 -10.76 17.88 -17.16
C ILE D 450 -9.86 18.37 -18.31
N GLY D 451 -9.50 17.51 -19.22
CA GLY D 451 -8.67 17.90 -20.39
C GLY D 451 -9.32 18.92 -21.29
N LYS D 452 -10.65 18.99 -21.34
CA LYS D 452 -11.39 20.01 -22.12
C LYS D 452 -11.41 21.34 -21.40
N GLY D 453 -10.90 21.43 -20.18
CA GLY D 453 -10.83 22.66 -19.41
C GLY D 453 -11.98 22.83 -18.42
N ASP D 454 -12.72 21.75 -18.12
CA ASP D 454 -13.81 21.86 -17.13
C ASP D 454 -13.30 21.34 -15.77
N HIS D 455 -13.06 22.25 -14.84
CA HIS D 455 -12.64 21.86 -13.47
C HIS D 455 -13.79 22.10 -12.47
N THR D 456 -15.00 22.35 -12.98
CA THR D 456 -16.09 22.70 -12.05
C THR D 456 -16.55 21.45 -11.30
N THR D 457 -16.90 21.65 -10.05
CA THR D 457 -17.29 20.55 -9.12
C THR D 457 -18.46 20.89 -8.22
N PHE D 458 -18.83 22.17 -8.07
CA PHE D 458 -19.79 22.62 -7.03
C PHE D 458 -20.58 23.84 -7.52
N VAL D 459 -21.87 23.75 -7.31
CA VAL D 459 -22.85 24.85 -7.52
C VAL D 459 -23.38 25.22 -6.15
N LYS D 460 -23.06 26.40 -5.64
CA LYS D 460 -23.50 26.78 -4.30
C LYS D 460 -25.02 26.88 -4.28
N PRO D 461 -25.73 26.18 -3.37
CA PRO D 461 -27.18 26.31 -3.28
C PRO D 461 -27.67 27.59 -2.61
N ASN D 462 -28.87 27.97 -3.03
CA ASN D 462 -29.68 28.92 -2.25
C ASN D 462 -30.92 28.19 -1.78
N ILE D 463 -31.30 28.45 -0.55
CA ILE D 463 -32.48 27.80 0.06
C ILE D 463 -33.48 28.89 0.51
N PRO D 464 -34.60 29.05 -0.21
CA PRO D 464 -35.59 30.08 0.17
C PRO D 464 -36.01 29.92 1.63
N ALA D 465 -36.13 31.03 2.34
CA ALA D 465 -36.46 31.05 3.78
C ALA D 465 -37.97 30.86 4.00
N THR D 466 -38.78 30.93 2.97
CA THR D 466 -40.23 30.63 3.00
C THR D 466 -40.57 29.62 1.90
N GLY D 467 -41.77 29.07 1.95
CA GLY D 467 -42.18 28.10 0.94
C GLY D 467 -41.91 26.69 1.46
N GLU D 468 -42.60 25.74 0.87
CA GLU D 468 -42.43 24.30 1.18
C GLU D 468 -42.03 23.60 -0.09
N PHE D 469 -40.94 22.87 -0.07
CA PHE D 469 -40.25 22.28 -1.24
C PHE D 469 -40.09 20.82 -0.91
N LYS D 470 -40.43 19.95 -1.82
CA LYS D 470 -40.29 18.50 -1.63
C LYS D 470 -39.28 17.95 -2.63
N GLY D 471 -38.37 17.13 -2.15
CA GLY D 471 -37.36 16.50 -3.01
C GLY D 471 -37.25 15.04 -2.70
N VAL D 472 -36.81 14.26 -3.70
CA VAL D 472 -36.55 12.83 -3.51
C VAL D 472 -35.25 12.47 -4.23
N GLY D 473 -34.40 11.75 -3.53
CA GLY D 473 -33.13 11.28 -4.08
C GLY D 473 -33.17 9.77 -4.23
N PHE D 474 -33.13 9.27 -5.45
CA PHE D 474 -33.07 7.81 -5.75
C PHE D 474 -31.64 7.38 -5.97
N LEU D 475 -31.36 6.13 -5.60
CA LEU D 475 -30.00 5.57 -5.79
C LEU D 475 -30.15 4.08 -5.88
N GLU D 476 -29.47 3.44 -6.82
CA GLU D 476 -29.47 1.97 -6.90
C GLU D 476 -28.29 1.47 -6.06
N ALA D 477 -28.56 1.14 -4.81
CA ALA D 477 -27.57 0.75 -3.79
C ALA D 477 -27.23 -0.72 -3.97
N PRO D 478 -26.19 -1.20 -3.26
CA PRO D 478 -25.83 -2.61 -3.37
C PRO D 478 -26.99 -3.56 -3.04
N LYS D 479 -27.86 -3.15 -2.12
CA LYS D 479 -29.01 -3.98 -1.71
C LYS D 479 -30.27 -3.63 -2.51
N GLY D 480 -30.24 -2.60 -3.35
CA GLY D 480 -31.36 -2.24 -4.22
C GLY D 480 -31.74 -0.79 -4.13
N MET D 481 -32.90 -0.48 -4.66
CA MET D 481 -33.38 0.90 -4.80
C MET D 481 -33.49 1.53 -3.41
N LEU D 482 -32.86 2.68 -3.26
CA LEU D 482 -32.87 3.53 -2.08
C LEU D 482 -33.53 4.84 -2.44
N SER D 483 -34.33 5.39 -1.54
CA SER D 483 -34.87 6.75 -1.71
C SER D 483 -34.86 7.48 -0.37
N HIS D 484 -34.41 8.72 -0.41
CA HIS D 484 -34.49 9.69 0.68
C HIS D 484 -35.45 10.80 0.25
N TRP D 485 -36.40 11.11 1.12
CA TRP D 485 -37.52 12.04 0.85
C TRP D 485 -37.41 13.21 1.83
N MET D 486 -37.12 14.38 1.32
CA MET D 486 -36.89 15.59 2.14
C MET D 486 -38.02 16.58 1.87
N VAL D 487 -38.63 17.09 2.93
CA VAL D 487 -39.51 18.27 2.82
C VAL D 487 -38.80 19.40 3.52
N ILE D 488 -38.71 20.51 2.80
CA ILE D 488 -38.11 21.77 3.32
C ILE D 488 -39.25 22.75 3.57
N LYS D 489 -39.31 23.34 4.74
CA LYS D 489 -40.32 24.38 5.05
C LYS D 489 -39.61 25.45 5.86
N ASP D 490 -39.75 26.71 5.43
CA ASP D 490 -39.15 27.85 6.15
C ASP D 490 -37.65 27.62 6.34
N GLY D 491 -37.03 27.03 5.31
CA GLY D 491 -35.58 26.90 5.23
C GLY D 491 -35.00 25.69 5.96
N ILE D 492 -35.80 24.87 6.64
CA ILE D 492 -35.24 23.74 7.43
C ILE D 492 -35.99 22.48 7.03
N ILE D 493 -35.44 21.34 7.40
CA ILE D 493 -36.08 20.04 7.10
C ILE D 493 -37.31 19.91 7.99
N SER D 494 -38.49 19.88 7.39
CA SER D 494 -39.72 19.66 8.16
C SER D 494 -40.14 18.19 8.16
N ASN D 495 -39.67 17.40 7.20
CA ASN D 495 -39.87 15.94 7.19
C ASN D 495 -38.71 15.31 6.47
N TYR D 496 -38.30 14.18 6.97
CA TYR D 496 -37.25 13.37 6.34
C TYR D 496 -37.66 11.92 6.47
N GLN D 497 -37.77 11.20 5.37
CA GLN D 497 -38.13 9.79 5.37
C GLN D 497 -37.20 9.04 4.43
N ALA D 498 -36.57 7.99 4.94
CA ALA D 498 -35.73 7.10 4.14
C ALA D 498 -36.54 5.83 3.89
N VAL D 499 -36.60 5.39 2.66
CA VAL D 499 -37.21 4.09 2.29
C VAL D 499 -36.06 3.28 1.69
N VAL D 500 -35.59 2.28 2.43
CA VAL D 500 -34.26 1.70 2.15
C VAL D 500 -34.45 0.32 1.55
N PRO D 501 -33.54 -0.21 0.71
CA PRO D 501 -33.83 -1.46 0.00
C PRO D 501 -34.13 -2.62 0.97
N SER D 502 -33.41 -2.76 2.09
CA SER D 502 -33.73 -3.82 3.06
C SER D 502 -35.09 -3.54 3.70
N THR D 503 -35.61 -2.32 3.72
CA THR D 503 -37.00 -2.08 4.18
C THR D 503 -37.93 -2.86 3.25
N TRP D 504 -37.83 -2.67 1.94
CA TRP D 504 -38.67 -3.39 0.97
C TRP D 504 -38.59 -4.88 1.23
N ASN D 505 -37.40 -5.44 1.36
CA ASN D 505 -37.26 -6.90 1.36
C ASN D 505 -37.60 -7.51 2.74
N SER D 506 -37.22 -6.85 3.81
CA SER D 506 -37.28 -7.41 5.18
C SER D 506 -38.57 -6.99 5.88
N GLY D 507 -39.32 -6.06 5.31
CA GLY D 507 -40.48 -5.49 6.01
C GLY D 507 -41.52 -6.58 6.30
N PRO D 508 -42.26 -6.39 7.42
CA PRO D 508 -43.21 -7.38 7.90
C PRO D 508 -44.47 -7.35 7.02
N ARG D 509 -45.42 -8.19 7.40
CA ARG D 509 -46.73 -8.22 6.74
C ARG D 509 -47.28 -6.78 6.67
N ASN D 510 -47.95 -6.45 5.58
CA ASN D 510 -48.30 -5.06 5.26
C ASN D 510 -49.73 -4.74 5.66
N PHE D 511 -50.26 -3.61 5.21
CA PHE D 511 -51.59 -3.16 5.65
C PHE D 511 -52.63 -4.22 5.29
N ASN D 512 -52.45 -4.95 4.21
CA ASN D 512 -53.38 -6.00 3.71
C ASN D 512 -52.97 -7.39 4.14
N ASP D 513 -52.02 -7.46 5.06
CA ASP D 513 -51.38 -8.64 5.67
C ASP D 513 -50.63 -9.45 4.60
N ASP D 514 -50.27 -8.82 3.48
CA ASP D 514 -49.48 -9.44 2.39
C ASP D 514 -48.05 -9.59 2.91
N VAL D 515 -47.43 -10.59 2.38
CA VAL D 515 -46.14 -11.06 2.90
C VAL D 515 -45.04 -10.43 2.02
N GLY D 516 -44.05 -9.87 2.71
CA GLY D 516 -42.81 -9.31 2.14
C GLY D 516 -41.83 -10.38 1.64
N PRO D 517 -40.81 -9.97 0.84
CA PRO D 517 -39.90 -10.92 0.22
C PRO D 517 -39.21 -11.91 1.17
N TYR D 518 -38.61 -11.49 2.28
CA TYR D 518 -37.94 -12.43 3.18
C TYR D 518 -38.95 -13.50 3.62
N GLU D 519 -40.09 -13.05 4.08
CA GLU D 519 -41.07 -14.00 4.69
C GLU D 519 -41.63 -14.94 3.64
N GLN D 520 -41.91 -14.44 2.44
CA GLN D 520 -42.39 -15.24 1.31
C GLN D 520 -41.33 -16.25 0.90
N SER D 521 -40.05 -15.82 0.83
CA SER D 521 -38.96 -16.64 0.25
C SER D 521 -38.78 -17.92 1.07
N LEU D 522 -39.14 -17.88 2.34
CA LEU D 522 -38.86 -18.99 3.27
C LEU D 522 -39.93 -20.08 3.14
N VAL D 523 -41.12 -19.77 2.65
CA VAL D 523 -42.20 -20.80 2.58
C VAL D 523 -41.66 -21.94 1.72
N GLY D 524 -41.76 -23.18 2.23
CA GLY D 524 -41.29 -24.33 1.46
C GLY D 524 -39.85 -24.67 1.69
N THR D 525 -39.13 -23.93 2.54
CA THR D 525 -37.70 -24.26 2.79
C THR D 525 -37.60 -25.61 3.52
N PRO D 526 -36.88 -26.62 2.99
CA PRO D 526 -36.62 -27.82 3.78
C PRO D 526 -35.69 -27.52 4.95
N VAL D 527 -35.97 -28.02 6.15
CA VAL D 527 -35.12 -27.85 7.37
C VAL D 527 -34.83 -29.23 7.95
N ALA D 528 -33.63 -29.75 7.72
CA ALA D 528 -33.25 -31.12 8.13
C ALA D 528 -33.23 -31.22 9.66
N ASP D 529 -32.84 -30.15 10.35
CA ASP D 529 -32.55 -30.08 11.80
C ASP D 529 -33.09 -28.74 12.27
N PRO D 530 -34.31 -28.70 12.83
CA PRO D 530 -34.89 -27.45 13.31
C PRO D 530 -34.05 -26.74 14.39
N ASN D 531 -33.15 -27.41 15.09
CA ASN D 531 -32.29 -26.71 16.06
C ASN D 531 -31.13 -25.98 15.35
N LYS D 532 -30.81 -26.42 14.14
CA LYS D 532 -29.69 -25.80 13.36
C LYS D 532 -30.18 -25.49 11.94
N PRO D 533 -31.06 -24.46 11.82
CA PRO D 533 -31.80 -24.19 10.58
C PRO D 533 -30.93 -23.47 9.54
N LEU D 534 -29.85 -24.09 9.13
CA LEU D 534 -28.91 -23.55 8.09
C LEU D 534 -29.67 -23.17 6.82
N GLU D 535 -30.64 -23.96 6.40
CA GLU D 535 -31.35 -23.75 5.12
C GLU D 535 -32.06 -22.39 5.14
N VAL D 536 -32.61 -22.01 6.27
CA VAL D 536 -33.34 -20.73 6.40
C VAL D 536 -32.32 -19.60 6.25
N VAL D 537 -31.22 -19.71 6.96
CA VAL D 537 -30.18 -18.65 6.90
C VAL D 537 -29.58 -18.57 5.49
N ARG D 538 -29.45 -19.65 4.76
CA ARG D 538 -29.00 -19.62 3.36
C ARG D 538 -29.88 -18.71 2.51
N THR D 539 -31.22 -18.85 2.59
CA THR D 539 -32.11 -18.02 1.78
C THR D 539 -32.06 -16.57 2.30
N ILE D 540 -32.14 -16.37 3.60
CA ILE D 540 -32.16 -14.99 4.13
C ILE D 540 -30.86 -14.27 3.71
N HIS D 541 -29.70 -14.90 3.85
CA HIS D 541 -28.43 -14.23 3.44
C HIS D 541 -28.46 -13.84 1.98
N SER D 542 -29.16 -14.55 1.11
CA SER D 542 -29.15 -14.26 -0.35
C SER D 542 -29.63 -12.82 -0.59
N PHE D 543 -30.48 -12.31 0.30
CA PHE D 543 -30.99 -10.91 0.21
C PHE D 543 -29.99 -9.88 0.72
N ASP D 544 -28.91 -10.31 1.37
CA ASP D 544 -27.89 -9.38 1.94
C ASP D 544 -28.55 -8.44 2.93
N PRO D 545 -29.17 -8.97 4.01
CA PRO D 545 -29.88 -8.09 4.93
C PRO D 545 -28.98 -7.02 5.52
N CYS D 546 -29.56 -5.84 5.67
CA CYS D 546 -28.94 -4.73 6.40
C CYS D 546 -30.01 -4.08 7.23
N MET D 547 -29.97 -4.35 8.53
CA MET D 547 -31.08 -3.92 9.38
C MET D 547 -30.90 -2.53 9.96
N ALA D 548 -29.67 -2.00 10.07
CA ALA D 548 -29.48 -0.56 10.30
C ALA D 548 -30.14 0.22 9.14
N CYS D 549 -29.90 -0.26 7.94
CA CYS D 549 -30.60 0.26 6.73
C CYS D 549 -32.12 0.06 6.83
N ALA D 550 -32.56 -1.16 7.10
CA ALA D 550 -34.01 -1.42 7.03
C ALA D 550 -34.78 -0.52 7.97
N VAL D 551 -34.25 -0.27 9.17
CA VAL D 551 -35.00 0.37 10.28
C VAL D 551 -34.60 1.82 10.46
N HIS D 552 -33.29 2.12 10.44
CA HIS D 552 -32.78 3.50 10.65
C HIS D 552 -33.41 4.15 11.88
FE1 SF4 E . 8.64 23.78 11.61
FE2 SF4 E . 10.10 22.98 9.42
FE3 SF4 E . 8.32 25.07 9.21
FE4 SF4 E . 7.39 22.54 9.54
S1 SF4 E . 8.61 23.39 7.74
S2 SF4 E . 6.65 24.37 10.67
S3 SF4 E . 8.94 21.65 10.96
S4 SF4 E . 10.24 24.98 10.44
FE1 F3S F . 14.60 17.20 0.58
FE3 F3S F . 11.96 17.24 1.06
FE4 F3S F . 13.58 18.70 2.60
S1 F3S F . 13.24 15.48 0.47
S2 F3S F . 15.64 17.63 2.55
S3 F3S F . 13.20 19.01 0.35
S4 F3S F . 11.93 17.41 3.26
FE1 SF4 G . 21.78 11.20 -6.69
FE2 SF4 G . 21.91 13.70 -7.66
FE3 SF4 G . 20.47 13.20 -5.51
FE4 SF4 G . 19.55 12.18 -7.89
S1 SF4 G . 19.72 14.34 -7.35
S2 SF4 G . 19.64 11.15 -5.85
S3 SF4 G . 21.66 11.85 -8.93
S4 SF4 G . 22.74 12.92 -5.71
FE FCO H . 28.22 0.74 -2.46
C1 FCO H . 29.61 -0.16 -3.23
N1 FCO H . 30.48 -0.71 -3.80
C2 FCO H . 27.56 -0.84 -1.74
N2 FCO H . 27.18 -1.80 -1.19
C3 FCO H . 29.02 0.98 -0.89
O3 FCO H . 29.57 1.09 0.12
NI NI I . 26.81 1.80 -4.41
MG MG J . 38.27 7.08 -1.76
MG MG K . 34.25 4.46 19.79
O1 OXY L . 25.23 -0.58 -5.27
O2 OXY L . 25.95 0.24 -4.75
FE1 SF4 M . -7.61 25.31 8.69
FE2 SF4 M . -9.14 23.24 9.68
FE3 SF4 M . -7.31 24.52 11.29
FE4 SF4 M . -6.45 22.93 9.27
S1 SF4 M . -7.66 22.30 11.16
S2 SF4 M . -5.66 24.97 9.75
S3 SF4 M . -8.02 23.36 7.64
S4 SF4 M . -9.22 25.39 10.37
FE1 F3S N . -13.95 13.06 11.94
FE3 F3S N . -11.31 13.35 11.60
FE4 F3S N . -12.85 15.51 11.57
S1 F3S N . -12.63 11.74 10.78
S2 F3S N . -14.95 14.80 10.87
S3 F3S N . -12.49 14.15 13.36
S4 F3S N . -11.25 15.02 10.15
FE1 SF4 O . -20.01 6.14 13.54
FE2 SF4 O . -21.41 3.94 13.00
FE3 SF4 O . -21.47 5.06 15.42
FE4 SF4 O . -19.17 3.72 14.50
S1 SF4 O . -21.30 2.82 15.01
S2 SF4 O . -19.26 5.67 15.62
S3 SF4 O . -19.26 4.41 12.33
S4 SF4 O . -22.29 5.90 13.51
FE FCO P . -28.15 -0.27 2.70
C1 FCO P . -29.59 -1.45 2.69
N1 FCO P . -30.50 -2.20 2.66
C2 FCO P . -27.52 -0.93 1.09
N2 FCO P . -27.16 -1.24 0.02
C3 FCO P . -28.92 1.00 1.79
O3 FCO P . -29.43 1.81 1.15
NI NI Q . -26.74 -0.95 4.82
MG MG R . -37.95 5.12 6.80
MG MG S . -21.06 29.40 -8.23
CL CL T . -7.45 21.50 -13.99
O1 OXY U . -25.98 -2.23 4.02
O2 OXY U . -25.25 -3.21 3.78
#